data_6T6N
#
_entry.id   6T6N
#
_cell.length_a   161.109
_cell.length_b   255.316
_cell.length_c   262.312
_cell.angle_alpha   90.000
_cell.angle_beta   90.000
_cell.angle_gamma   90.000
#
_symmetry.space_group_name_H-M   'F 2 2 2'
#
loop_
_entity.id
_entity.type
_entity.pdbx_description
1 polymer '3-oxoacyl-[acyl-carrier protein] reductase'
2 non-polymer GLYCEROL
3 non-polymer '1,4-DIHYDRONICOTINAMIDE ADENINE DINUCLEOTIDE'
4 non-polymer D-MALATE
5 water water
#
_entity_poly.entity_id   1
_entity_poly.type   'polypeptide(L)'
_entity_poly.pdbx_seq_one_letter_code
;SMALASKTAIVTGAARGIGFGIAQVLAREGARVIIADRDAHGEAAAASLRESGAQALFISCNIAEKTQVEALFSQAEEAF
GPVDILVNNAGINRDAMLHKLTEADWDTVIDVNLKGTFLCMQQAAIRMRERGAGRIINIASASWLGNVGQTNYSASKAGV
VGMTKTACRELAKKGVTVNAICPGFIDTDMTRGVPENVWQIMISKIPAGYAGEAKDVGECVAFLASDGARYINGEVINVG
GGMVL
;
_entity_poly.pdbx_strand_id   A,B,C,D,E,F,G,H
#
loop_
_chem_comp.id
_chem_comp.type
_chem_comp.name
_chem_comp.formula
GOL non-polymer GLYCEROL 'C3 H8 O3'
MLT non-polymer D-MALATE 'C4 H6 O5'
NAI non-polymer '1,4-DIHYDRONICOTINAMIDE ADENINE DINUCLEOTIDE' 'C21 H29 N7 O14 P2'
#
# COMPACT_ATOMS: atom_id res chain seq x y z
N MET A 2 -27.60 -21.49 40.85
CA MET A 2 -26.92 -20.23 41.32
C MET A 2 -25.60 -19.95 40.59
N ALA A 3 -25.71 -19.66 39.30
CA ALA A 3 -24.54 -19.52 38.42
C ALA A 3 -23.60 -18.33 38.70
N LEU A 4 -24.07 -17.31 39.40
CA LEU A 4 -23.29 -16.09 39.62
C LEU A 4 -23.05 -15.80 41.09
N ALA A 5 -23.08 -16.85 41.92
CA ALA A 5 -22.82 -16.72 43.35
C ALA A 5 -21.45 -16.11 43.60
N SER A 6 -21.37 -15.21 44.58
CA SER A 6 -20.12 -14.51 44.91
C SER A 6 -19.58 -13.62 43.77
N LYS A 7 -20.46 -13.14 42.90
CA LYS A 7 -20.06 -12.17 41.87
C LYS A 7 -20.75 -10.85 42.08
N THR A 8 -20.04 -9.78 41.73
CA THR A 8 -20.53 -8.43 41.87
C THR A 8 -20.77 -7.84 40.49
N ALA A 9 -21.97 -7.31 40.29
CA ALA A 9 -22.38 -6.76 39.00
C ALA A 9 -22.87 -5.34 39.14
N ILE A 10 -22.41 -4.47 38.24
CA ILE A 10 -23.01 -3.16 38.05
C ILE A 10 -23.92 -3.24 36.84
N VAL A 11 -25.16 -2.79 36.99
CA VAL A 11 -26.10 -2.67 35.88
C VAL A 11 -26.49 -1.20 35.79
N THR A 12 -26.09 -0.53 34.71
CA THR A 12 -26.48 0.86 34.54
C THR A 12 -27.90 0.92 34.02
N GLY A 13 -28.62 1.96 34.41
CA GLY A 13 -30.00 2.17 33.97
C GLY A 13 -30.98 1.17 34.55
N ALA A 14 -30.65 0.65 35.73
CA ALA A 14 -31.40 -0.46 36.33
C ALA A 14 -32.54 -0.05 37.28
N ALA A 15 -32.87 1.25 37.32
CA ALA A 15 -34.04 1.71 38.09
C ALA A 15 -35.35 1.17 37.57
N ARG A 16 -35.45 0.96 36.26
CA ARG A 16 -36.67 0.44 35.64
C ARG A 16 -36.37 -0.28 34.31
N GLY A 17 -37.42 -0.83 33.71
CA GLY A 17 -37.36 -1.39 32.37
C GLY A 17 -36.41 -2.58 32.24
N ILE A 18 -35.70 -2.62 31.12
CA ILE A 18 -34.80 -3.74 30.81
C ILE A 18 -33.72 -3.86 31.87
N GLY A 19 -33.12 -2.74 32.24
CA GLY A 19 -32.10 -2.75 33.27
C GLY A 19 -32.54 -3.39 34.57
N PHE A 20 -33.76 -3.07 35.00
CA PHE A 20 -34.28 -3.64 36.23
C PHE A 20 -34.50 -5.15 36.09
N GLY A 21 -35.07 -5.58 34.97
CA GLY A 21 -35.19 -7.02 34.65
C GLY A 21 -33.86 -7.76 34.65
N ILE A 22 -32.83 -7.16 34.08
CA ILE A 22 -31.48 -7.72 34.09
C ILE A 22 -31.02 -7.90 35.52
N ALA A 23 -31.17 -6.84 36.33
CA ALA A 23 -30.77 -6.87 37.74
C ALA A 23 -31.47 -7.97 38.53
N GLN A 24 -32.75 -8.21 38.23
CA GLN A 24 -33.52 -9.27 38.89
C GLN A 24 -32.95 -10.64 38.62
N VAL A 25 -32.66 -10.91 37.35
CA VAL A 25 -32.11 -12.19 36.92
C VAL A 25 -30.72 -12.41 37.50
N LEU A 26 -29.87 -11.38 37.47
CA LEU A 26 -28.54 -11.51 38.04
C LEU A 26 -28.63 -11.81 39.54
N ALA A 27 -29.54 -11.11 40.21
CA ALA A 27 -29.79 -11.34 41.64
C ALA A 27 -30.33 -12.74 41.91
N ARG A 28 -31.26 -13.21 41.08
CA ARG A 28 -31.75 -14.58 41.18
C ARG A 28 -30.64 -15.62 41.08
N GLU A 29 -29.64 -15.36 40.24
CA GLU A 29 -28.50 -16.25 40.08
C GLU A 29 -27.37 -16.00 41.09
N GLY A 30 -27.62 -15.12 42.07
CA GLY A 30 -26.75 -14.98 43.25
C GLY A 30 -25.79 -13.82 43.26
N ALA A 31 -25.88 -12.94 42.27
CA ALA A 31 -24.97 -11.82 42.18
C ALA A 31 -25.37 -10.73 43.18
N ARG A 32 -24.35 -10.02 43.66
CA ARG A 32 -24.55 -8.78 44.38
C ARG A 32 -24.65 -7.71 43.31
N VAL A 33 -25.70 -6.88 43.37
CA VAL A 33 -26.04 -5.98 42.26
C VAL A 33 -25.99 -4.53 42.67
N ILE A 34 -25.19 -3.75 41.96
CA ILE A 34 -25.22 -2.30 42.06
C ILE A 34 -26.22 -1.78 41.02
N ILE A 35 -27.30 -1.14 41.47
CA ILE A 35 -28.22 -0.43 40.59
C ILE A 35 -27.61 0.95 40.36
N ALA A 36 -27.06 1.19 39.18
CA ALA A 36 -26.49 2.49 38.85
C ALA A 36 -27.47 3.21 37.94
N ASP A 37 -27.91 4.39 38.34
CA ASP A 37 -28.92 5.14 37.58
C ASP A 37 -28.86 6.61 37.93
N ARG A 38 -29.30 7.46 37.02
CA ARG A 38 -29.36 8.90 37.28
C ARG A 38 -30.59 9.28 38.12
N ASP A 39 -31.61 8.42 38.10
CA ASP A 39 -32.88 8.66 38.77
C ASP A 39 -32.95 8.00 40.15
N ALA A 40 -33.48 8.73 41.12
CA ALA A 40 -33.54 8.26 42.52
C ALA A 40 -34.51 7.10 42.78
N HIS A 41 -35.40 6.80 41.82
CA HIS A 41 -36.20 5.57 41.88
C HIS A 41 -35.31 4.30 41.91
N GLY A 42 -34.04 4.45 41.51
CA GLY A 42 -33.03 3.40 41.69
C GLY A 42 -32.92 2.85 43.10
N GLU A 43 -33.17 3.69 44.10
CA GLU A 43 -33.22 3.22 45.51
C GLU A 43 -34.35 2.23 45.75
N ALA A 44 -35.51 2.49 45.15
CA ALA A 44 -36.66 1.58 45.26
C ALA A 44 -36.40 0.24 44.56
N ALA A 45 -35.75 0.30 43.40
CA ALA A 45 -35.35 -0.91 42.67
C ALA A 45 -34.39 -1.77 43.48
N ALA A 46 -33.38 -1.14 44.08
CA ALA A 46 -32.44 -1.83 44.96
C ALA A 46 -33.13 -2.44 46.17
N ALA A 47 -34.04 -1.66 46.77
CA ALA A 47 -34.83 -2.11 47.91
C ALA A 47 -35.66 -3.34 47.54
N SER A 48 -36.27 -3.31 46.35
CA SER A 48 -37.07 -4.45 45.86
C SER A 48 -36.23 -5.75 45.75
N LEU A 49 -34.99 -5.62 45.30
CA LEU A 49 -34.07 -6.76 45.24
C LEU A 49 -33.71 -7.25 46.64
N ARG A 50 -33.47 -6.31 47.56
CA ARG A 50 -33.16 -6.66 48.96
C ARG A 50 -34.34 -7.39 49.62
N GLU A 51 -35.56 -6.90 49.40
CA GLU A 51 -36.79 -7.56 49.90
C GLU A 51 -36.98 -8.99 49.37
N SER A 52 -36.44 -9.29 48.20
CA SER A 52 -36.47 -10.66 47.66
C SER A 52 -35.33 -11.57 48.17
N GLY A 53 -34.43 -11.04 48.99
CA GLY A 53 -33.35 -11.82 49.61
C GLY A 53 -31.97 -11.61 49.03
N ALA A 54 -31.84 -10.74 48.02
CA ALA A 54 -30.55 -10.45 47.40
C ALA A 54 -29.81 -9.31 48.10
N GLN A 55 -28.52 -9.23 47.82
CA GLN A 55 -27.71 -8.08 48.24
C GLN A 55 -27.70 -7.09 47.10
N ALA A 56 -28.06 -5.84 47.37
CA ALA A 56 -28.16 -4.80 46.34
C ALA A 56 -28.01 -3.40 46.91
N LEU A 57 -27.51 -2.49 46.08
CA LEU A 57 -27.19 -1.14 46.48
C LEU A 57 -27.44 -0.19 45.30
N PHE A 58 -28.13 0.91 45.56
CA PHE A 58 -28.31 1.96 44.58
C PHE A 58 -27.15 2.94 44.70
N ILE A 59 -26.55 3.30 43.56
CA ILE A 59 -25.61 4.40 43.49
C ILE A 59 -26.06 5.36 42.39
N SER A 60 -26.27 6.61 42.78
CA SER A 60 -26.66 7.65 41.85
C SER A 60 -25.48 7.94 40.93
N CYS A 61 -25.75 7.99 39.63
CA CYS A 61 -24.72 8.17 38.63
C CYS A 61 -25.30 8.60 37.28
N ASN A 62 -24.74 9.65 36.72
CA ASN A 62 -24.97 10.01 35.33
C ASN A 62 -23.75 9.50 34.55
N ILE A 63 -23.97 8.48 33.72
CA ILE A 63 -22.85 7.81 33.02
C ILE A 63 -22.10 8.70 32.03
N ALA A 64 -22.73 9.80 31.60
CA ALA A 64 -22.08 10.78 30.73
C ALA A 64 -20.97 11.62 31.39
N GLU A 65 -20.88 11.56 32.73
CA GLU A 65 -19.87 12.32 33.50
C GLU A 65 -18.78 11.40 34.01
N LYS A 66 -17.57 11.55 33.49
CA LYS A 66 -16.46 10.69 33.89
C LYS A 66 -16.26 10.62 35.42
N THR A 67 -16.27 11.78 36.09
CA THR A 67 -16.03 11.83 37.54
C THR A 67 -17.08 11.04 38.34
N GLN A 68 -18.35 11.09 37.91
CA GLN A 68 -19.40 10.27 38.54
C GLN A 68 -19.23 8.78 38.28
N VAL A 69 -18.74 8.42 37.09
CA VAL A 69 -18.48 7.02 36.75
C VAL A 69 -17.30 6.48 37.55
N GLU A 70 -16.24 7.28 37.69
CA GLU A 70 -15.11 6.91 38.56
C GLU A 70 -15.59 6.69 39.99
N ALA A 71 -16.48 7.56 40.47
CA ALA A 71 -17.04 7.44 41.81
C ALA A 71 -17.92 6.20 41.95
N LEU A 72 -18.73 5.91 40.93
CA LEU A 72 -19.57 4.70 40.89
C LEU A 72 -18.74 3.41 41.11
N PHE A 73 -17.64 3.29 40.38
CA PHE A 73 -16.79 2.11 40.49
C PHE A 73 -16.04 2.03 41.83
N SER A 74 -15.53 3.16 42.32
CA SER A 74 -14.90 3.23 43.66
C SER A 74 -15.84 2.73 44.74
N GLN A 75 -17.02 3.37 44.83
CA GLN A 75 -18.02 3.02 45.84
C GLN A 75 -18.50 1.58 45.73
N ALA A 76 -18.79 1.16 44.49
CA ALA A 76 -19.24 -0.21 44.23
C ALA A 76 -18.28 -1.23 44.82
N GLU A 77 -16.98 -1.01 44.59
CA GLU A 77 -15.94 -1.93 45.06
C GLU A 77 -15.70 -1.86 46.56
N GLU A 78 -15.81 -0.67 47.15
CA GLU A 78 -15.78 -0.53 48.62
C GLU A 78 -16.90 -1.32 49.28
N ALA A 79 -18.10 -1.28 48.68
CA ALA A 79 -19.27 -1.96 49.23
C ALA A 79 -19.28 -3.48 49.00
N PHE A 80 -19.13 -3.90 47.74
CA PHE A 80 -19.29 -5.32 47.36
C PHE A 80 -18.04 -5.98 46.82
N GLY A 81 -16.88 -5.33 46.89
CA GLY A 81 -15.65 -5.93 46.37
C GLY A 81 -15.53 -5.85 44.85
N PRO A 82 -14.50 -6.48 44.27
CA PRO A 82 -14.18 -6.30 42.84
C PRO A 82 -15.41 -6.50 41.93
N VAL A 83 -15.57 -5.60 40.95
CA VAL A 83 -16.65 -5.72 39.96
C VAL A 83 -16.31 -6.77 38.92
N ASP A 84 -17.05 -7.88 38.94
CA ASP A 84 -16.86 -8.98 38.00
C ASP A 84 -17.63 -8.76 36.69
N ILE A 85 -18.77 -8.07 36.77
CA ILE A 85 -19.71 -7.94 35.66
C ILE A 85 -20.16 -6.50 35.52
N LEU A 86 -20.01 -5.93 34.32
CA LEU A 86 -20.61 -4.62 34.00
C LEU A 86 -21.63 -4.80 32.89
N VAL A 87 -22.85 -4.32 33.12
CA VAL A 87 -23.90 -4.32 32.10
C VAL A 87 -24.22 -2.87 31.79
N ASN A 88 -23.88 -2.44 30.58
CA ASN A 88 -24.14 -1.08 30.13
C ASN A 88 -25.48 -1.06 29.44
N ASN A 89 -26.51 -0.80 30.23
CA ASN A 89 -27.89 -0.77 29.75
C ASN A 89 -28.47 0.65 29.61
N ALA A 90 -27.98 1.60 30.40
CA ALA A 90 -28.52 2.96 30.36
C ALA A 90 -28.52 3.52 28.96
N GLY A 91 -29.65 4.12 28.58
CA GLY A 91 -29.74 4.82 27.30
C GLY A 91 -31.02 5.61 27.14
N ILE A 92 -31.03 6.50 26.16
CA ILE A 92 -32.17 7.36 25.90
C ILE A 92 -32.45 7.46 24.40
N ASN A 93 -33.67 7.89 24.08
CA ASN A 93 -34.06 8.26 22.71
C ASN A 93 -34.41 9.73 22.65
N ARG A 94 -33.97 10.40 21.59
CA ARG A 94 -34.48 11.73 21.22
C ARG A 94 -34.67 11.70 19.71
N ASP A 95 -35.71 11.00 19.29
CA ASP A 95 -35.91 10.70 17.88
C ASP A 95 -36.31 11.94 17.08
N ALA A 96 -35.92 11.93 15.81
CA ALA A 96 -36.26 12.94 14.83
C ALA A 96 -35.71 12.48 13.50
N MET A 97 -36.38 12.88 12.43
CA MET A 97 -35.91 12.67 11.08
C MET A 97 -34.57 13.37 10.86
N LEU A 98 -33.77 12.85 9.94
CA LEU A 98 -32.40 13.34 9.70
C LEU A 98 -32.34 14.84 9.41
N HIS A 99 -33.26 15.27 8.55
CA HIS A 99 -33.38 16.67 8.16
C HIS A 99 -33.89 17.62 9.26
N LYS A 100 -34.47 17.10 10.34
CA LYS A 100 -35.01 17.91 11.44
C LYS A 100 -34.25 17.84 12.78
N LEU A 101 -33.35 16.88 12.93
CA LEU A 101 -32.75 16.60 14.22
C LEU A 101 -31.94 17.79 14.72
N THR A 102 -32.25 18.25 15.93
CA THR A 102 -31.55 19.39 16.50
C THR A 102 -30.19 18.96 17.00
N GLU A 103 -29.29 19.92 17.05
CA GLU A 103 -27.95 19.67 17.56
C GLU A 103 -27.97 19.19 19.02
N ALA A 104 -28.89 19.74 19.82
CA ALA A 104 -28.99 19.34 21.23
C ALA A 104 -29.43 17.90 21.38
N ASP A 105 -30.41 17.50 20.58
CA ASP A 105 -30.92 16.12 20.62
C ASP A 105 -29.90 15.11 20.07
N TRP A 106 -29.10 15.51 19.08
CA TRP A 106 -27.96 14.71 18.65
C TRP A 106 -26.99 14.57 19.82
N ASP A 107 -26.53 15.70 20.32
CA ASP A 107 -25.49 15.73 21.37
C ASP A 107 -25.84 14.84 22.55
N THR A 108 -27.05 15.00 23.08
CA THR A 108 -27.46 14.30 24.31
C THR A 108 -27.49 12.78 24.14
N VAL A 109 -28.04 12.30 23.03
CA VAL A 109 -28.09 10.85 22.78
C VAL A 109 -26.69 10.22 22.62
N ILE A 110 -25.82 10.89 21.87
CA ILE A 110 -24.43 10.42 21.75
C ILE A 110 -23.74 10.44 23.10
N ASP A 111 -23.95 11.51 23.86
CA ASP A 111 -23.29 11.72 25.15
C ASP A 111 -23.64 10.60 26.15
N VAL A 112 -24.90 10.21 26.20
CA VAL A 112 -25.34 9.15 27.13
C VAL A 112 -25.04 7.76 26.57
N ASN A 113 -25.58 7.47 25.39
CA ASN A 113 -25.57 6.10 24.85
C ASN A 113 -24.18 5.64 24.44
N LEU A 114 -23.43 6.54 23.83
CA LEU A 114 -22.14 6.18 23.26
C LEU A 114 -21.01 6.53 24.23
N LYS A 115 -20.85 7.80 24.54
CA LYS A 115 -19.77 8.24 25.44
C LYS A 115 -19.94 7.66 26.82
N GLY A 116 -21.16 7.66 27.35
CA GLY A 116 -21.41 7.09 28.67
C GLY A 116 -21.02 5.63 28.76
N THR A 117 -21.38 4.88 27.73
CA THR A 117 -21.03 3.47 27.64
C THR A 117 -19.51 3.31 27.59
N PHE A 118 -18.84 4.15 26.81
CA PHE A 118 -17.36 4.16 26.76
C PHE A 118 -16.73 4.39 28.15
N LEU A 119 -17.21 5.41 28.85
CA LEU A 119 -16.66 5.75 30.17
C LEU A 119 -16.74 4.59 31.15
N CYS A 120 -17.89 3.91 31.15
CA CYS A 120 -18.07 2.75 32.02
C CYS A 120 -17.19 1.56 31.60
N MET A 121 -17.18 1.27 30.29
CA MET A 121 -16.31 0.23 29.74
C MET A 121 -14.85 0.46 30.14
N GLN A 122 -14.42 1.72 30.07
CA GLN A 122 -13.05 2.11 30.41
C GLN A 122 -12.72 1.79 31.87
N GLN A 123 -13.61 2.18 32.78
CA GLN A 123 -13.43 1.89 34.20
C GLN A 123 -13.38 0.40 34.47
N ALA A 124 -14.24 -0.36 33.81
CA ALA A 124 -14.23 -1.82 33.95
C ALA A 124 -12.93 -2.40 33.43
N ALA A 125 -12.49 -1.89 32.28
CA ALA A 125 -11.30 -2.40 31.60
C ALA A 125 -10.03 -2.17 32.41
N ILE A 126 -9.89 -0.98 32.98
CA ILE A 126 -8.75 -0.64 33.84
C ILE A 126 -8.57 -1.68 34.95
N ARG A 127 -9.68 -2.07 35.56
CA ARG A 127 -9.69 -3.03 36.66
C ARG A 127 -9.58 -4.47 36.19
N MET A 128 -10.44 -4.83 35.24
CA MET A 128 -10.52 -6.22 34.79
C MET A 128 -9.24 -6.73 34.13
N ARG A 129 -8.55 -5.88 33.38
CA ARG A 129 -7.30 -6.32 32.73
C ARG A 129 -6.18 -6.67 33.74
N GLU A 130 -6.16 -6.01 34.89
CA GLU A 130 -5.23 -6.35 35.99
C GLU A 130 -5.62 -7.63 36.73
N ARG A 131 -6.92 -7.84 36.96
CA ARG A 131 -7.41 -9.05 37.66
C ARG A 131 -7.35 -10.32 36.82
N GLY A 132 -7.29 -10.20 35.50
CA GLY A 132 -7.31 -11.37 34.62
C GLY A 132 -8.66 -12.09 34.54
N ALA A 133 -9.75 -11.36 34.80
CA ALA A 133 -11.12 -11.89 34.68
C ALA A 133 -12.11 -10.74 34.54
N GLY A 134 -13.26 -11.03 33.95
CA GLY A 134 -14.32 -10.05 33.85
C GLY A 134 -15.35 -10.28 32.75
N ARG A 135 -16.47 -9.58 32.88
CA ARG A 135 -17.54 -9.61 31.91
C ARG A 135 -18.05 -8.20 31.67
N ILE A 136 -18.09 -7.80 30.40
CA ILE A 136 -18.75 -6.56 29.99
C ILE A 136 -19.81 -6.94 28.99
N ILE A 137 -21.03 -6.48 29.24
CA ILE A 137 -22.17 -6.78 28.38
C ILE A 137 -22.89 -5.47 28.07
N ASN A 138 -22.92 -5.11 26.79
CA ASN A 138 -23.49 -3.85 26.36
C ASN A 138 -24.85 -4.11 25.74
N ILE A 139 -25.83 -3.28 26.11
CA ILE A 139 -27.15 -3.37 25.53
C ILE A 139 -27.15 -2.37 24.38
N ALA A 140 -27.22 -2.90 23.17
CA ALA A 140 -27.28 -2.08 21.98
C ALA A 140 -28.76 -1.95 21.61
N SER A 141 -29.11 -2.26 20.35
CA SER A 141 -30.49 -2.18 19.87
C SER A 141 -30.53 -2.74 18.47
N ALA A 142 -31.67 -3.28 18.10
CA ALA A 142 -31.94 -3.65 16.71
C ALA A 142 -31.80 -2.48 15.73
N SER A 143 -31.91 -1.26 16.25
CA SER A 143 -31.73 -0.05 15.45
C SER A 143 -30.31 0.23 14.98
N TRP A 144 -29.32 -0.58 15.39
CA TRP A 144 -27.92 -0.33 15.00
C TRP A 144 -27.68 -0.47 13.51
N LEU A 145 -28.51 -1.24 12.82
CA LEU A 145 -28.46 -1.34 11.37
C LEU A 145 -29.54 -0.49 10.69
N GLY A 146 -29.96 0.57 11.37
CA GLY A 146 -30.85 1.55 10.78
C GLY A 146 -32.28 1.45 11.27
N ASN A 147 -32.88 2.63 11.43
CA ASN A 147 -34.28 2.75 11.73
C ASN A 147 -34.74 4.16 11.46
N VAL A 148 -35.91 4.29 10.85
CA VAL A 148 -36.52 5.57 10.56
C VAL A 148 -36.60 6.43 11.83
N GLY A 149 -36.20 7.68 11.73
CA GLY A 149 -36.30 8.64 12.83
C GLY A 149 -35.22 8.54 13.89
N GLN A 150 -34.18 7.75 13.63
CA GLN A 150 -33.21 7.43 14.65
C GLN A 150 -31.76 7.59 14.19
N THR A 151 -31.48 8.69 13.47
CA THR A 151 -30.12 8.99 13.10
C THR A 151 -29.19 8.99 14.31
N ASN A 152 -29.57 9.71 15.36
CA ASN A 152 -28.74 9.78 16.56
C ASN A 152 -28.68 8.45 17.34
N TYR A 153 -29.82 7.81 17.50
CA TYR A 153 -29.90 6.57 18.27
C TYR A 153 -29.15 5.42 17.56
N SER A 154 -29.38 5.26 16.26
CA SER A 154 -28.70 4.23 15.49
C SER A 154 -27.19 4.45 15.47
N ALA A 155 -26.78 5.70 15.31
CA ALA A 155 -25.35 6.05 15.39
C ALA A 155 -24.78 5.58 16.71
N SER A 156 -25.48 5.90 17.79
CA SER A 156 -24.98 5.63 19.13
C SER A 156 -24.88 4.14 19.40
N LYS A 157 -25.89 3.38 18.95
CA LYS A 157 -25.93 1.95 19.23
C LYS A 157 -25.01 1.13 18.32
N ALA A 158 -24.87 1.52 17.06
CA ALA A 158 -23.84 0.93 16.19
C ALA A 158 -22.45 1.20 16.76
N GLY A 159 -22.26 2.42 17.24
CA GLY A 159 -21.03 2.79 17.95
C GLY A 159 -20.73 1.85 19.10
N VAL A 160 -21.76 1.53 19.88
CA VAL A 160 -21.59 0.59 20.97
C VAL A 160 -21.13 -0.78 20.45
N VAL A 161 -21.66 -1.23 19.32
CA VAL A 161 -21.24 -2.50 18.75
C VAL A 161 -19.76 -2.45 18.35
N GLY A 162 -19.34 -1.37 17.71
CA GLY A 162 -17.94 -1.18 17.34
C GLY A 162 -16.99 -1.25 18.54
N MET A 163 -17.32 -0.55 19.61
CA MET A 163 -16.51 -0.56 20.84
C MET A 163 -16.46 -1.93 21.47
N THR A 164 -17.60 -2.62 21.45
CA THR A 164 -17.71 -3.99 21.96
C THR A 164 -16.69 -4.88 21.28
N LYS A 165 -16.62 -4.81 19.97
CA LYS A 165 -15.72 -5.66 19.20
C LYS A 165 -14.26 -5.26 19.39
N THR A 166 -14.01 -3.96 19.46
CA THR A 166 -12.68 -3.46 19.78
C THR A 166 -12.21 -3.97 21.15
N ALA A 167 -13.06 -3.84 22.15
CA ALA A 167 -12.71 -4.24 23.51
C ALA A 167 -12.48 -5.74 23.61
N CYS A 168 -13.24 -6.54 22.87
CA CYS A 168 -12.99 -7.97 22.80
C CYS A 168 -11.56 -8.24 22.35
N ARG A 169 -11.11 -7.56 21.30
CA ARG A 169 -9.76 -7.76 20.79
C ARG A 169 -8.66 -7.36 21.77
N GLU A 170 -8.88 -6.28 22.52
CA GLU A 170 -7.93 -5.80 23.52
C GLU A 170 -7.89 -6.61 24.82
N LEU A 171 -9.01 -7.19 25.21
CA LEU A 171 -9.16 -7.77 26.53
C LEU A 171 -9.33 -9.28 26.59
N ALA A 172 -9.54 -9.93 25.45
CA ALA A 172 -9.84 -11.36 25.46
C ALA A 172 -8.72 -12.19 26.08
N LYS A 173 -7.47 -11.85 25.74
CA LYS A 173 -6.29 -12.55 26.24
C LYS A 173 -6.10 -12.37 27.76
N LYS A 174 -6.69 -11.32 28.33
CA LYS A 174 -6.73 -11.10 29.77
C LYS A 174 -7.88 -11.84 30.49
N GLY A 175 -8.56 -12.78 29.82
CA GLY A 175 -9.67 -13.55 30.43
C GLY A 175 -11.00 -12.81 30.58
N VAL A 176 -11.16 -11.72 29.84
CA VAL A 176 -12.36 -10.88 29.88
C VAL A 176 -13.15 -11.11 28.59
N THR A 177 -14.47 -11.20 28.71
CA THR A 177 -15.33 -11.17 27.52
C THR A 177 -16.11 -9.88 27.46
N VAL A 178 -16.30 -9.40 26.23
CA VAL A 178 -17.07 -8.20 25.95
C VAL A 178 -18.04 -8.56 24.83
N ASN A 179 -19.32 -8.49 25.13
CA ASN A 179 -20.37 -8.84 24.17
C ASN A 179 -21.48 -7.82 24.20
N ALA A 180 -22.29 -7.83 23.15
CA ALA A 180 -23.43 -6.95 23.00
C ALA A 180 -24.72 -7.72 22.80
N ILE A 181 -25.79 -7.26 23.43
CA ILE A 181 -27.12 -7.77 23.20
C ILE A 181 -27.92 -6.68 22.51
N CYS A 182 -28.62 -7.04 21.42
CA CYS A 182 -29.58 -6.15 20.75
C CYS A 182 -31.01 -6.61 21.02
N PRO A 183 -31.68 -5.98 22.00
CA PRO A 183 -33.09 -6.31 22.18
C PRO A 183 -33.88 -5.88 20.96
N GLY A 184 -34.90 -6.65 20.61
CA GLY A 184 -35.78 -6.29 19.50
C GLY A 184 -36.86 -5.35 19.96
N PHE A 185 -38.08 -5.86 20.13
CA PHE A 185 -39.22 -5.08 20.62
CA PHE A 185 -39.21 -5.10 20.65
C PHE A 185 -39.57 -5.68 22.02
N ILE A 186 -39.26 -4.93 23.08
CA ILE A 186 -39.45 -5.37 24.44
C ILE A 186 -40.52 -4.52 25.14
N ASP A 187 -41.38 -5.19 25.88
CA ASP A 187 -42.42 -4.59 26.67
C ASP A 187 -41.85 -3.86 27.91
N THR A 188 -41.82 -2.53 27.84
CA THR A 188 -41.39 -1.65 28.94
C THR A 188 -42.30 -0.41 28.98
N ASP A 189 -42.03 0.52 29.88
CA ASP A 189 -42.75 1.80 29.95
C ASP A 189 -42.67 2.61 28.63
N MET A 190 -41.48 2.63 27.99
CA MET A 190 -41.29 3.34 26.72
C MET A 190 -42.13 2.79 25.56
N THR A 191 -42.22 1.47 25.46
CA THR A 191 -42.99 0.82 24.39
C THR A 191 -44.49 0.70 24.68
N ARG A 192 -44.86 0.69 25.97
CA ARG A 192 -46.27 0.61 26.37
C ARG A 192 -47.08 1.85 26.02
N GLY A 193 -46.52 3.05 26.25
CA GLY A 193 -47.15 4.31 25.81
C GLY A 193 -47.15 4.59 24.31
N VAL A 194 -47.90 3.76 23.58
CA VAL A 194 -48.08 3.90 22.13
C VAL A 194 -49.51 3.45 21.82
N PRO A 195 -50.19 4.04 20.80
CA PRO A 195 -51.57 3.58 20.53
C PRO A 195 -51.64 2.07 20.27
N GLU A 196 -52.68 1.42 20.82
CA GLU A 196 -52.78 -0.02 20.78
CA GLU A 196 -52.78 -0.03 20.78
C GLU A 196 -52.81 -0.60 19.35
N ASN A 197 -53.38 0.14 18.42
CA ASN A 197 -53.38 -0.22 16.97
C ASN A 197 -51.93 -0.36 16.42
N VAL A 198 -51.04 0.53 16.86
CA VAL A 198 -49.64 0.52 16.48
C VAL A 198 -48.88 -0.68 17.05
N TRP A 199 -49.04 -0.87 18.35
CA TRP A 199 -48.49 -2.04 19.04
C TRP A 199 -48.78 -3.31 18.22
N GLN A 200 -50.04 -3.54 17.81
CA GLN A 200 -50.39 -4.77 17.06
CA GLN A 200 -50.40 -4.76 17.06
C GLN A 200 -49.65 -4.91 15.74
N ILE A 201 -49.34 -3.78 15.10
CA ILE A 201 -48.58 -3.78 13.84
C ILE A 201 -47.14 -4.22 14.12
N MET A 202 -46.54 -3.68 15.16
CA MET A 202 -45.20 -4.10 15.59
C MET A 202 -45.15 -5.60 15.96
N ILE A 203 -46.13 -6.08 16.72
CA ILE A 203 -46.24 -7.52 17.04
C ILE A 203 -46.29 -8.40 15.78
N SER A 204 -47.01 -7.97 14.76
CA SER A 204 -47.17 -8.77 13.54
C SER A 204 -45.85 -8.85 12.72
N LYS A 205 -44.94 -7.92 12.97
CA LYS A 205 -43.57 -7.97 12.43
C LYS A 205 -42.59 -8.91 13.17
N ILE A 206 -42.99 -9.46 14.33
CA ILE A 206 -42.15 -10.33 15.15
C ILE A 206 -42.52 -11.77 14.87
N PRO A 207 -41.66 -12.54 14.18
CA PRO A 207 -42.05 -13.93 13.89
C PRO A 207 -42.55 -14.74 15.10
N ALA A 208 -41.96 -14.55 16.28
CA ALA A 208 -42.42 -15.25 17.49
C ALA A 208 -43.86 -14.91 17.91
N GLY A 209 -44.38 -13.77 17.46
CA GLY A 209 -45.79 -13.40 17.68
C GLY A 209 -46.13 -12.68 19.00
N TYR A 210 -45.11 -12.29 19.76
CA TYR A 210 -45.30 -11.52 20.99
C TYR A 210 -44.07 -10.63 21.25
N ALA A 211 -44.29 -9.59 22.05
CA ALA A 211 -43.21 -8.73 22.52
C ALA A 211 -42.46 -9.41 23.63
N GLY A 212 -41.15 -9.24 23.66
CA GLY A 212 -40.32 -9.77 24.73
C GLY A 212 -40.50 -9.02 26.01
N GLU A 213 -40.04 -9.60 27.11
CA GLU A 213 -40.07 -8.99 28.42
C GLU A 213 -38.65 -8.67 28.83
N ALA A 214 -38.51 -7.81 29.82
CA ALA A 214 -37.20 -7.45 30.35
C ALA A 214 -36.39 -8.68 30.75
N LYS A 215 -37.05 -9.68 31.33
CA LYS A 215 -36.37 -10.90 31.78
CA LYS A 215 -36.37 -10.90 31.78
C LYS A 215 -35.76 -11.74 30.63
N ASP A 216 -36.29 -11.63 29.42
CA ASP A 216 -35.70 -12.32 28.27
C ASP A 216 -34.31 -11.78 27.97
N VAL A 217 -34.14 -10.47 28.06
CA VAL A 217 -32.82 -9.84 27.94
C VAL A 217 -31.95 -10.25 29.12
N GLY A 218 -32.53 -10.25 30.31
CA GLY A 218 -31.84 -10.66 31.55
C GLY A 218 -31.26 -12.06 31.50
N GLU A 219 -31.99 -13.01 30.93
CA GLU A 219 -31.54 -14.39 30.83
C GLU A 219 -30.31 -14.51 29.95
N CYS A 220 -30.29 -13.78 28.85
CA CYS A 220 -29.14 -13.75 27.97
C CYS A 220 -27.92 -13.08 28.62
N VAL A 221 -28.14 -12.00 29.37
CA VAL A 221 -27.06 -11.37 30.14
C VAL A 221 -26.48 -12.34 31.15
N ALA A 222 -27.35 -13.04 31.87
CA ALA A 222 -26.91 -13.98 32.91
C ALA A 222 -26.05 -15.10 32.34
N PHE A 223 -26.46 -15.62 31.18
CA PHE A 223 -25.68 -16.61 30.48
C PHE A 223 -24.29 -16.07 30.06
N LEU A 224 -24.24 -14.91 29.42
CA LEU A 224 -22.98 -14.33 29.01
C LEU A 224 -22.06 -14.01 30.19
N ALA A 225 -22.67 -13.69 31.33
CA ALA A 225 -21.92 -13.39 32.54
C ALA A 225 -21.33 -14.61 33.24
N SER A 226 -21.85 -15.80 32.94
CA SER A 226 -21.40 -17.04 33.57
C SER A 226 -20.06 -17.54 33.02
N ASP A 227 -19.47 -18.49 33.71
CA ASP A 227 -18.22 -19.15 33.29
C ASP A 227 -18.41 -19.98 32.00
N GLY A 228 -19.62 -20.52 31.82
CA GLY A 228 -19.96 -21.25 30.59
C GLY A 228 -19.93 -20.48 29.27
N ALA A 229 -19.89 -19.16 29.34
CA ALA A 229 -19.78 -18.29 28.17
C ALA A 229 -18.42 -17.65 28.03
N ARG A 230 -17.40 -18.26 28.65
CA ARG A 230 -16.03 -17.74 28.59
C ARG A 230 -15.46 -17.67 27.18
N TYR A 231 -15.97 -18.51 26.29
CA TYR A 231 -15.47 -18.57 24.91
C TYR A 231 -16.34 -17.80 23.91
N ILE A 232 -17.33 -17.05 24.41
CA ILE A 232 -18.14 -16.16 23.57
C ILE A 232 -17.63 -14.74 23.82
N ASN A 233 -17.16 -14.09 22.75
CA ASN A 233 -16.48 -12.83 22.87
C ASN A 233 -16.65 -12.01 21.59
N GLY A 234 -17.01 -10.74 21.75
CA GLY A 234 -17.23 -9.85 20.62
C GLY A 234 -18.50 -10.11 19.82
N GLU A 235 -19.46 -10.80 20.42
CA GLU A 235 -20.72 -11.17 19.75
C GLU A 235 -21.77 -10.12 19.89
N VAL A 236 -22.67 -10.10 18.90
CA VAL A 236 -23.87 -9.31 18.93
C VAL A 236 -25.02 -10.31 18.89
N ILE A 237 -25.69 -10.49 20.02
CA ILE A 237 -26.80 -11.43 20.10
C ILE A 237 -28.14 -10.68 20.10
N ASN A 238 -28.99 -10.94 19.11
CA ASN A 238 -30.33 -10.38 19.08
C ASN A 238 -31.27 -11.16 19.97
N VAL A 239 -32.01 -10.42 20.80
CA VAL A 239 -33.07 -10.97 21.65
C VAL A 239 -34.35 -10.26 21.22
N GLY A 240 -34.91 -10.74 20.12
CA GLY A 240 -36.04 -10.10 19.46
C GLY A 240 -37.03 -11.02 18.78
N GLY A 241 -37.11 -12.27 19.21
CA GLY A 241 -38.03 -13.24 18.62
C GLY A 241 -37.97 -13.42 17.12
N GLY A 242 -36.78 -13.23 16.54
CA GLY A 242 -36.55 -13.35 15.08
C GLY A 242 -36.82 -12.10 14.28
N MET A 243 -37.09 -11.00 14.97
CA MET A 243 -37.53 -9.78 14.31
C MET A 243 -36.35 -9.10 13.62
N VAL A 244 -36.49 -8.87 12.32
CA VAL A 244 -35.52 -8.12 11.53
C VAL A 244 -36.11 -6.74 11.30
N LEU A 245 -35.57 -5.75 12.02
CA LEU A 245 -36.03 -4.38 11.93
C LEU A 245 -35.78 -3.77 10.55
N MET B 2 -18.20 9.66 -19.56
CA MET B 2 -18.53 10.86 -18.71
C MET B 2 -19.84 10.68 -17.92
N ALA B 3 -19.82 9.75 -16.97
CA ALA B 3 -21.01 9.34 -16.22
C ALA B 3 -21.65 10.42 -15.29
N LEU B 4 -20.88 11.43 -14.90
CA LEU B 4 -21.36 12.42 -13.93
C LEU B 4 -21.36 13.84 -14.48
N ALA B 5 -21.46 13.95 -15.81
CA ALA B 5 -21.53 15.26 -16.48
C ALA B 5 -22.71 16.07 -15.94
N SER B 6 -22.48 17.38 -15.75
CA SER B 6 -23.50 18.28 -15.20
C SER B 6 -23.94 17.93 -13.77
N LYS B 7 -23.07 17.28 -12.99
CA LYS B 7 -23.37 17.03 -11.58
C LYS B 7 -22.37 17.76 -10.69
N THR B 8 -22.86 18.20 -9.54
CA THR B 8 -22.07 18.92 -8.57
C THR B 8 -21.87 18.03 -7.35
N ALA B 9 -20.61 17.88 -6.94
CA ALA B 9 -20.25 17.03 -5.82
C ALA B 9 -19.46 17.80 -4.78
N ILE B 10 -19.81 17.62 -3.51
CA ILE B 10 -18.96 18.02 -2.40
C ILE B 10 -18.23 16.77 -1.92
N VAL B 11 -16.91 16.87 -1.78
CA VAL B 11 -16.09 15.83 -1.16
C VAL B 11 -15.41 16.44 0.05
N THR B 12 -15.79 16.01 1.25
CA THR B 12 -15.12 16.50 2.43
C THR B 12 -13.79 15.81 2.61
N GLY B 13 -12.81 16.51 3.17
CA GLY B 13 -11.48 15.97 3.41
C GLY B 13 -10.70 15.70 2.14
N ALA B 14 -10.99 16.48 1.10
CA ALA B 14 -10.44 16.23 -0.24
C ALA B 14 -9.15 16.99 -0.58
N ALA B 15 -8.53 17.62 0.42
CA ALA B 15 -7.22 18.26 0.24
C ALA B 15 -6.12 17.26 -0.08
N ARG B 16 -6.21 16.05 0.46
CA ARG B 16 -5.21 15.00 0.25
C ARG B 16 -5.82 13.62 0.43
N GLY B 17 -4.99 12.60 0.18
CA GLY B 17 -5.33 11.22 0.46
C GLY B 17 -6.53 10.69 -0.29
N ILE B 18 -7.36 9.90 0.38
CA ILE B 18 -8.48 9.23 -0.27
C ILE B 18 -9.44 10.28 -0.84
N GLY B 19 -9.75 11.30 -0.06
CA GLY B 19 -10.62 12.37 -0.50
C GLY B 19 -10.18 13.01 -1.81
N PHE B 20 -8.89 13.27 -1.93
CA PHE B 20 -8.36 13.86 -3.15
C PHE B 20 -8.50 12.90 -4.33
N GLY B 21 -8.17 11.63 -4.12
CA GLY B 21 -8.40 10.59 -5.15
C GLY B 21 -9.85 10.48 -5.61
N ILE B 22 -10.78 10.55 -4.66
CA ILE B 22 -12.21 10.55 -4.97
C ILE B 22 -12.53 11.73 -5.86
N ALA B 23 -12.06 12.92 -5.47
CA ALA B 23 -12.31 14.14 -6.23
C ALA B 23 -11.77 14.06 -7.66
N GLN B 24 -10.61 13.43 -7.83
CA GLN B 24 -10.02 13.25 -9.17
C GLN B 24 -10.91 12.41 -10.08
N VAL B 25 -11.37 11.29 -9.55
CA VAL B 25 -12.23 10.38 -10.31
C VAL B 25 -13.57 11.04 -10.64
N LEU B 26 -14.17 11.72 -9.68
CA LEU B 26 -15.43 12.41 -9.94
C LEU B 26 -15.23 13.46 -11.03
N ALA B 27 -14.13 14.20 -10.94
CA ALA B 27 -13.77 15.20 -11.95
C ALA B 27 -13.54 14.57 -13.32
N ARG B 28 -12.83 13.45 -13.36
CA ARG B 28 -12.64 12.69 -14.60
C ARG B 28 -13.96 12.30 -15.26
N GLU B 29 -14.96 11.95 -14.45
CA GLU B 29 -16.29 11.60 -14.97
C GLU B 29 -17.20 12.80 -15.16
N GLY B 30 -16.67 14.01 -15.02
CA GLY B 30 -17.35 15.25 -15.47
C GLY B 30 -18.03 16.09 -14.40
N ALA B 31 -17.86 15.71 -13.13
CA ALA B 31 -18.49 16.43 -12.06
C ALA B 31 -17.76 17.73 -11.78
N ARG B 32 -18.51 18.73 -11.35
CA ARG B 32 -17.97 19.93 -10.73
C ARG B 32 -17.76 19.59 -9.27
N VAL B 33 -16.57 19.85 -8.76
CA VAL B 33 -16.17 19.34 -7.45
C VAL B 33 -15.84 20.46 -6.46
N ILE B 34 -16.54 20.47 -5.33
CA ILE B 34 -16.18 21.30 -4.21
C ILE B 34 -15.21 20.49 -3.32
N ILE B 35 -13.98 20.98 -3.17
CA ILE B 35 -13.03 20.42 -2.20
C ILE B 35 -13.35 21.10 -0.87
N ALA B 36 -13.97 20.38 0.05
CA ALA B 36 -14.26 20.90 1.39
C ALA B 36 -13.26 20.32 2.35
N ASP B 37 -12.53 21.18 3.05
CA ASP B 37 -11.47 20.72 3.97
C ASP B 37 -11.17 21.79 5.00
N ARG B 38 -10.66 21.37 6.15
CA ARG B 38 -10.25 22.32 7.19
C ARG B 38 -8.87 22.95 6.89
N ASP B 39 -8.09 22.28 6.06
CA ASP B 39 -6.74 22.70 5.71
C ASP B 39 -6.68 23.48 4.39
N ALA B 40 -5.91 24.56 4.40
CA ALA B 40 -5.77 25.43 3.23
C ALA B 40 -5.04 24.81 2.03
N HIS B 41 -4.36 23.68 2.20
CA HIS B 41 -3.86 22.89 1.06
C HIS B 41 -5.00 22.46 0.11
N GLY B 42 -6.24 22.49 0.60
CA GLY B 42 -7.42 22.32 -0.24
C GLY B 42 -7.49 23.20 -1.46
N GLU B 43 -6.94 24.42 -1.36
CA GLU B 43 -6.85 25.32 -2.53
C GLU B 43 -5.93 24.75 -3.60
N ALA B 44 -4.82 24.15 -3.20
CA ALA B 44 -3.89 23.52 -4.14
C ALA B 44 -4.52 22.29 -4.84
N ALA B 45 -5.27 21.51 -4.08
CA ALA B 45 -6.00 20.36 -4.61
C ALA B 45 -7.03 20.79 -5.66
N ALA B 46 -7.80 21.83 -5.35
CA ALA B 46 -8.77 22.40 -6.29
C ALA B 46 -8.08 22.94 -7.54
N ALA B 47 -6.97 23.64 -7.34
CA ALA B 47 -6.18 24.17 -8.44
C ALA B 47 -5.67 23.05 -9.35
N SER B 48 -5.21 21.95 -8.74
CA SER B 48 -4.75 20.78 -9.50
C SER B 48 -5.85 20.19 -10.41
N LEU B 49 -7.08 20.15 -9.91
CA LEU B 49 -8.22 19.70 -10.71
C LEU B 49 -8.51 20.68 -11.84
N ARG B 50 -8.45 21.98 -11.55
CA ARG B 50 -8.66 23.01 -12.58
C ARG B 50 -7.61 22.93 -13.70
N GLU B 51 -6.34 22.74 -13.32
CA GLU B 51 -5.25 22.56 -14.28
C GLU B 51 -5.42 21.34 -15.19
N SER B 52 -6.14 20.32 -14.72
CA SER B 52 -6.45 19.15 -15.56
C SER B 52 -7.71 19.33 -16.45
N GLY B 53 -8.38 20.49 -16.36
CA GLY B 53 -9.53 20.80 -17.21
C GLY B 53 -10.89 20.73 -16.54
N ALA B 54 -10.92 20.37 -15.26
CA ALA B 54 -12.18 20.28 -14.52
C ALA B 54 -12.58 21.61 -13.88
N GLN B 55 -13.85 21.72 -13.49
CA GLN B 55 -14.31 22.82 -12.67
C GLN B 55 -14.23 22.37 -11.21
N ALA B 56 -13.58 23.18 -10.38
CA ALA B 56 -13.38 22.86 -8.97
C ALA B 56 -13.16 24.11 -8.12
N LEU B 57 -13.54 24.02 -6.85
CA LEU B 57 -13.52 25.14 -5.92
C LEU B 57 -13.21 24.60 -4.53
N PHE B 58 -12.27 25.25 -3.85
CA PHE B 58 -11.99 24.96 -2.45
C PHE B 58 -12.87 25.81 -1.57
N ILE B 59 -13.51 25.19 -0.57
CA ILE B 59 -14.19 25.91 0.49
C ILE B 59 -13.66 25.41 1.83
N SER B 60 -13.15 26.34 2.63
CA SER B 60 -12.63 26.04 3.94
C SER B 60 -13.81 25.68 4.83
N CYS B 61 -13.67 24.57 5.57
CA CYS B 61 -14.75 24.08 6.42
C CYS B 61 -14.25 23.06 7.43
N ASN B 62 -14.61 23.27 8.68
CA ASN B 62 -14.47 22.27 9.72
C ASN B 62 -15.86 21.63 9.88
N ILE B 63 -15.97 20.36 9.46
CA ILE B 63 -17.28 19.68 9.43
C ILE B 63 -17.92 19.49 10.82
N ALA B 64 -17.13 19.59 11.88
CA ALA B 64 -17.65 19.53 13.25
C ALA B 64 -18.47 20.75 13.69
N GLU B 65 -18.42 21.84 12.92
CA GLU B 65 -19.12 23.09 13.25
C GLU B 65 -20.32 23.28 12.32
N LYS B 66 -21.52 23.20 12.89
CA LYS B 66 -22.74 23.32 12.08
C LYS B 66 -22.76 24.57 11.20
N THR B 67 -22.42 25.73 11.77
CA THR B 67 -22.49 27.00 11.03
C THR B 67 -21.55 27.01 9.82
N GLN B 68 -20.36 26.42 9.96
CA GLN B 68 -19.44 26.27 8.81
C GLN B 68 -19.96 25.30 7.74
N VAL B 69 -20.66 24.25 8.17
CA VAL B 69 -21.25 23.28 7.25
C VAL B 69 -22.41 23.92 6.49
N GLU B 70 -23.26 24.69 7.19
CA GLU B 70 -24.33 25.46 6.54
C GLU B 70 -23.75 26.41 5.50
N ALA B 71 -22.64 27.07 5.84
CA ALA B 71 -21.96 27.99 4.93
C ALA B 71 -21.37 27.26 3.73
N LEU B 72 -20.77 26.09 3.97
CA LEU B 72 -20.23 25.23 2.89
C LEU B 72 -21.29 24.92 1.82
N PHE B 73 -22.47 24.51 2.25
CA PHE B 73 -23.54 24.14 1.32
C PHE B 73 -24.13 25.36 0.59
N SER B 74 -24.32 26.48 1.31
CA SER B 74 -24.77 27.74 0.70
C SER B 74 -23.84 28.17 -0.42
N GLN B 75 -22.55 28.32 -0.09
CA GLN B 75 -21.55 28.75 -1.07
C GLN B 75 -21.41 27.80 -2.23
N ALA B 76 -21.37 26.50 -1.94
CA ALA B 76 -21.26 25.47 -2.97
C ALA B 76 -22.35 25.62 -4.02
N GLU B 77 -23.58 25.83 -3.55
CA GLU B 77 -24.74 25.95 -4.44
C GLU B 77 -24.78 27.28 -5.20
N GLU B 78 -24.35 28.36 -4.56
CA GLU B 78 -24.18 29.65 -5.26
C GLU B 78 -23.18 29.53 -6.41
N ALA B 79 -22.09 28.81 -6.19
CA ALA B 79 -21.03 28.66 -7.20
C ALA B 79 -21.39 27.66 -8.32
N PHE B 80 -21.76 26.43 -7.94
CA PHE B 80 -21.97 25.34 -8.91
C PHE B 80 -23.40 24.81 -9.01
N GLY B 81 -24.36 25.46 -8.37
CA GLY B 81 -25.74 24.98 -8.43
C GLY B 81 -26.00 23.80 -7.50
N PRO B 82 -27.20 23.20 -7.59
CA PRO B 82 -27.62 22.18 -6.60
C PRO B 82 -26.59 21.07 -6.40
N VAL B 83 -26.36 20.70 -5.14
CA VAL B 83 -25.46 19.59 -4.80
C VAL B 83 -26.15 18.26 -5.04
N ASP B 84 -25.67 17.53 -6.05
CA ASP B 84 -26.18 16.22 -6.42
C ASP B 84 -25.54 15.09 -5.62
N ILE B 85 -24.28 15.27 -5.23
CA ILE B 85 -23.46 14.23 -4.63
C ILE B 85 -22.73 14.79 -3.40
N LEU B 86 -22.88 14.13 -2.25
CA LEU B 86 -22.06 14.42 -1.07
C LEU B 86 -21.23 13.19 -0.72
N VAL B 87 -19.93 13.38 -0.60
CA VAL B 87 -19.01 12.32 -0.14
C VAL B 87 -18.43 12.76 1.19
N ASN B 88 -18.82 12.07 2.25
CA ASN B 88 -18.31 12.36 3.58
C ASN B 88 -17.09 11.52 3.83
N ASN B 89 -15.93 12.07 3.48
CA ASN B 89 -14.64 11.41 3.60
C ASN B 89 -13.80 11.92 4.78
N ALA B 90 -13.98 13.17 5.18
CA ALA B 90 -13.15 13.74 6.25
C ALA B 90 -13.21 12.87 7.51
N GLY B 91 -12.06 12.61 8.09
CA GLY B 91 -11.97 11.90 9.35
C GLY B 91 -10.56 11.93 9.94
N ILE B 92 -10.46 11.62 11.22
CA ILE B 92 -9.20 11.62 11.95
C ILE B 92 -9.08 10.39 12.85
N ASN B 93 -7.83 10.10 13.24
CA ASN B 93 -7.53 9.09 14.26
C ASN B 93 -6.89 9.76 15.47
N ARG B 94 -7.28 9.33 16.66
CA ARG B 94 -6.55 9.62 17.89
C ARG B 94 -6.54 8.31 18.68
N ASP B 95 -5.73 7.38 18.22
CA ASP B 95 -5.74 6.02 18.74
C ASP B 95 -5.19 5.95 20.16
N ALA B 96 -5.69 4.96 20.90
CA ALA B 96 -5.24 4.61 22.23
C ALA B 96 -6.01 3.39 22.67
N MET B 97 -5.38 2.60 23.52
CA MET B 97 -6.02 1.43 24.12
C MET B 97 -7.18 1.91 25.02
N LEU B 98 -8.18 1.05 25.20
CA LEU B 98 -9.42 1.39 25.90
C LEU B 98 -9.18 1.95 27.31
N HIS B 99 -8.28 1.28 28.02
CA HIS B 99 -7.90 1.68 29.37
C HIS B 99 -7.09 2.99 29.48
N LYS B 100 -6.53 3.50 28.38
CA LYS B 100 -5.74 4.73 28.37
C LYS B 100 -6.36 5.94 27.67
N LEU B 101 -7.41 5.73 26.88
CA LEU B 101 -7.93 6.77 26.01
C LEU B 101 -8.42 7.97 26.80
N THR B 102 -7.89 9.14 26.46
CA THR B 102 -8.28 10.37 27.18
C THR B 102 -9.63 10.83 26.71
N GLU B 103 -10.30 11.57 27.56
CA GLU B 103 -11.60 12.13 27.24
C GLU B 103 -11.51 13.08 26.03
N ALA B 104 -10.43 13.84 25.93
CA ALA B 104 -10.25 14.78 24.81
C ALA B 104 -10.12 14.05 23.48
N ASP B 105 -9.33 12.97 23.49
CA ASP B 105 -9.12 12.18 22.28
C ASP B 105 -10.40 11.42 21.86
N TRP B 106 -11.18 10.98 22.83
CA TRP B 106 -12.51 10.43 22.55
C TRP B 106 -13.35 11.53 21.90
N ASP B 107 -13.51 12.64 22.61
CA ASP B 107 -14.40 13.74 22.16
C ASP B 107 -14.12 14.17 20.73
N THR B 108 -12.84 14.43 20.42
CA THR B 108 -12.46 14.99 19.13
C THR B 108 -12.77 14.03 17.96
N VAL B 109 -12.48 12.75 18.12
CA VAL B 109 -12.75 11.76 17.07
C VAL B 109 -14.26 11.59 16.81
N ILE B 110 -15.06 11.53 17.87
CA ILE B 110 -16.50 11.48 17.72
C ILE B 110 -17.02 12.74 17.05
N ASP B 111 -16.51 13.88 17.48
CA ASP B 111 -16.95 15.20 17.01
C ASP B 111 -16.75 15.35 15.49
N VAL B 112 -15.60 14.92 15.00
CA VAL B 112 -15.29 15.03 13.57
C VAL B 112 -15.94 13.89 12.76
N ASN B 113 -15.62 12.66 13.12
CA ASN B 113 -15.99 11.50 12.30
C ASN B 113 -17.48 11.21 12.31
N LEU B 114 -18.09 11.35 13.49
CA LEU B 114 -19.48 10.98 13.65
C LEU B 114 -20.39 12.19 13.52
N LYS B 115 -20.22 13.16 14.42
CA LYS B 115 -21.06 14.36 14.40
C LYS B 115 -20.87 15.16 13.12
N GLY B 116 -19.63 15.31 12.69
CA GLY B 116 -19.35 16.04 11.44
C GLY B 116 -20.03 15.43 10.24
N THR B 117 -19.96 14.10 10.17
CA THR B 117 -20.61 13.36 9.10
C THR B 117 -22.13 13.57 9.17
N PHE B 118 -22.70 13.53 10.37
CA PHE B 118 -24.13 13.81 10.58
C PHE B 118 -24.52 15.20 10.06
N LEU B 119 -23.75 16.22 10.43
CA LEU B 119 -24.06 17.59 10.05
C LEU B 119 -24.12 17.77 8.54
N CYS B 120 -23.16 17.18 7.85
CA CYS B 120 -23.13 17.23 6.39
C CYS B 120 -24.28 16.44 5.76
N MET B 121 -24.50 15.22 6.25
CA MET B 121 -25.64 14.41 5.80
C MET B 121 -26.97 15.16 5.94
N GLN B 122 -27.12 15.87 7.07
CA GLN B 122 -28.32 16.65 7.35
C GLN B 122 -28.54 17.75 6.32
N GLN B 123 -27.50 18.51 6.03
CA GLN B 123 -27.58 19.56 5.02
C GLN B 123 -27.91 19.00 3.64
N ALA B 124 -27.31 17.88 3.29
CA ALA B 124 -27.61 17.23 2.02
C ALA B 124 -29.07 16.77 1.98
N ALA B 125 -29.52 16.19 3.09
CA ALA B 125 -30.85 15.61 3.19
C ALA B 125 -31.95 16.66 3.07
N ILE B 126 -31.76 17.80 3.76
CA ILE B 126 -32.69 18.93 3.69
C ILE B 126 -32.97 19.31 2.24
N ARG B 127 -31.90 19.37 1.45
CA ARG B 127 -31.97 19.78 0.05
C ARG B 127 -32.44 18.65 -0.86
N MET B 128 -31.80 17.50 -0.74
CA MET B 128 -32.07 16.38 -1.63
C MET B 128 -33.51 15.84 -1.53
N ARG B 129 -34.08 15.83 -0.33
CA ARG B 129 -35.45 15.33 -0.19
C ARG B 129 -36.50 16.21 -0.90
N GLU B 130 -36.25 17.52 -1.00
CA GLU B 130 -37.10 18.44 -1.79
C GLU B 130 -36.90 18.28 -3.30
N ARG B 131 -35.66 18.08 -3.75
CA ARG B 131 -35.36 17.90 -5.19
C ARG B 131 -35.79 16.55 -5.77
N GLY B 132 -35.98 15.54 -4.90
CA GLY B 132 -36.31 14.21 -5.38
C GLY B 132 -35.17 13.47 -6.09
N ALA B 133 -33.93 13.83 -5.76
CA ALA B 133 -32.73 13.17 -6.30
C ALA B 133 -31.54 13.45 -5.41
N GLY B 134 -30.55 12.56 -5.45
CA GLY B 134 -29.33 12.75 -4.69
C GLY B 134 -28.51 11.51 -4.41
N ARG B 135 -27.25 11.75 -4.04
CA ARG B 135 -26.33 10.70 -3.65
C ARG B 135 -25.56 11.16 -2.41
N ILE B 136 -25.58 10.31 -1.38
CA ILE B 136 -24.74 10.49 -0.21
C ILE B 136 -23.88 9.23 -0.10
N ILE B 137 -22.58 9.43 0.00
CA ILE B 137 -21.63 8.33 0.11
C ILE B 137 -20.70 8.61 1.28
N ASN B 138 -20.75 7.75 2.28
CA ASN B 138 -19.97 7.93 3.50
C ASN B 138 -18.77 7.00 3.49
N ILE B 139 -17.61 7.54 3.84
CA ILE B 139 -16.41 6.75 3.96
C ILE B 139 -16.34 6.33 5.41
N ALA B 140 -16.51 5.04 5.64
CA ALA B 140 -16.44 4.51 6.98
C ALA B 140 -15.02 3.93 7.13
N SER B 141 -14.88 2.67 7.56
CA SER B 141 -13.60 2.01 7.72
C SER B 141 -13.84 0.56 8.04
N ALA B 142 -12.89 -0.29 7.66
CA ALA B 142 -12.87 -1.68 8.10
C ALA B 142 -12.85 -1.83 9.62
N SER B 143 -12.41 -0.79 10.33
CA SER B 143 -12.39 -0.79 11.78
C SER B 143 -13.78 -0.72 12.45
N TRP B 144 -14.86 -0.59 11.68
CA TRP B 144 -16.20 -0.49 12.27
C TRP B 144 -16.65 -1.74 13.02
N LEU B 145 -16.08 -2.89 12.66
CA LEU B 145 -16.30 -4.13 13.39
C LEU B 145 -15.13 -4.48 14.32
N GLY B 146 -14.43 -3.44 14.78
CA GLY B 146 -13.43 -3.60 15.80
C GLY B 146 -12.00 -3.54 15.30
N ASN B 147 -11.14 -2.90 16.11
CA ASN B 147 -9.72 -2.90 15.87
C ASN B 147 -8.99 -2.46 17.12
N VAL B 148 -7.90 -3.14 17.41
CA VAL B 148 -7.06 -2.83 18.56
C VAL B 148 -6.65 -1.35 18.54
N GLY B 149 -6.78 -0.68 19.68
CA GLY B 149 -6.36 0.71 19.81
C GLY B 149 -7.31 1.75 19.28
N GLN B 150 -8.52 1.32 18.91
CA GLN B 150 -9.44 2.19 18.19
C GLN B 150 -10.85 2.21 18.75
N THR B 151 -10.96 2.25 20.07
CA THR B 151 -12.26 2.38 20.70
C THR B 151 -13.03 3.59 20.13
N ASN B 152 -12.38 4.75 20.09
CA ASN B 152 -13.03 5.96 19.59
C ASN B 152 -13.30 5.91 18.07
N TYR B 153 -12.31 5.45 17.31
CA TYR B 153 -12.43 5.42 15.86
C TYR B 153 -13.48 4.40 15.40
N SER B 154 -13.43 3.19 15.97
CA SER B 154 -14.41 2.16 15.63
C SER B 154 -15.83 2.59 16.01
N ALA B 155 -15.97 3.20 17.16
CA ALA B 155 -17.27 3.75 17.57
C ALA B 155 -17.78 4.71 16.52
N SER B 156 -16.91 5.61 16.10
CA SER B 156 -17.30 6.67 15.19
C SER B 156 -17.69 6.13 13.82
N LYS B 157 -16.93 5.16 13.33
CA LYS B 157 -17.15 4.61 12.00
C LYS B 157 -18.33 3.64 11.93
N ALA B 158 -18.53 2.84 12.98
CA ALA B 158 -19.75 2.03 13.10
C ALA B 158 -20.98 2.95 13.15
N GLY B 159 -20.85 4.03 13.92
CA GLY B 159 -21.88 5.06 13.95
C GLY B 159 -22.23 5.56 12.57
N VAL B 160 -21.22 5.82 11.76
CA VAL B 160 -21.46 6.26 10.40
C VAL B 160 -22.25 5.22 9.61
N VAL B 161 -21.95 3.93 9.82
CA VAL B 161 -22.70 2.88 9.13
C VAL B 161 -24.17 2.89 9.57
N GLY B 162 -24.42 3.02 10.87
CA GLY B 162 -25.79 3.13 11.38
C GLY B 162 -26.60 4.26 10.75
N MET B 163 -25.99 5.45 10.69
CA MET B 163 -26.64 6.63 10.09
C MET B 163 -26.91 6.43 8.61
N THR B 164 -25.96 5.80 7.93
CA THR B 164 -26.08 5.48 6.52
C THR B 164 -27.35 4.68 6.27
N LYS B 165 -27.54 3.64 7.06
CA LYS B 165 -28.67 2.76 6.89
C LYS B 165 -30.00 3.43 7.29
N THR B 166 -29.95 4.22 8.35
CA THR B 166 -31.09 5.04 8.74
C THR B 166 -31.51 6.00 7.61
N ALA B 167 -30.53 6.71 7.06
CA ALA B 167 -30.80 7.69 6.01
C ALA B 167 -31.34 7.02 4.74
N CYS B 168 -30.85 5.83 4.42
CA CYS B 168 -31.41 5.06 3.31
C CYS B 168 -32.90 4.87 3.50
N ARG B 169 -33.30 4.45 4.69
CA ARG B 169 -34.73 4.23 4.98
C ARG B 169 -35.59 5.48 4.89
N GLU B 170 -35.07 6.62 5.32
CA GLU B 170 -35.78 7.90 5.27
C GLU B 170 -35.84 8.53 3.88
N LEU B 171 -34.82 8.31 3.06
CA LEU B 171 -34.65 9.06 1.81
C LEU B 171 -34.81 8.26 0.54
N ALA B 172 -34.89 6.93 0.62
CA ALA B 172 -34.88 6.11 -0.60
C ALA B 172 -36.07 6.41 -1.50
N LYS B 173 -37.25 6.58 -0.88
CA LYS B 173 -38.50 6.86 -1.62
C LYS B 173 -38.48 8.24 -2.28
N LYS B 174 -37.64 9.14 -1.80
CA LYS B 174 -37.39 10.44 -2.44
C LYS B 174 -36.35 10.40 -3.58
N GLY B 175 -35.96 9.21 -4.06
CA GLY B 175 -34.97 9.09 -5.16
C GLY B 175 -33.51 9.30 -4.79
N VAL B 176 -33.20 9.24 -3.50
CA VAL B 176 -31.86 9.45 -2.97
C VAL B 176 -31.28 8.12 -2.53
N THR B 177 -30.01 7.88 -2.82
CA THR B 177 -29.30 6.73 -2.24
C THR B 177 -28.27 7.20 -1.23
N VAL B 178 -28.13 6.42 -0.17
CA VAL B 178 -27.17 6.65 0.88
C VAL B 178 -26.43 5.33 1.10
N ASN B 179 -25.12 5.35 0.84
CA ASN B 179 -24.29 4.16 0.96
C ASN B 179 -23.00 4.48 1.67
N ALA B 180 -22.35 3.43 2.16
CA ALA B 180 -21.07 3.55 2.84
C ALA B 180 -20.01 2.71 2.15
N ILE B 181 -18.82 3.26 2.04
CA ILE B 181 -17.64 2.50 1.61
C ILE B 181 -16.73 2.35 2.83
N CYS B 182 -16.26 1.12 3.07
CA CYS B 182 -15.23 0.85 4.08
C CYS B 182 -13.91 0.54 3.39
N PRO B 183 -13.01 1.54 3.28
CA PRO B 183 -11.69 1.22 2.77
C PRO B 183 -10.99 0.27 3.71
N GLY B 184 -10.18 -0.64 3.16
CA GLY B 184 -9.37 -1.56 3.95
C GLY B 184 -8.10 -0.82 4.40
N PHE B 185 -6.99 -1.16 3.75
CA PHE B 185 -5.74 -0.47 3.97
C PHE B 185 -5.33 0.24 2.71
N ILE B 186 -5.40 1.57 2.72
CA ILE B 186 -5.09 2.40 1.53
C ILE B 186 -3.83 3.22 1.80
N ASP B 187 -2.98 3.28 0.80
CA ASP B 187 -1.74 4.05 0.84
C ASP B 187 -2.02 5.55 0.72
N THR B 188 -1.90 6.26 1.84
CA THR B 188 -2.05 7.73 1.93
C THR B 188 -1.00 8.29 2.90
N ASP B 189 -1.03 9.61 3.13
CA ASP B 189 -0.17 10.24 4.15
C ASP B 189 -0.36 9.66 5.57
N MET B 190 -1.61 9.38 5.96
CA MET B 190 -1.92 8.81 7.29
C MET B 190 -1.33 7.40 7.50
N THR B 191 -1.41 6.56 6.47
CA THR B 191 -0.88 5.19 6.55
C THR B 191 0.63 5.07 6.28
N ARG B 192 1.18 6.03 5.53
CA ARG B 192 2.64 6.06 5.23
C ARG B 192 3.48 6.38 6.48
N GLY B 193 3.06 7.37 7.25
CA GLY B 193 3.58 7.70 8.58
C GLY B 193 3.22 6.70 9.67
N VAL B 194 3.75 5.49 9.55
CA VAL B 194 3.54 4.41 10.49
C VAL B 194 4.83 3.57 10.48
N PRO B 195 5.22 2.95 11.61
CA PRO B 195 6.47 2.16 11.56
C PRO B 195 6.47 1.08 10.49
N GLU B 196 7.59 0.91 9.82
CA GLU B 196 7.67 0.03 8.64
C GLU B 196 7.32 -1.43 9.01
N ASN B 197 7.64 -1.86 10.25
CA ASN B 197 7.25 -3.19 10.74
C ASN B 197 5.72 -3.39 10.77
N VAL B 198 5.00 -2.33 11.12
CA VAL B 198 3.53 -2.33 11.13
C VAL B 198 2.92 -2.43 9.74
N TRP B 199 3.41 -1.57 8.84
CA TRP B 199 3.02 -1.61 7.44
C TRP B 199 3.05 -3.07 6.93
N GLN B 200 4.17 -3.79 7.14
CA GLN B 200 4.30 -5.16 6.65
C GLN B 200 3.26 -6.13 7.21
N ILE B 201 2.85 -5.89 8.47
CA ILE B 201 1.83 -6.72 9.11
C ILE B 201 0.48 -6.48 8.42
N MET B 202 0.14 -5.21 8.19
CA MET B 202 -1.09 -4.88 7.47
C MET B 202 -1.10 -5.48 6.05
N ILE B 203 0.00 -5.36 5.30
CA ILE B 203 0.10 -5.98 3.97
C ILE B 203 -0.16 -7.50 4.00
N SER B 204 0.38 -8.18 5.02
CA SER B 204 0.23 -9.64 5.08
C SER B 204 -1.21 -10.09 5.39
N LYS B 205 -2.01 -9.17 5.92
CA LYS B 205 -3.45 -9.38 6.11
C LYS B 205 -4.30 -9.19 4.84
N ILE B 206 -3.74 -8.64 3.75
CA ILE B 206 -4.51 -8.29 2.57
C ILE B 206 -4.33 -9.40 1.52
N PRO B 207 -5.38 -10.21 1.26
CA PRO B 207 -5.21 -11.27 0.27
C PRO B 207 -4.67 -10.79 -1.09
N ALA B 208 -5.07 -9.62 -1.56
CA ALA B 208 -4.54 -9.06 -2.80
C ALA B 208 -3.02 -8.81 -2.81
N GLY B 209 -2.42 -8.67 -1.64
CA GLY B 209 -0.95 -8.58 -1.50
C GLY B 209 -0.35 -7.20 -1.55
N TYR B 210 -1.16 -6.15 -1.67
CA TYR B 210 -0.68 -4.77 -1.73
C TYR B 210 -1.71 -3.82 -1.13
N ALA B 211 -1.25 -2.65 -0.72
CA ALA B 211 -2.10 -1.60 -0.23
C ALA B 211 -2.80 -0.92 -1.39
N GLY B 212 -4.05 -0.56 -1.20
CA GLY B 212 -4.86 0.04 -2.24
C GLY B 212 -4.46 1.49 -2.42
N GLU B 213 -4.97 2.09 -3.49
CA GLU B 213 -4.71 3.49 -3.78
C GLU B 213 -5.98 4.28 -3.60
N ALA B 214 -5.82 5.59 -3.48
CA ALA B 214 -6.96 6.49 -3.32
C ALA B 214 -7.97 6.31 -4.45
N LYS B 215 -7.48 6.09 -5.68
CA LYS B 215 -8.35 5.95 -6.84
CA LYS B 215 -8.35 5.95 -6.84
C LYS B 215 -9.23 4.70 -6.81
N ASP B 216 -8.83 3.65 -6.08
CA ASP B 216 -9.67 2.46 -5.94
C ASP B 216 -10.96 2.80 -5.18
N VAL B 217 -10.83 3.62 -4.14
CA VAL B 217 -12.00 4.10 -3.41
C VAL B 217 -12.80 5.05 -4.31
N GLY B 218 -12.11 5.90 -5.05
CA GLY B 218 -12.72 6.84 -6.00
C GLY B 218 -13.59 6.19 -7.05
N GLU B 219 -13.14 5.06 -7.59
CA GLU B 219 -13.89 4.34 -8.63
C GLU B 219 -15.22 3.83 -8.09
N CYS B 220 -15.19 3.31 -6.87
CA CYS B 220 -16.39 2.84 -6.21
C CYS B 220 -17.37 3.98 -5.88
N VAL B 221 -16.85 5.12 -5.43
CA VAL B 221 -17.67 6.31 -5.21
C VAL B 221 -18.33 6.75 -6.52
N ALA B 222 -17.56 6.80 -7.59
CA ALA B 222 -18.07 7.25 -8.90
C ALA B 222 -19.20 6.36 -9.41
N PHE B 223 -19.05 5.06 -9.23
CA PHE B 223 -20.10 4.12 -9.57
C PHE B 223 -21.37 4.35 -8.74
N LEU B 224 -21.24 4.44 -7.41
CA LEU B 224 -22.39 4.66 -6.56
C LEU B 224 -23.08 6.00 -6.84
N ALA B 225 -22.31 6.99 -7.28
CA ALA B 225 -22.82 8.30 -7.61
C ALA B 225 -23.59 8.35 -8.94
N SER B 226 -23.37 7.37 -9.81
CA SER B 226 -24.01 7.34 -11.13
C SER B 226 -25.47 6.87 -11.06
N ASP B 227 -26.18 7.07 -12.18
CA ASP B 227 -27.56 6.60 -12.32
C ASP B 227 -27.67 5.07 -12.34
N GLY B 228 -26.64 4.40 -12.81
CA GLY B 228 -26.57 2.92 -12.76
C GLY B 228 -26.59 2.25 -11.39
N ALA B 229 -26.34 3.02 -10.34
CA ALA B 229 -26.40 2.53 -8.97
C ALA B 229 -27.61 3.05 -8.20
N ARG B 230 -28.65 3.44 -8.93
CA ARG B 230 -29.88 3.96 -8.33
C ARG B 230 -30.58 2.97 -7.40
N TYR B 231 -30.36 1.67 -7.66
CA TYR B 231 -31.01 0.61 -6.88
C TYR B 231 -30.12 0.02 -5.79
N ILE B 232 -28.95 0.62 -5.56
CA ILE B 232 -28.07 0.26 -4.43
C ILE B 232 -28.26 1.32 -3.36
N ASN B 233 -28.69 0.88 -2.18
CA ASN B 233 -29.06 1.80 -1.12
C ASN B 233 -28.88 1.15 0.24
N GLY B 234 -28.24 1.87 1.15
CA GLY B 234 -27.96 1.37 2.50
C GLY B 234 -26.88 0.30 2.58
N GLU B 235 -26.03 0.22 1.55
CA GLU B 235 -24.97 -0.79 1.49
C GLU B 235 -23.70 -0.35 2.16
N VAL B 236 -22.94 -1.35 2.62
CA VAL B 236 -21.61 -1.16 3.11
C VAL B 236 -20.70 -1.96 2.21
N ILE B 237 -19.95 -1.28 1.36
CA ILE B 237 -19.05 -1.93 0.41
C ILE B 237 -17.60 -1.80 0.87
N ASN B 238 -16.96 -2.94 1.10
CA ASN B 238 -15.53 -2.94 1.43
C ASN B 238 -14.67 -2.80 0.19
N VAL B 239 -13.72 -1.86 0.24
CA VAL B 239 -12.73 -1.65 -0.80
C VAL B 239 -11.38 -1.88 -0.13
N GLY B 240 -11.03 -3.16 0.01
CA GLY B 240 -9.81 -3.54 0.72
C GLY B 240 -9.07 -4.75 0.25
N GLY B 241 -9.18 -5.07 -1.02
CA GLY B 241 -8.48 -6.25 -1.60
C GLY B 241 -8.75 -7.57 -0.89
N GLY B 242 -9.96 -7.71 -0.34
CA GLY B 242 -10.39 -8.92 0.37
C GLY B 242 -10.02 -8.96 1.85
N MET B 243 -9.51 -7.87 2.37
CA MET B 243 -8.98 -7.85 3.71
C MET B 243 -10.06 -7.93 4.78
N VAL B 244 -9.93 -8.94 5.64
CA VAL B 244 -10.79 -9.09 6.82
C VAL B 244 -9.99 -8.64 8.02
N LEU B 245 -10.32 -7.45 8.53
CA LEU B 245 -9.62 -6.88 9.69
C LEU B 245 -9.92 -7.70 10.94
N MET C 2 -16.67 2.76 -22.82
CA MET C 2 -16.41 1.33 -23.22
C MET C 2 -15.44 0.62 -22.25
N ALA C 3 -15.89 0.43 -21.01
CA ALA C 3 -15.04 -0.08 -19.93
C ALA C 3 -14.55 -1.54 -20.07
N LEU C 4 -15.21 -2.35 -20.89
CA LEU C 4 -14.88 -3.78 -21.02
C LEU C 4 -14.48 -4.17 -22.42
N ALA C 5 -13.97 -3.22 -23.19
CA ALA C 5 -13.50 -3.47 -24.55
C ALA C 5 -12.41 -4.54 -24.55
N SER C 6 -12.47 -5.44 -25.54
CA SER C 6 -11.52 -6.55 -25.66
C SER C 6 -11.56 -7.53 -24.47
N LYS C 7 -12.70 -7.64 -23.80
CA LYS C 7 -12.86 -8.64 -22.74
C LYS C 7 -13.93 -9.66 -23.13
N THR C 8 -13.72 -10.89 -22.69
CA THR C 8 -14.62 -11.98 -22.98
C THR C 8 -15.31 -12.40 -21.69
N ALA C 9 -16.64 -12.47 -21.74
CA ALA C 9 -17.47 -12.79 -20.59
C ALA C 9 -18.37 -13.96 -20.88
N ILE C 10 -18.44 -14.90 -19.95
CA ILE C 10 -19.48 -15.92 -19.92
C ILE C 10 -20.54 -15.47 -18.92
N VAL C 11 -21.80 -15.45 -19.34
CA VAL C 11 -22.92 -15.21 -18.45
C VAL C 11 -23.81 -16.44 -18.48
N THR C 12 -23.88 -17.17 -17.37
CA THR C 12 -24.75 -18.35 -17.34
C THR C 12 -26.19 -17.88 -17.11
N GLY C 13 -27.13 -18.63 -17.68
CA GLY C 13 -28.55 -18.32 -17.53
C GLY C 13 -28.98 -17.05 -18.25
N ALA C 14 -28.26 -16.72 -19.32
CA ALA C 14 -28.44 -15.44 -20.00
C ALA C 14 -29.43 -15.46 -21.19
N ALA C 15 -30.18 -16.56 -21.35
CA ALA C 15 -31.25 -16.61 -22.35
C ALA C 15 -32.37 -15.62 -22.08
N ARG C 16 -32.65 -15.35 -20.81
CA ARG C 16 -33.72 -14.42 -20.44
CA ARG C 16 -33.72 -14.42 -20.44
C ARG C 16 -33.45 -13.80 -19.05
N GLY C 17 -34.34 -12.90 -18.65
CA GLY C 17 -34.35 -12.31 -17.33
C GLY C 17 -33.10 -11.54 -16.94
N ILE C 18 -32.66 -11.71 -15.70
CA ILE C 18 -31.52 -10.99 -15.16
C ILE C 18 -30.27 -11.28 -15.98
N GLY C 19 -30.04 -12.56 -16.26
CA GLY C 19 -28.90 -12.95 -17.06
C GLY C 19 -28.81 -12.23 -18.40
N PHE C 20 -29.95 -12.13 -19.08
CA PHE C 20 -29.99 -11.45 -20.36
C PHE C 20 -29.69 -9.95 -20.21
N GLY C 21 -30.27 -9.31 -19.20
CA GLY C 21 -29.96 -7.91 -18.86
C GLY C 21 -28.47 -7.68 -18.57
N ILE C 22 -27.85 -8.59 -17.82
CA ILE C 22 -26.43 -8.53 -17.54
C ILE C 22 -25.65 -8.57 -18.85
N ALA C 23 -26.00 -9.53 -19.71
CA ALA C 23 -25.34 -9.69 -21.00
C ALA C 23 -25.43 -8.44 -21.88
N GLN C 24 -26.57 -7.77 -21.82
CA GLN C 24 -26.78 -6.52 -22.59
C GLN C 24 -25.83 -5.42 -22.15
N VAL C 25 -25.74 -5.23 -20.84
CA VAL C 25 -24.87 -4.22 -20.26
C VAL C 25 -23.40 -4.53 -20.54
N LEU C 26 -22.99 -5.78 -20.38
CA LEU C 26 -21.62 -6.15 -20.67
C LEU C 26 -21.31 -5.88 -22.14
N ALA C 27 -22.23 -6.25 -23.02
CA ALA C 27 -22.10 -5.98 -24.46
C ALA C 27 -22.04 -4.49 -24.76
N ARG C 28 -22.89 -3.69 -24.12
CA ARG C 28 -22.85 -2.23 -24.25
C ARG C 28 -21.48 -1.65 -23.88
N GLU C 29 -20.83 -2.22 -22.87
CA GLU C 29 -19.51 -1.78 -22.46
C GLU C 29 -18.36 -2.46 -23.24
N GLY C 30 -18.70 -3.22 -24.28
CA GLY C 30 -17.71 -3.69 -25.27
C GLY C 30 -17.25 -5.13 -25.15
N ALA C 31 -17.83 -5.88 -24.23
CA ALA C 31 -17.42 -7.26 -24.02
C ALA C 31 -17.96 -8.16 -25.13
N ARG C 32 -17.19 -9.19 -25.43
CA ARG C 32 -17.66 -10.32 -26.21
C ARG C 32 -18.34 -11.25 -25.22
N VAL C 33 -19.56 -11.66 -25.53
CA VAL C 33 -20.41 -12.34 -24.56
C VAL C 33 -20.79 -13.74 -25.01
N ILE C 34 -20.48 -14.73 -24.18
CA ILE C 34 -20.98 -16.08 -24.34
C ILE C 34 -22.29 -16.18 -23.54
N ILE C 35 -23.41 -16.42 -24.21
CA ILE C 35 -24.67 -16.73 -23.55
C ILE C 35 -24.64 -18.23 -23.27
N ALA C 36 -24.46 -18.61 -22.01
CA ALA C 36 -24.45 -20.02 -21.63
C ALA C 36 -25.79 -20.31 -20.96
N ASP C 37 -26.52 -21.28 -21.51
CA ASP C 37 -27.86 -21.59 -20.99
C ASP C 37 -28.24 -23.00 -21.39
N ARG C 38 -29.14 -23.61 -20.63
CA ARG C 38 -29.63 -24.96 -20.97
C ARG C 38 -30.74 -24.89 -22.05
N ASP C 39 -31.37 -23.73 -22.19
CA ASP C 39 -32.47 -23.53 -23.11
C ASP C 39 -32.03 -22.91 -24.44
N ALA C 40 -32.59 -23.44 -25.53
CA ALA C 40 -32.19 -23.03 -26.88
C ALA C 40 -32.61 -21.62 -27.28
N HIS C 41 -33.52 -20.98 -26.51
CA HIS C 41 -33.80 -19.55 -26.68
C HIS C 41 -32.53 -18.69 -26.47
N GLY C 42 -31.51 -19.26 -25.84
CA GLY C 42 -30.19 -18.65 -25.76
C GLY C 42 -29.61 -18.21 -27.09
N GLU C 43 -29.92 -18.94 -28.17
CA GLU C 43 -29.52 -18.53 -29.53
C GLU C 43 -30.15 -17.20 -29.94
N ALA C 44 -31.43 -17.02 -29.61
CA ALA C 44 -32.13 -15.76 -29.90
C ALA C 44 -31.56 -14.58 -29.10
N ALA C 45 -31.23 -14.83 -27.84
CA ALA C 45 -30.59 -13.83 -26.98
C ALA C 45 -29.24 -13.38 -27.55
N ALA C 46 -28.42 -14.34 -27.97
CA ALA C 46 -27.13 -14.06 -28.61
C ALA C 46 -27.32 -13.28 -29.92
N ALA C 47 -28.29 -13.71 -30.70
CA ALA C 47 -28.64 -13.03 -31.96
C ALA C 47 -29.05 -11.58 -31.70
N SER C 48 -29.84 -11.36 -30.66
CA SER C 48 -30.26 -10.00 -30.28
C SER C 48 -29.08 -9.08 -29.96
N LEU C 49 -28.07 -9.62 -29.27
CA LEU C 49 -26.84 -8.89 -29.00
C LEU C 49 -26.06 -8.60 -30.28
N ARG C 50 -25.99 -9.58 -31.17
CA ARG C 50 -25.31 -9.40 -32.47
C ARG C 50 -26.00 -8.32 -33.32
N GLU C 51 -27.34 -8.34 -33.35
CA GLU C 51 -28.12 -7.31 -34.05
C GLU C 51 -27.89 -5.88 -33.51
N SER C 52 -27.53 -5.76 -32.23
CA SER C 52 -27.17 -4.46 -31.65
C SER C 52 -25.71 -4.04 -31.89
N GLY C 53 -24.92 -4.87 -32.55
CA GLY C 53 -23.54 -4.54 -32.91
C GLY C 53 -22.45 -5.20 -32.08
N ALA C 54 -22.84 -6.04 -31.12
CA ALA C 54 -21.88 -6.75 -30.27
C ALA C 54 -21.47 -8.10 -30.88
N GLN C 55 -20.38 -8.64 -30.36
CA GLN C 55 -19.99 -10.00 -30.64
C GLN C 55 -20.56 -10.89 -29.54
N ALA C 56 -21.29 -11.94 -29.94
CA ALA C 56 -21.94 -12.84 -29.00
C ALA C 56 -22.18 -14.22 -29.58
N LEU C 57 -22.20 -15.22 -28.72
CA LEU C 57 -22.30 -16.63 -29.12
C LEU C 57 -23.08 -17.37 -28.04
N PHE C 58 -24.05 -18.18 -28.48
CA PHE C 58 -24.78 -19.06 -27.59
C PHE C 58 -24.04 -20.38 -27.50
N ILE C 59 -23.84 -20.89 -26.28
CA ILE C 59 -23.39 -22.25 -26.07
C ILE C 59 -24.35 -22.96 -25.13
N SER C 60 -24.90 -24.06 -25.60
CA SER C 60 -25.82 -24.88 -24.82
C SER C 60 -25.04 -25.54 -23.70
N CYS C 61 -25.55 -25.44 -22.48
CA CYS C 61 -24.88 -25.95 -21.30
C CYS C 61 -25.82 -26.08 -20.12
N ASN C 62 -25.80 -27.25 -19.48
CA ASN C 62 -26.41 -27.44 -18.18
C ASN C 62 -25.28 -27.37 -17.15
N ILE C 63 -25.28 -26.31 -16.35
CA ILE C 63 -24.18 -26.04 -15.41
C ILE C 63 -24.00 -27.11 -14.32
N ALA C 64 -25.04 -27.90 -14.07
CA ALA C 64 -24.97 -29.01 -13.12
C ALA C 64 -24.10 -30.20 -13.59
N GLU C 65 -23.74 -30.25 -14.87
CA GLU C 65 -22.94 -31.33 -15.46
C GLU C 65 -21.50 -30.88 -15.72
N LYS C 66 -20.56 -31.42 -14.97
CA LYS C 66 -19.16 -31.02 -15.10
C LYS C 66 -18.64 -31.09 -16.57
N THR C 67 -18.92 -32.19 -17.27
CA THR C 67 -18.41 -32.37 -18.64
C THR C 67 -18.94 -31.28 -19.60
N GLN C 68 -20.21 -30.88 -19.44
CA GLN C 68 -20.77 -29.77 -20.23
C GLN C 68 -20.14 -28.42 -19.88
N VAL C 69 -19.80 -28.22 -18.62
CA VAL C 69 -19.15 -26.99 -18.16
C VAL C 69 -17.71 -26.93 -18.69
N GLU C 70 -16.99 -28.04 -18.64
CA GLU C 70 -15.66 -28.13 -19.25
C GLU C 70 -15.72 -27.79 -20.75
N ALA C 71 -16.73 -28.33 -21.42
CA ALA C 71 -16.95 -28.06 -22.85
C ALA C 71 -17.28 -26.59 -23.11
N LEU C 72 -18.13 -26.01 -22.26
CA LEU C 72 -18.48 -24.58 -22.35
C LEU C 72 -17.24 -23.68 -22.36
N PHE C 73 -16.34 -23.92 -21.41
CA PHE C 73 -15.12 -23.11 -21.29
C PHE C 73 -14.13 -23.34 -22.44
N SER C 74 -13.98 -24.59 -22.88
CA SER C 74 -13.13 -24.92 -24.04
C SER C 74 -13.59 -24.18 -25.28
N GLN C 75 -14.87 -24.37 -25.63
CA GLN C 75 -15.46 -23.73 -26.82
C GLN C 75 -15.43 -22.22 -26.74
N ALA C 76 -15.80 -21.68 -25.59
CA ALA C 76 -15.79 -20.23 -25.38
C ALA C 76 -14.44 -19.63 -25.71
N GLU C 77 -13.38 -20.27 -25.22
CA GLU C 77 -12.02 -19.79 -25.44
C GLU C 77 -11.49 -19.98 -26.86
N GLU C 78 -11.88 -21.08 -27.50
CA GLU C 78 -11.59 -21.28 -28.93
C GLU C 78 -12.22 -20.18 -29.77
N ALA C 79 -13.45 -19.78 -29.44
CA ALA C 79 -14.17 -18.76 -30.21
C ALA C 79 -13.72 -17.33 -29.92
N PHE C 80 -13.70 -16.94 -28.64
CA PHE C 80 -13.44 -15.55 -28.25
C PHE C 80 -12.18 -15.32 -27.42
N GLY C 81 -11.34 -16.33 -27.29
CA GLY C 81 -10.10 -16.17 -26.52
C GLY C 81 -10.35 -16.23 -25.01
N PRO C 82 -9.30 -16.00 -24.20
CA PRO C 82 -9.36 -16.22 -22.75
C PRO C 82 -10.59 -15.59 -22.09
N VAL C 83 -11.24 -16.33 -21.20
CA VAL C 83 -12.40 -15.82 -20.45
C VAL C 83 -11.93 -14.93 -19.31
N ASP C 84 -12.21 -13.63 -19.44
CA ASP C 84 -11.84 -12.62 -18.45
C ASP C 84 -12.86 -12.51 -17.33
N ILE C 85 -14.14 -12.76 -17.65
CA ILE C 85 -15.28 -12.52 -16.77
C ILE C 85 -16.21 -13.71 -16.77
N LEU C 86 -16.52 -14.26 -15.60
CA LEU C 86 -17.59 -15.26 -15.44
C LEU C 86 -18.69 -14.68 -14.54
N VAL C 87 -19.93 -14.72 -15.01
CA VAL C 87 -21.09 -14.32 -14.24
C VAL C 87 -21.94 -15.54 -14.04
N ASN C 88 -22.02 -16.03 -12.80
CA ASN C 88 -22.82 -17.19 -12.47
C ASN C 88 -24.20 -16.71 -12.06
N ASN C 89 -25.08 -16.61 -13.06
CA ASN C 89 -26.44 -16.13 -12.86
C ASN C 89 -27.49 -17.26 -12.89
N ALA C 90 -27.23 -18.35 -13.61
CA ALA C 90 -28.21 -19.43 -13.73
C ALA C 90 -28.66 -19.92 -12.36
N GLY C 91 -29.97 -20.08 -12.20
CA GLY C 91 -30.55 -20.62 -10.98
C GLY C 91 -32.03 -20.92 -11.12
N ILE C 92 -32.55 -21.72 -10.20
CA ILE C 92 -33.95 -22.10 -10.17
C ILE C 92 -34.53 -22.03 -8.77
N ASN C 93 -35.85 -21.99 -8.70
CA ASN C 93 -36.60 -22.15 -7.45
C ASN C 93 -37.46 -23.40 -7.52
N ARG C 94 -37.50 -24.15 -6.43
CA ARG C 94 -38.51 -25.19 -6.20
C ARG C 94 -38.97 -25.05 -4.76
N ASP C 95 -39.76 -24.01 -4.52
CA ASP C 95 -40.11 -23.61 -3.17
C ASP C 95 -41.06 -24.62 -2.51
N ALA C 96 -40.96 -24.68 -1.19
CA ALA C 96 -41.83 -25.46 -0.34
C ALA C 96 -41.45 -25.17 1.10
N MET C 97 -42.43 -25.28 1.99
CA MET C 97 -42.20 -25.19 3.42
C MET C 97 -41.27 -26.32 3.88
N LEU C 98 -40.54 -26.07 4.97
CA LEU C 98 -39.50 -27.00 5.46
C LEU C 98 -40.03 -28.41 5.70
N HIS C 99 -41.18 -28.46 6.34
CA HIS C 99 -41.88 -29.72 6.63
C HIS C 99 -42.45 -30.47 5.41
N LYS C 100 -42.57 -29.82 4.27
CA LYS C 100 -43.13 -30.44 3.03
C LYS C 100 -42.13 -30.69 1.90
N LEU C 101 -40.94 -30.11 1.97
CA LEU C 101 -40.03 -30.09 0.83
C LEU C 101 -39.62 -31.52 0.45
N THR C 102 -39.83 -31.87 -0.82
CA THR C 102 -39.47 -33.21 -1.28
C THR C 102 -37.99 -33.30 -1.49
N GLU C 103 -37.48 -34.52 -1.41
CA GLU C 103 -36.08 -34.78 -1.65
C GLU C 103 -35.65 -34.37 -3.06
N ALA C 104 -36.51 -34.58 -4.04
CA ALA C 104 -36.21 -34.24 -5.43
C ALA C 104 -36.07 -32.74 -5.61
N ASP C 105 -36.98 -31.98 -4.99
CA ASP C 105 -36.95 -30.52 -5.08
C ASP C 105 -35.76 -29.92 -4.32
N TRP C 106 -35.36 -30.54 -3.20
CA TRP C 106 -34.12 -30.19 -2.54
C TRP C 106 -32.96 -30.44 -3.49
N ASP C 107 -32.84 -31.68 -3.94
CA ASP C 107 -31.70 -32.12 -4.76
C ASP C 107 -31.47 -31.20 -5.96
N THR C 108 -32.52 -30.93 -6.72
CA THR C 108 -32.42 -30.18 -7.97
CA THR C 108 -32.42 -30.19 -7.98
C THR C 108 -31.94 -28.74 -7.76
N VAL C 109 -32.47 -28.07 -6.75
CA VAL C 109 -32.06 -26.68 -6.46
C VAL C 109 -30.59 -26.59 -6.01
N ILE C 110 -30.17 -27.50 -5.14
CA ILE C 110 -28.76 -27.56 -4.73
C ILE C 110 -27.87 -27.87 -5.94
N ASP C 111 -28.30 -28.82 -6.76
CA ASP C 111 -27.52 -29.28 -7.91
C ASP C 111 -27.24 -28.14 -8.92
N VAL C 112 -28.26 -27.33 -9.20
CA VAL C 112 -28.10 -26.22 -10.13
C VAL C 112 -27.45 -25.00 -9.49
N ASN C 113 -28.06 -24.51 -8.41
CA ASN C 113 -27.66 -23.21 -7.83
C ASN C 113 -26.32 -23.27 -7.15
N LEU C 114 -26.06 -24.37 -6.44
CA LEU C 114 -24.87 -24.46 -5.62
C LEU C 114 -23.77 -25.21 -6.37
N LYS C 115 -24.01 -26.48 -6.69
CA LYS C 115 -23.02 -27.28 -7.38
C LYS C 115 -22.69 -26.73 -8.76
N GLY C 116 -23.71 -26.31 -9.50
CA GLY C 116 -23.49 -25.74 -10.83
C GLY C 116 -22.59 -24.51 -10.77
N THR C 117 -22.86 -23.64 -9.80
CA THR C 117 -22.07 -22.45 -9.60
C THR C 117 -20.61 -22.83 -9.26
N PHE C 118 -20.44 -23.83 -8.38
CA PHE C 118 -19.11 -24.36 -8.05
C PHE C 118 -18.34 -24.83 -9.30
N LEU C 119 -19.00 -25.64 -10.13
CA LEU C 119 -18.37 -26.19 -11.32
C LEU C 119 -17.84 -25.12 -12.25
N CYS C 120 -18.64 -24.08 -12.46
CA CYS C 120 -18.24 -22.97 -13.30
C CYS C 120 -17.10 -22.16 -12.67
N MET C 121 -17.23 -21.84 -11.38
CA MET C 121 -16.17 -21.15 -10.63
C MET C 121 -14.83 -21.90 -10.74
N GLN C 122 -14.90 -23.23 -10.64
CA GLN C 122 -13.73 -24.08 -10.72
C GLN C 122 -13.02 -23.96 -12.08
N GLN C 123 -13.79 -24.04 -13.15
CA GLN C 123 -13.26 -23.87 -14.50
C GLN C 123 -12.64 -22.51 -14.71
N ALA C 124 -13.30 -21.48 -14.20
CA ALA C 124 -12.74 -20.12 -14.28
C ALA C 124 -11.44 -20.02 -13.52
N ALA C 125 -11.43 -20.61 -12.32
CA ALA C 125 -10.30 -20.53 -11.41
C ALA C 125 -9.05 -21.21 -11.97
N ILE C 126 -9.23 -22.40 -12.54
CA ILE C 126 -8.15 -23.15 -13.19
C ILE C 126 -7.41 -22.27 -14.21
N ARG C 127 -8.18 -21.52 -15.00
CA ARG C 127 -7.64 -20.67 -16.05
CA ARG C 127 -7.65 -20.67 -16.06
C ARG C 127 -7.13 -19.35 -15.52
N MET C 128 -7.96 -18.67 -14.74
CA MET C 128 -7.63 -17.34 -14.25
C MET C 128 -6.40 -17.29 -13.35
N ARG C 129 -6.20 -18.31 -12.53
CA ARG C 129 -5.04 -18.33 -11.64
C ARG C 129 -3.69 -18.44 -12.41
N GLU C 130 -3.69 -19.09 -13.57
CA GLU C 130 -2.50 -19.14 -14.46
C GLU C 130 -2.28 -17.80 -15.20
N ARG C 131 -3.35 -17.14 -15.65
CA ARG C 131 -3.23 -15.85 -16.34
CA ARG C 131 -3.24 -15.86 -16.36
C ARG C 131 -2.89 -14.67 -15.47
N GLY C 132 -3.13 -14.78 -14.16
CA GLY C 132 -2.92 -13.64 -13.26
C GLY C 132 -3.93 -12.51 -13.40
N ALA C 133 -5.12 -12.81 -13.90
CA ALA C 133 -6.22 -11.83 -14.01
C ALA C 133 -7.56 -12.55 -14.12
N GLY C 134 -8.62 -11.87 -13.74
CA GLY C 134 -9.96 -12.39 -13.85
C GLY C 134 -11.02 -11.78 -12.98
N ARG C 135 -12.26 -12.05 -13.33
CA ARG C 135 -13.45 -11.61 -12.59
C ARG C 135 -14.45 -12.74 -12.52
N ILE C 136 -14.86 -13.06 -11.31
CA ILE C 136 -15.98 -13.98 -11.08
C ILE C 136 -17.02 -13.21 -10.29
N ILE C 137 -18.24 -13.22 -10.79
CA ILE C 137 -19.35 -12.51 -10.16
C ILE C 137 -20.54 -13.46 -10.05
N ASN C 138 -20.93 -13.75 -8.81
CA ASN C 138 -21.99 -14.71 -8.54
C ASN C 138 -23.26 -13.95 -8.19
N ILE C 139 -24.38 -14.39 -8.78
CA ILE C 139 -25.67 -13.84 -8.45
C ILE C 139 -26.24 -14.72 -7.36
N ALA C 140 -26.36 -14.16 -6.17
CA ALA C 140 -26.91 -14.87 -5.03
C ALA C 140 -28.39 -14.46 -4.96
N SER C 141 -28.85 -13.98 -3.80
CA SER C 141 -30.23 -13.56 -3.59
C SER C 141 -30.33 -12.96 -2.21
N ALA C 142 -31.27 -12.05 -2.04
CA ALA C 142 -31.65 -11.56 -0.71
C ALA C 142 -32.11 -12.67 0.23
N SER C 143 -32.55 -13.78 -0.34
CA SER C 143 -32.97 -14.96 0.43
C SER C 143 -31.85 -15.72 1.15
N TRP C 144 -30.58 -15.31 0.97
CA TRP C 144 -29.47 -16.03 1.61
C TRP C 144 -29.47 -15.94 3.13
N LEU C 145 -30.09 -14.88 3.67
CA LEU C 145 -30.30 -14.77 5.12
C LEU C 145 -31.72 -15.13 5.53
N GLY C 146 -32.36 -15.99 4.74
CA GLY C 146 -33.61 -16.59 5.11
C GLY C 146 -34.81 -16.03 4.36
N ASN C 147 -35.73 -16.92 4.04
CA ASN C 147 -37.01 -16.55 3.48
C ASN C 147 -37.97 -17.71 3.60
N VAL C 148 -39.20 -17.39 3.97
CA VAL C 148 -40.27 -18.38 4.10
C VAL C 148 -40.41 -19.17 2.80
N GLY C 149 -40.51 -20.48 2.91
CA GLY C 149 -40.75 -21.34 1.76
C GLY C 149 -39.51 -21.69 0.95
N GLN C 150 -38.32 -21.32 1.45
CA GLN C 150 -37.12 -21.40 0.64
C GLN C 150 -35.94 -22.05 1.37
N THR C 151 -36.21 -23.12 2.08
CA THR C 151 -35.15 -23.89 2.72
C THR C 151 -34.06 -24.26 1.70
N ASN C 152 -34.45 -24.83 0.57
CA ASN C 152 -33.49 -25.24 -0.44
C ASN C 152 -32.81 -24.06 -1.14
N TYR C 153 -33.60 -23.05 -1.49
CA TYR C 153 -33.07 -21.89 -2.22
C TYR C 153 -32.12 -21.07 -1.35
N SER C 154 -32.53 -20.79 -0.10
CA SER C 154 -31.70 -20.03 0.82
C SER C 154 -30.40 -20.78 1.13
N ALA C 155 -30.49 -22.09 1.31
CA ALA C 155 -29.29 -22.91 1.50
C ALA C 155 -28.34 -22.73 0.34
N SER C 156 -28.89 -22.82 -0.86
CA SER C 156 -28.08 -22.78 -2.07
C SER C 156 -27.41 -21.44 -2.25
N LYS C 157 -28.14 -20.36 -1.98
CA LYS C 157 -27.62 -19.01 -2.22
C LYS C 157 -26.66 -18.55 -1.12
N ALA C 158 -26.92 -18.92 0.13
CA ALA C 158 -25.95 -18.70 1.20
C ALA C 158 -24.66 -19.46 0.90
N GLY C 159 -24.82 -20.69 0.43
CA GLY C 159 -23.69 -21.48 -0.05
C GLY C 159 -22.86 -20.75 -1.08
N VAL C 160 -23.54 -20.12 -2.03
CA VAL C 160 -22.84 -19.34 -3.04
C VAL C 160 -22.03 -18.21 -2.40
N VAL C 161 -22.59 -17.56 -1.38
CA VAL C 161 -21.85 -16.50 -0.69
C VAL C 161 -20.59 -17.06 -0.01
N GLY C 162 -20.72 -18.20 0.65
CA GLY C 162 -19.57 -18.86 1.27
C GLY C 162 -18.44 -19.17 0.28
N MET C 163 -18.80 -19.75 -0.86
CA MET C 163 -17.82 -20.07 -1.91
C MET C 163 -17.16 -18.83 -2.47
N THR C 164 -17.96 -17.79 -2.64
CA THR C 164 -17.47 -16.49 -3.10
C THR C 164 -16.35 -15.98 -2.22
N LYS C 165 -16.57 -16.03 -0.93
CA LYS C 165 -15.59 -15.54 0.04
C LYS C 165 -14.36 -16.44 0.12
N THR C 166 -14.58 -17.74 0.05
CA THR C 166 -13.49 -18.70 -0.03
C THR C 166 -12.61 -18.44 -1.27
N ALA C 167 -13.25 -18.29 -2.42
CA ALA C 167 -12.53 -18.08 -3.67
C ALA C 167 -11.75 -16.76 -3.66
N CYS C 168 -12.32 -15.73 -3.05
CA CYS C 168 -11.59 -14.47 -2.88
C CYS C 168 -10.26 -14.72 -2.17
N ARG C 169 -10.30 -15.48 -1.09
CA ARG C 169 -9.10 -15.76 -0.31
C ARG C 169 -8.03 -16.55 -1.09
N GLU C 170 -8.48 -17.50 -1.91
CA GLU C 170 -7.59 -18.34 -2.72
C GLU C 170 -7.02 -17.65 -3.96
N LEU C 171 -7.77 -16.71 -4.53
CA LEU C 171 -7.44 -16.14 -5.83
C LEU C 171 -7.04 -14.69 -5.84
N ALA C 172 -7.21 -13.97 -4.74
CA ALA C 172 -6.99 -12.51 -4.76
C ALA C 172 -5.57 -12.16 -5.12
N LYS C 173 -4.60 -12.91 -4.57
CA LYS C 173 -3.17 -12.66 -4.82
C LYS C 173 -2.77 -12.97 -6.26
N LYS C 174 -3.58 -13.76 -6.96
CA LYS C 174 -3.42 -14.00 -8.41
C LYS C 174 -4.08 -12.93 -9.30
N GLY C 175 -4.49 -11.78 -8.74
CA GLY C 175 -5.13 -10.69 -9.51
C GLY C 175 -6.58 -10.90 -9.93
N VAL C 176 -7.26 -11.85 -9.28
CA VAL C 176 -8.63 -12.22 -9.57
C VAL C 176 -9.53 -11.69 -8.46
N THR C 177 -10.68 -11.13 -8.82
CA THR C 177 -11.71 -10.82 -7.82
C THR C 177 -12.89 -11.74 -7.96
N VAL C 178 -13.46 -12.09 -6.82
CA VAL C 178 -14.64 -12.92 -6.72
C VAL C 178 -15.62 -12.20 -5.80
N ASN C 179 -16.76 -11.82 -6.35
CA ASN C 179 -17.78 -11.08 -5.61
C ASN C 179 -19.16 -11.65 -5.88
N ALA C 180 -20.09 -11.31 -5.00
CA ALA C 180 -21.48 -11.74 -5.12
C ALA C 180 -22.42 -10.55 -5.13
N ILE C 181 -23.44 -10.61 -5.98
CA ILE C 181 -24.53 -9.65 -5.99
C ILE C 181 -25.78 -10.37 -5.51
N CYS C 182 -26.49 -9.75 -4.57
CA CYS C 182 -27.82 -10.19 -4.12
C CYS C 182 -28.91 -9.28 -4.66
N PRO C 183 -29.57 -9.68 -5.76
CA PRO C 183 -30.72 -8.88 -6.19
C PRO C 183 -31.82 -8.95 -5.17
N GLY C 184 -32.54 -7.84 -4.99
CA GLY C 184 -33.70 -7.82 -4.09
C GLY C 184 -34.93 -8.36 -4.80
N PHE C 185 -35.84 -7.46 -5.17
CA PHE C 185 -37.05 -7.80 -5.92
C PHE C 185 -36.91 -7.16 -7.31
N ILE C 186 -36.71 -8.00 -8.32
CA ILE C 186 -36.45 -7.58 -9.68
C ILE C 186 -37.62 -8.00 -10.58
N ASP C 187 -38.02 -7.07 -11.44
CA ASP C 187 -39.07 -7.27 -12.42
C ASP C 187 -38.59 -8.19 -13.57
N THR C 188 -39.05 -9.43 -13.55
CA THR C 188 -38.78 -10.45 -14.58
C THR C 188 -40.05 -11.27 -14.84
N ASP C 189 -39.96 -12.27 -15.71
CA ASP C 189 -41.06 -13.21 -15.96
C ASP C 189 -41.54 -13.94 -14.67
N MET C 190 -40.59 -14.36 -13.81
CA MET C 190 -40.90 -15.07 -12.58
C MET C 190 -41.70 -14.21 -11.57
N THR C 191 -41.32 -12.94 -11.44
CA THR C 191 -41.97 -12.02 -10.51
C THR C 191 -43.24 -11.36 -11.07
N ARG C 192 -43.34 -11.26 -12.40
CA ARG C 192 -44.54 -10.69 -13.06
C ARG C 192 -45.80 -11.53 -12.89
N GLY C 193 -45.67 -12.85 -13.07
CA GLY C 193 -46.86 -13.74 -13.02
C GLY C 193 -47.40 -14.03 -11.63
N VAL C 194 -47.93 -13.01 -10.98
CA VAL C 194 -48.32 -13.06 -9.55
C VAL C 194 -49.50 -12.07 -9.43
N PRO C 195 -50.47 -12.34 -8.53
CA PRO C 195 -51.60 -11.39 -8.43
C PRO C 195 -51.13 -9.96 -8.11
N GLU C 196 -51.76 -8.97 -8.74
CA GLU C 196 -51.36 -7.59 -8.58
C GLU C 196 -51.38 -7.09 -7.12
N ASN C 197 -52.30 -7.60 -6.31
CA ASN C 197 -52.34 -7.30 -4.86
C ASN C 197 -51.05 -7.73 -4.13
N VAL C 198 -50.50 -8.86 -4.54
CA VAL C 198 -49.24 -9.40 -3.99
C VAL C 198 -48.03 -8.53 -4.39
N TRP C 199 -47.93 -8.23 -5.68
CA TRP C 199 -46.93 -7.32 -6.19
C TRP C 199 -46.85 -6.06 -5.32
N GLN C 200 -47.98 -5.41 -5.06
CA GLN C 200 -48.00 -4.17 -4.23
C GLN C 200 -47.47 -4.36 -2.82
N ILE C 201 -47.64 -5.54 -2.26
CA ILE C 201 -47.12 -5.87 -0.92
C ILE C 201 -45.59 -5.93 -0.98
N MET C 202 -45.06 -6.62 -2.00
CA MET C 202 -43.62 -6.67 -2.21
C MET C 202 -43.02 -5.26 -2.44
N ILE C 203 -43.66 -4.44 -3.27
CA ILE C 203 -43.24 -3.04 -3.48
C ILE C 203 -43.20 -2.23 -2.18
N SER C 204 -44.15 -2.42 -1.29
CA SER C 204 -44.21 -1.66 -0.03
C SER C 204 -43.10 -2.06 0.95
N LYS C 205 -42.50 -3.23 0.73
CA LYS C 205 -41.28 -3.63 1.46
C LYS C 205 -39.96 -3.00 0.94
N ILE C 206 -39.99 -2.34 -0.22
CA ILE C 206 -38.80 -1.77 -0.84
C ILE C 206 -38.73 -0.29 -0.57
N PRO C 207 -37.83 0.19 0.30
CA PRO C 207 -37.80 1.63 0.58
C PRO C 207 -37.77 2.54 -0.66
N ALA C 208 -37.06 2.14 -1.72
CA ALA C 208 -37.02 2.93 -2.96
C ALA C 208 -38.40 3.08 -3.66
N GLY C 209 -39.34 2.17 -3.37
CA GLY C 209 -40.71 2.28 -3.86
C GLY C 209 -41.02 1.71 -5.26
N TYR C 210 -40.07 1.00 -5.84
CA TYR C 210 -40.28 0.34 -7.14
C TYR C 210 -39.41 -0.92 -7.21
N ALA C 211 -39.82 -1.85 -8.07
CA ALA C 211 -39.05 -3.04 -8.36
C ALA C 211 -37.91 -2.70 -9.29
N GLY C 212 -36.76 -3.33 -9.07
CA GLY C 212 -35.62 -3.15 -9.95
C GLY C 212 -35.80 -3.83 -11.27
N GLU C 213 -34.97 -3.50 -12.23
CA GLU C 213 -34.95 -4.11 -13.55
C GLU C 213 -33.69 -4.93 -13.70
N ALA C 214 -33.68 -5.81 -14.68
CA ALA C 214 -32.52 -6.63 -14.97
C ALA C 214 -31.25 -5.78 -15.16
N LYS C 215 -31.40 -4.64 -15.81
CA LYS C 215 -30.26 -3.74 -16.07
C LYS C 215 -29.62 -3.14 -14.82
N ASP C 216 -30.37 -3.02 -13.72
CA ASP C 216 -29.80 -2.55 -12.46
C ASP C 216 -28.77 -3.55 -11.92
N VAL C 217 -29.07 -4.83 -12.03
CA VAL C 217 -28.12 -5.88 -11.68
C VAL C 217 -26.93 -5.85 -12.67
N GLY C 218 -27.24 -5.67 -13.95
CA GLY C 218 -26.24 -5.57 -15.00
C GLY C 218 -25.21 -4.47 -14.79
N GLU C 219 -25.65 -3.31 -14.33
CA GLU C 219 -24.77 -2.18 -14.10
C GLU C 219 -23.76 -2.47 -12.99
N CYS C 220 -24.23 -3.13 -11.94
CA CYS C 220 -23.36 -3.53 -10.85
C CYS C 220 -22.34 -4.61 -11.27
N VAL C 221 -22.78 -5.57 -12.09
CA VAL C 221 -21.88 -6.57 -12.66
C VAL C 221 -20.80 -5.89 -13.51
N ALA C 222 -21.20 -4.95 -14.35
CA ALA C 222 -20.27 -4.27 -15.24
C ALA C 222 -19.19 -3.49 -14.47
N PHE C 223 -19.61 -2.84 -13.40
CA PHE C 223 -18.68 -2.16 -12.52
C PHE C 223 -17.68 -3.13 -11.86
N LEU C 224 -18.18 -4.22 -11.26
CA LEU C 224 -17.30 -5.19 -10.62
C LEU C 224 -16.34 -5.85 -11.62
N ALA C 225 -16.79 -5.98 -12.87
CA ALA C 225 -15.98 -6.56 -13.93
C ALA C 225 -14.87 -5.65 -14.45
N SER C 226 -14.99 -4.35 -14.22
CA SER C 226 -14.01 -3.37 -14.70
C SER C 226 -12.71 -3.36 -13.88
N ASP C 227 -11.70 -2.69 -14.41
CA ASP C 227 -10.41 -2.51 -13.73
C ASP C 227 -10.54 -1.62 -12.48
N GLY C 228 -11.49 -0.68 -12.51
CA GLY C 228 -11.78 0.15 -11.34
C GLY C 228 -12.27 -0.53 -10.07
N ALA C 229 -12.68 -1.79 -10.18
CA ALA C 229 -13.12 -2.59 -9.05
C ALA C 229 -12.11 -3.68 -8.68
N ARG C 230 -10.86 -3.49 -9.07
CA ARG C 230 -9.80 -4.47 -8.78
C ARG C 230 -9.57 -4.70 -7.29
N TYR C 231 -9.90 -3.70 -6.47
CA TYR C 231 -9.68 -3.78 -5.02
C TYR C 231 -10.94 -4.15 -4.23
N ILE C 232 -12.02 -4.51 -4.94
CA ILE C 232 -13.24 -5.03 -4.30
C ILE C 232 -13.23 -6.53 -4.51
N ASN C 233 -13.25 -7.28 -3.40
CA ASN C 233 -13.06 -8.71 -3.44
C ASN C 233 -13.75 -9.36 -2.25
N GLY C 234 -14.49 -10.43 -2.51
CA GLY C 234 -15.23 -11.15 -1.48
C GLY C 234 -16.45 -10.43 -0.94
N GLU C 235 -16.96 -9.46 -1.69
CA GLU C 235 -18.11 -8.64 -1.26
C GLU C 235 -19.44 -9.25 -1.63
N VAL C 236 -20.44 -8.89 -0.83
CA VAL C 236 -21.82 -9.23 -1.11
C VAL C 236 -22.54 -7.90 -1.25
N ILE C 237 -22.87 -7.52 -2.48
CA ILE C 237 -23.53 -6.24 -2.75
C ILE C 237 -25.02 -6.47 -3.04
N ASN C 238 -25.89 -5.89 -2.23
CA ASN C 238 -27.33 -5.92 -2.48
C ASN C 238 -27.72 -4.89 -3.52
N VAL C 239 -28.51 -5.36 -4.51
CA VAL C 239 -29.12 -4.50 -5.53
C VAL C 239 -30.63 -4.69 -5.37
N GLY C 240 -31.18 -4.00 -4.37
CA GLY C 240 -32.58 -4.16 -3.99
C GLY C 240 -33.26 -2.91 -3.44
N GLY C 241 -32.80 -1.73 -3.80
CA GLY C 241 -33.40 -0.48 -3.37
C GLY C 241 -33.57 -0.30 -1.87
N GLY C 242 -32.66 -0.89 -1.09
CA GLY C 242 -32.70 -0.81 0.38
C GLY C 242 -33.53 -1.88 1.06
N MET C 243 -34.02 -2.83 0.29
CA MET C 243 -34.97 -3.80 0.80
C MET C 243 -34.27 -4.82 1.71
N VAL C 244 -34.78 -4.93 2.93
CA VAL C 244 -34.37 -5.93 3.89
C VAL C 244 -35.44 -7.02 3.92
N LEU C 245 -35.13 -8.16 3.32
CA LEU C 245 -36.04 -9.28 3.23
C LEU C 245 -36.40 -9.85 4.60
N MET D 2 -30.84 -27.67 36.96
CA MET D 2 -31.40 -28.71 36.03
C MET D 2 -32.39 -28.10 35.01
N ALA D 3 -31.87 -27.27 34.11
CA ALA D 3 -32.69 -26.49 33.18
C ALA D 3 -33.46 -27.29 32.10
N LEU D 4 -33.04 -28.53 31.82
CA LEU D 4 -33.64 -29.31 30.74
C LEU D 4 -34.25 -30.61 31.23
N ALA D 5 -34.64 -30.65 32.50
CA ALA D 5 -35.28 -31.84 33.09
C ALA D 5 -36.54 -32.20 32.31
N SER D 6 -36.76 -33.49 32.11
CA SER D 6 -37.90 -34.00 31.34
C SER D 6 -37.91 -33.57 29.86
N LYS D 7 -36.74 -33.29 29.29
CA LYS D 7 -36.64 -32.98 27.86
C LYS D 7 -35.82 -34.05 27.16
N THR D 8 -36.19 -34.31 25.91
CA THR D 8 -35.53 -35.30 25.07
C THR D 8 -34.79 -34.57 23.97
N ALA D 9 -33.51 -34.90 23.82
CA ALA D 9 -32.65 -34.28 22.82
C ALA D 9 -32.00 -35.31 21.93
N ILE D 10 -32.00 -35.05 20.63
CA ILE D 10 -31.15 -35.76 19.68
C ILE D 10 -29.95 -34.88 19.40
N VAL D 11 -28.75 -35.44 19.52
CA VAL D 11 -27.52 -34.78 19.11
C VAL D 11 -26.87 -35.63 18.04
N THR D 12 -26.83 -35.13 16.80
CA THR D 12 -26.17 -35.88 15.75
C THR D 12 -24.66 -35.70 15.87
N GLY D 13 -23.91 -36.72 15.48
CA GLY D 13 -22.45 -36.69 15.52
C GLY D 13 -21.89 -36.69 16.94
N ALA D 14 -22.63 -37.27 17.86
CA ALA D 14 -22.32 -37.20 19.29
C ALA D 14 -21.47 -38.36 19.84
N ALA D 15 -20.94 -39.20 18.96
CA ALA D 15 -19.99 -40.26 19.36
C ALA D 15 -18.70 -39.71 19.94
N ARG D 16 -18.25 -38.57 19.43
CA ARG D 16 -17.00 -37.94 19.88
CA ARG D 16 -17.00 -37.94 19.87
C ARG D 16 -17.03 -36.43 19.64
N GLY D 17 -15.96 -35.76 20.07
CA GLY D 17 -15.73 -34.37 19.81
C GLY D 17 -16.79 -33.42 20.32
N ILE D 18 -17.13 -32.40 19.53
CA ILE D 18 -18.05 -31.36 19.96
C ILE D 18 -19.41 -31.98 20.30
N GLY D 19 -19.90 -32.86 19.44
CA GLY D 19 -21.17 -33.52 19.67
C GLY D 19 -21.24 -34.23 21.01
N PHE D 20 -20.18 -34.93 21.37
CA PHE D 20 -20.15 -35.64 22.64
C PHE D 20 -20.16 -34.65 23.82
N GLY D 21 -19.36 -33.58 23.73
CA GLY D 21 -19.41 -32.50 24.72
C GLY D 21 -20.79 -31.87 24.89
N ILE D 22 -21.48 -31.63 23.78
CA ILE D 22 -22.85 -31.12 23.81
C ILE D 22 -23.73 -32.08 24.57
N ALA D 23 -23.65 -33.36 24.23
CA ALA D 23 -24.46 -34.40 24.88
C ALA D 23 -24.21 -34.47 26.38
N GLN D 24 -22.97 -34.27 26.81
CA GLN D 24 -22.64 -34.28 28.23
C GLN D 24 -23.32 -33.16 28.99
N VAL D 25 -23.24 -31.96 28.43
CA VAL D 25 -23.85 -30.78 29.03
C VAL D 25 -25.37 -30.90 29.06
N LEU D 26 -25.99 -31.36 27.98
CA LEU D 26 -27.43 -31.55 27.96
C LEU D 26 -27.84 -32.56 29.03
N ALA D 27 -27.08 -33.65 29.13
CA ALA D 27 -27.31 -34.68 30.15
C ALA D 27 -27.14 -34.13 31.57
N ARG D 28 -26.09 -33.33 31.79
CA ARG D 28 -25.89 -32.65 33.07
C ARG D 28 -27.09 -31.78 33.48
N GLU D 29 -27.73 -31.13 32.50
CA GLU D 29 -28.91 -30.31 32.76
C GLU D 29 -30.21 -31.10 32.72
N GLY D 30 -30.13 -32.44 32.63
CA GLY D 30 -31.27 -33.33 32.89
C GLY D 30 -31.98 -33.91 31.69
N ALA D 31 -31.44 -33.66 30.50
CA ALA D 31 -32.06 -34.14 29.28
C ALA D 31 -31.80 -35.63 29.10
N ARG D 32 -32.75 -36.31 28.50
CA ARG D 32 -32.57 -37.64 27.96
C ARG D 32 -31.97 -37.45 26.58
N VAL D 33 -30.87 -38.13 26.30
CA VAL D 33 -30.07 -37.84 25.10
C VAL D 33 -29.98 -39.03 24.17
N ILE D 34 -30.38 -38.82 22.92
CA ILE D 34 -30.13 -39.76 21.85
C ILE D 34 -28.80 -39.39 21.20
N ILE D 35 -27.81 -40.29 21.28
CA ILE D 35 -26.55 -40.12 20.54
C ILE D 35 -26.81 -40.69 19.15
N ALA D 36 -26.94 -39.83 18.16
CA ALA D 36 -27.14 -40.26 16.77
C ALA D 36 -25.83 -40.10 16.04
N ASP D 37 -25.32 -41.19 15.47
CA ASP D 37 -24.02 -41.16 14.80
C ASP D 37 -23.92 -42.29 13.80
N ARG D 38 -23.08 -42.13 12.80
CA ARG D 38 -22.85 -43.19 11.81
C ARG D 38 -21.86 -44.27 12.34
N ASP D 39 -21.06 -43.89 13.33
CA ASP D 39 -20.06 -44.75 13.92
C ASP D 39 -20.54 -45.47 15.19
N ALA D 40 -20.22 -46.74 15.30
CA ALA D 40 -20.62 -47.58 16.43
C ALA D 40 -19.98 -47.21 17.79
N HIS D 41 -18.92 -46.40 17.80
CA HIS D 41 -18.42 -45.81 19.04
C HIS D 41 -19.49 -44.98 19.77
N GLY D 42 -20.54 -44.58 19.04
CA GLY D 42 -21.72 -43.96 19.64
C GLY D 42 -22.33 -44.73 20.78
N GLU D 43 -22.25 -46.07 20.75
CA GLU D 43 -22.71 -46.90 21.87
C GLU D 43 -21.89 -46.66 23.14
N ALA D 44 -20.58 -46.52 22.97
CA ALA D 44 -19.69 -46.21 24.11
C ALA D 44 -19.96 -44.82 24.72
N ALA D 45 -20.20 -43.86 23.85
CA ALA D 45 -20.58 -42.50 24.28
C ALA D 45 -21.88 -42.50 25.10
N ALA D 46 -22.89 -43.21 24.60
CA ALA D 46 -24.16 -43.36 25.31
C ALA D 46 -23.96 -44.07 26.65
N ALA D 47 -23.17 -45.13 26.63
CA ALA D 47 -22.83 -45.87 27.86
C ALA D 47 -22.15 -44.97 28.88
N SER D 48 -21.23 -44.13 28.42
CA SER D 48 -20.54 -43.18 29.30
C SER D 48 -21.52 -42.21 30.00
N LEU D 49 -22.53 -41.75 29.27
CA LEU D 49 -23.56 -40.89 29.84
C LEU D 49 -24.41 -41.67 30.86
N ARG D 50 -24.74 -42.92 30.54
CA ARG D 50 -25.50 -43.78 31.46
C ARG D 50 -24.74 -44.03 32.76
N GLU D 51 -23.45 -44.32 32.65
CA GLU D 51 -22.57 -44.50 33.81
C GLU D 51 -22.48 -43.26 34.72
N SER D 52 -22.68 -42.08 34.16
CA SER D 52 -22.73 -40.84 34.96
C SER D 52 -24.11 -40.55 35.58
N GLY D 53 -25.11 -41.38 35.32
CA GLY D 53 -26.44 -41.25 35.92
C GLY D 53 -27.53 -40.73 35.00
N ALA D 54 -27.18 -40.41 33.74
CA ALA D 54 -28.15 -39.91 32.77
C ALA D 54 -28.86 -41.02 32.01
N GLN D 55 -29.97 -40.69 31.38
CA GLN D 55 -30.63 -41.57 30.45
C GLN D 55 -30.11 -41.24 29.05
N ALA D 56 -29.64 -42.25 28.33
CA ALA D 56 -29.06 -42.07 27.00
C ALA D 56 -29.14 -43.35 26.16
N LEU D 57 -29.22 -43.16 24.85
CA LEU D 57 -29.40 -44.25 23.90
C LEU D 57 -28.66 -43.90 22.62
N PHE D 58 -27.89 -44.87 22.10
CA PHE D 58 -27.25 -44.73 20.81
C PHE D 58 -28.20 -45.24 19.74
N ILE D 59 -28.35 -44.46 18.66
CA ILE D 59 -29.03 -44.92 17.46
C ILE D 59 -28.11 -44.69 16.27
N SER D 60 -27.81 -45.76 15.54
CA SER D 60 -26.97 -45.70 14.36
C SER D 60 -27.75 -44.97 13.28
N CYS D 61 -27.10 -44.00 12.64
CA CYS D 61 -27.73 -43.17 11.63
C CYS D 61 -26.71 -42.43 10.78
N ASN D 62 -26.88 -42.54 9.47
CA ASN D 62 -26.20 -41.70 8.51
C ASN D 62 -27.20 -40.62 8.11
N ILE D 63 -26.94 -39.37 8.54
CA ILE D 63 -27.90 -38.27 8.34
C ILE D 63 -28.15 -37.92 6.87
N ALA D 64 -27.25 -38.32 5.97
CA ALA D 64 -27.44 -38.14 4.53
C ALA D 64 -28.54 -38.99 3.90
N GLU D 65 -29.03 -40.01 4.63
CA GLU D 65 -30.03 -40.97 4.12
C GLU D 65 -31.38 -40.67 4.79
N LYS D 66 -32.35 -40.19 4.01
CA LYS D 66 -33.65 -39.84 4.55
C LYS D 66 -34.29 -40.98 5.37
N THR D 67 -34.27 -42.20 4.83
CA THR D 67 -34.92 -43.34 5.49
C THR D 67 -34.30 -43.64 6.87
N GLN D 68 -32.98 -43.50 6.99
CA GLN D 68 -32.31 -43.65 8.30
C GLN D 68 -32.66 -42.53 9.28
N VAL D 69 -32.84 -41.32 8.77
CA VAL D 69 -33.22 -40.16 9.59
C VAL D 69 -34.67 -40.33 10.08
N GLU D 70 -35.56 -40.77 9.19
CA GLU D 70 -36.95 -41.10 9.59
C GLU D 70 -36.97 -42.14 10.68
N ALA D 71 -36.12 -43.16 10.54
CA ALA D 71 -35.99 -44.24 11.53
C ALA D 71 -35.44 -43.73 12.85
N LEU D 72 -34.42 -42.86 12.78
CA LEU D 72 -33.84 -42.21 13.98
C LEU D 72 -34.91 -41.51 14.83
N PHE D 73 -35.76 -40.72 14.20
CA PHE D 73 -36.80 -39.97 14.91
C PHE D 73 -37.90 -40.88 15.45
N SER D 74 -38.33 -41.87 14.66
CA SER D 74 -39.31 -42.88 15.13
C SER D 74 -38.83 -43.58 16.40
N GLN D 75 -37.65 -44.18 16.32
CA GLN D 75 -37.07 -44.92 17.44
C GLN D 75 -36.83 -44.03 18.66
N ALA D 76 -36.28 -42.85 18.42
CA ALA D 76 -36.02 -41.89 19.50
C ALA D 76 -37.27 -41.60 20.31
N GLU D 77 -38.37 -41.38 19.61
CA GLU D 77 -39.65 -41.06 20.24
C GLU D 77 -40.31 -42.25 20.93
N GLU D 78 -40.18 -43.44 20.35
CA GLU D 78 -40.61 -44.68 21.01
C GLU D 78 -39.88 -44.88 22.33
N ALA D 79 -38.58 -44.60 22.36
CA ALA D 79 -37.77 -44.80 23.56
C ALA D 79 -37.94 -43.71 24.61
N PHE D 80 -37.78 -42.44 24.23
CA PHE D 80 -37.77 -41.32 25.19
C PHE D 80 -38.91 -40.32 25.02
N GLY D 81 -39.89 -40.60 24.18
CA GLY D 81 -41.00 -39.66 23.99
C GLY D 81 -40.64 -38.49 23.09
N PRO D 82 -41.54 -37.50 22.96
CA PRO D 82 -41.37 -36.42 21.96
C PRO D 82 -39.99 -35.76 22.01
N VAL D 83 -39.40 -35.54 20.83
CA VAL D 83 -38.11 -34.84 20.72
C VAL D 83 -38.31 -33.34 20.87
N ASP D 84 -37.81 -32.80 21.97
CA ASP D 84 -37.90 -31.39 22.29
C ASP D 84 -36.75 -30.58 21.67
N ILE D 85 -35.58 -31.23 21.54
CA ILE D 85 -34.35 -30.55 21.15
C ILE D 85 -33.65 -31.37 20.06
N LEU D 86 -33.33 -30.74 18.92
CA LEU D 86 -32.45 -31.34 17.92
C LEU D 86 -31.19 -30.50 17.79
N VAL D 87 -30.03 -31.14 17.91
CA VAL D 87 -28.74 -30.49 17.69
C VAL D 87 -28.09 -31.16 16.49
N ASN D 88 -28.00 -30.41 15.40
CA ASN D 88 -27.38 -30.90 14.17
C ASN D 88 -25.91 -30.55 14.21
N ASN D 89 -25.13 -31.48 14.75
CA ASN D 89 -23.70 -31.32 14.90
C ASN D 89 -22.87 -32.14 13.89
N ALA D 90 -23.40 -33.26 13.41
CA ALA D 90 -22.65 -34.12 12.48
C ALA D 90 -22.17 -33.33 11.28
N GLY D 91 -20.92 -33.50 10.92
CA GLY D 91 -20.31 -32.86 9.76
C GLY D 91 -18.93 -33.42 9.44
N ILE D 92 -18.47 -33.21 8.21
CA ILE D 92 -17.19 -33.70 7.74
C ILE D 92 -16.46 -32.63 6.93
N ASN D 93 -15.14 -32.82 6.81
CA ASN D 93 -14.30 -32.03 5.90
C ASN D 93 -13.71 -32.91 4.80
N ARG D 94 -13.69 -32.41 3.58
CA ARG D 94 -12.88 -32.98 2.49
C ARG D 94 -12.26 -31.79 1.77
N ASP D 95 -11.27 -31.20 2.41
CA ASP D 95 -10.71 -29.94 1.94
C ASP D 95 -9.90 -30.12 0.66
N ALA D 96 -9.86 -29.04 -0.12
CA ALA D 96 -9.07 -28.92 -1.33
C ALA D 96 -9.28 -27.51 -1.86
N MET D 97 -8.25 -27.01 -2.54
CA MET D 97 -8.32 -25.71 -3.21
C MET D 97 -9.38 -25.77 -4.32
N LEU D 98 -9.96 -24.62 -4.64
CA LEU D 98 -11.09 -24.53 -5.59
C LEU D 98 -10.79 -25.17 -6.94
N HIS D 99 -9.60 -24.88 -7.45
CA HIS D 99 -9.12 -25.45 -8.72
C HIS D 99 -8.82 -26.94 -8.73
N LYS D 100 -8.69 -27.58 -7.56
CA LYS D 100 -8.40 -29.02 -7.45
C LYS D 100 -9.53 -29.90 -6.93
N LEU D 101 -10.57 -29.32 -6.35
CA LEU D 101 -11.58 -30.09 -5.64
C LEU D 101 -12.28 -31.07 -6.55
N THR D 102 -12.28 -32.34 -6.16
CA THR D 102 -12.92 -33.38 -6.99
C THR D 102 -14.42 -33.31 -6.79
N GLU D 103 -15.13 -33.80 -7.78
CA GLU D 103 -16.58 -33.86 -7.73
C GLU D 103 -17.07 -34.73 -6.56
N ALA D 104 -16.36 -35.83 -6.29
CA ALA D 104 -16.74 -36.73 -5.20
C ALA D 104 -16.62 -36.04 -3.84
N ASP D 105 -15.53 -35.31 -3.65
CA ASP D 105 -15.29 -34.59 -2.39
C ASP D 105 -16.26 -33.42 -2.21
N TRP D 106 -16.65 -32.76 -3.30
CA TRP D 106 -17.72 -31.78 -3.26
C TRP D 106 -19.01 -32.49 -2.82
N ASP D 107 -19.41 -33.51 -3.58
CA ASP D 107 -20.68 -34.20 -3.36
C ASP D 107 -20.85 -34.66 -1.91
N THR D 108 -19.83 -35.32 -1.37
CA THR D 108 -19.92 -35.95 -0.04
CA THR D 108 -19.92 -35.95 -0.04
C THR D 108 -20.11 -34.90 1.08
N VAL D 109 -19.37 -33.79 1.02
CA VAL D 109 -19.47 -32.75 2.03
C VAL D 109 -20.85 -32.05 2.00
N ILE D 110 -21.35 -31.74 0.80
CA ILE D 110 -22.68 -31.18 0.66
C ILE D 110 -23.73 -32.16 1.18
N ASP D 111 -23.57 -33.42 0.81
CA ASP D 111 -24.54 -34.47 1.15
C ASP D 111 -24.70 -34.64 2.66
N VAL D 112 -23.59 -34.62 3.40
CA VAL D 112 -23.64 -34.78 4.85
C VAL D 112 -23.98 -33.46 5.56
N ASN D 113 -23.18 -32.43 5.31
CA ASN D 113 -23.27 -31.20 6.07
C ASN D 113 -24.53 -30.40 5.78
N LEU D 114 -24.91 -30.36 4.52
CA LEU D 114 -26.02 -29.51 4.10
C LEU D 114 -27.32 -30.32 4.01
N LYS D 115 -27.33 -31.31 3.12
CA LYS D 115 -28.53 -32.14 2.94
C LYS D 115 -28.87 -32.91 4.21
N GLY D 116 -27.87 -33.48 4.87
CA GLY D 116 -28.11 -34.21 6.10
C GLY D 116 -28.75 -33.36 7.19
N THR D 117 -28.24 -32.14 7.33
CA THR D 117 -28.76 -31.18 8.26
C THR D 117 -30.23 -30.85 7.91
N PHE D 118 -30.50 -30.64 6.62
CA PHE D 118 -31.87 -30.41 6.13
C PHE D 118 -32.82 -31.56 6.51
N LEU D 119 -32.40 -32.79 6.25
CA LEU D 119 -33.24 -33.95 6.52
C LEU D 119 -33.65 -34.04 7.98
N CYS D 120 -32.70 -33.80 8.87
CA CYS D 120 -32.97 -33.82 10.30
C CYS D 120 -33.86 -32.65 10.72
N MET D 121 -33.55 -31.44 10.25
CA MET D 121 -34.38 -30.27 10.50
C MET D 121 -35.83 -30.51 10.08
N GLN D 122 -36.00 -31.15 8.92
CA GLN D 122 -37.31 -31.46 8.38
C GLN D 122 -38.12 -32.37 9.30
N GLN D 123 -37.49 -33.45 9.76
CA GLN D 123 -38.14 -34.37 10.70
C GLN D 123 -38.51 -33.69 12.00
N ALA D 124 -37.63 -32.84 12.51
CA ALA D 124 -37.92 -32.08 13.72
C ALA D 124 -39.09 -31.14 13.49
N ALA D 125 -39.08 -30.46 12.36
CA ALA D 125 -40.06 -29.45 12.02
C ALA D 125 -41.47 -30.03 11.88
N ILE D 126 -41.58 -31.18 11.19
CA ILE D 126 -42.85 -31.89 11.03
C ILE D 126 -43.52 -32.12 12.38
N ARG D 127 -42.71 -32.53 13.37
CA ARG D 127 -43.20 -32.84 14.70
C ARG D 127 -43.41 -31.60 15.55
N MET D 128 -42.39 -30.76 15.62
CA MET D 128 -42.41 -29.58 16.48
C MET D 128 -43.49 -28.58 16.13
N ARG D 129 -43.79 -28.39 14.85
CA ARG D 129 -44.83 -27.44 14.47
C ARG D 129 -46.25 -27.85 14.93
N GLU D 130 -46.50 -29.16 15.02
CA GLU D 130 -47.76 -29.69 15.59
C GLU D 130 -47.81 -29.58 17.12
N ARG D 131 -46.69 -29.82 17.80
CA ARG D 131 -46.63 -29.73 19.28
C ARG D 131 -46.65 -28.30 19.82
N GLY D 132 -46.31 -27.31 18.99
CA GLY D 132 -46.23 -25.93 19.43
C GLY D 132 -45.06 -25.61 20.38
N ALA D 133 -43.98 -26.40 20.28
CA ALA D 133 -42.76 -26.19 21.06
C ALA D 133 -41.61 -26.92 20.39
N GLY D 134 -40.39 -26.43 20.66
CA GLY D 134 -39.20 -27.07 20.14
C GLY D 134 -37.96 -26.21 20.08
N ARG D 135 -36.82 -26.90 19.94
CA ARG D 135 -35.53 -26.27 19.78
C ARG D 135 -34.74 -26.99 18.70
N ILE D 136 -34.27 -26.23 17.71
CA ILE D 136 -33.33 -26.74 16.73
C ILE D 136 -32.09 -25.87 16.82
N ILE D 137 -30.95 -26.53 16.97
CA ILE D 137 -29.67 -25.84 17.10
C ILE D 137 -28.67 -26.47 16.12
N ASN D 138 -28.21 -25.68 15.17
CA ASN D 138 -27.34 -26.17 14.12
C ASN D 138 -25.91 -25.73 14.39
N ILE D 139 -24.98 -26.66 14.24
CA ILE D 139 -23.57 -26.34 14.38
C ILE D 139 -23.07 -26.04 12.99
N ALA D 140 -22.74 -24.77 12.78
CA ALA D 140 -22.21 -24.34 11.51
C ALA D 140 -20.68 -24.31 11.65
N SER D 141 -20.03 -23.20 11.31
CA SER D 141 -18.59 -23.05 11.41
C SER D 141 -18.23 -21.62 11.11
N ALA D 142 -17.14 -21.16 11.70
CA ALA D 142 -16.52 -19.88 11.34
C ALA D 142 -16.17 -19.79 9.84
N SER D 143 -16.01 -20.94 9.19
CA SER D 143 -15.72 -21.00 7.77
C SER D 143 -16.88 -20.59 6.84
N TRP D 144 -18.06 -20.30 7.40
CA TRP D 144 -19.21 -19.94 6.56
C TRP D 144 -19.03 -18.63 5.79
N LEU D 145 -18.17 -17.75 6.29
CA LEU D 145 -17.79 -16.54 5.57
C LEU D 145 -16.43 -16.66 4.88
N GLY D 146 -16.06 -17.89 4.54
CA GLY D 146 -14.89 -18.13 3.74
C GLY D 146 -13.70 -18.67 4.50
N ASN D 147 -13.00 -19.61 3.85
CA ASN D 147 -11.75 -20.11 4.35
C ASN D 147 -11.00 -20.81 3.24
N VAL D 148 -9.69 -20.58 3.18
CA VAL D 148 -8.82 -21.21 2.22
C VAL D 148 -8.97 -22.73 2.25
N GLY D 149 -9.12 -23.35 1.10
CA GLY D 149 -9.19 -24.81 0.99
C GLY D 149 -10.54 -25.40 1.28
N GLN D 150 -11.57 -24.57 1.42
CA GLN D 150 -12.86 -25.03 1.92
C GLN D 150 -14.04 -24.54 1.09
N THR D 151 -13.90 -24.58 -0.22
CA THR D 151 -15.02 -24.27 -1.10
C THR D 151 -16.26 -25.12 -0.73
N ASN D 152 -16.08 -26.43 -0.62
CA ASN D 152 -17.20 -27.31 -0.30
C ASN D 152 -17.72 -27.12 1.15
N TYR D 153 -16.80 -27.02 2.10
CA TYR D 153 -17.17 -26.90 3.50
C TYR D 153 -17.86 -25.56 3.80
N SER D 154 -17.29 -24.47 3.29
CA SER D 154 -17.88 -23.14 3.49
C SER D 154 -19.25 -23.05 2.82
N ALA D 155 -19.39 -23.61 1.63
CA ALA D 155 -20.69 -23.68 0.97
C ALA D 155 -21.70 -24.35 1.86
N SER D 156 -21.30 -25.50 2.40
CA SER D 156 -22.20 -26.32 3.18
C SER D 156 -22.63 -25.63 4.47
N LYS D 157 -21.69 -24.97 5.14
CA LYS D 157 -21.96 -24.35 6.43
C LYS D 157 -22.69 -23.02 6.31
N ALA D 158 -22.39 -22.23 5.29
CA ALA D 158 -23.19 -21.04 4.96
C ALA D 158 -24.63 -21.47 4.64
N GLY D 159 -24.75 -22.53 3.87
CA GLY D 159 -26.05 -23.14 3.60
C GLY D 159 -26.82 -23.45 4.87
N VAL D 160 -26.14 -24.02 5.85
CA VAL D 160 -26.77 -24.31 7.12
C VAL D 160 -27.29 -23.01 7.78
N VAL D 161 -26.52 -21.94 7.69
CA VAL D 161 -26.95 -20.66 8.26
C VAL D 161 -28.23 -20.16 7.55
N GLY D 162 -28.26 -20.23 6.22
CA GLY D 162 -29.44 -19.86 5.46
C GLY D 162 -30.70 -20.62 5.87
N MET D 163 -30.58 -21.94 5.99
CA MET D 163 -31.71 -22.79 6.42
C MET D 163 -32.17 -22.46 7.82
N THR D 164 -31.21 -22.20 8.70
CA THR D 164 -31.47 -21.81 10.07
C THR D 164 -32.39 -20.58 10.10
N LYS D 165 -32.04 -19.59 9.32
CA LYS D 165 -32.82 -18.35 9.30
C LYS D 165 -34.17 -18.52 8.64
N THR D 166 -34.22 -19.31 7.58
CA THR D 166 -35.48 -19.69 6.95
C THR D 166 -36.41 -20.40 7.93
N ALA D 167 -35.88 -21.39 8.63
CA ALA D 167 -36.68 -22.17 9.59
C ALA D 167 -37.18 -21.30 10.74
N CYS D 168 -36.37 -20.35 11.19
CA CYS D 168 -36.82 -19.40 12.21
C CYS D 168 -38.09 -18.68 11.72
N ARG D 169 -38.08 -18.20 10.50
CA ARG D 169 -39.23 -17.50 9.94
C ARG D 169 -40.49 -18.37 9.81
N GLU D 170 -40.32 -19.63 9.45
CA GLU D 170 -41.44 -20.58 9.32
C GLU D 170 -42.00 -21.08 10.65
N LEU D 171 -41.15 -21.20 11.66
CA LEU D 171 -41.50 -21.92 12.88
C LEU D 171 -41.62 -21.08 14.14
N ALA D 172 -41.19 -19.82 14.10
CA ALA D 172 -41.14 -19.02 15.32
C ALA D 172 -42.51 -18.85 15.97
N LYS D 173 -43.52 -18.60 15.13
CA LYS D 173 -44.90 -18.41 15.59
C LYS D 173 -45.51 -19.68 16.20
N LYS D 174 -44.95 -20.84 15.86
CA LYS D 174 -45.31 -22.12 16.48
C LYS D 174 -44.57 -22.41 17.80
N GLY D 175 -43.89 -21.43 18.40
CA GLY D 175 -43.15 -21.62 19.67
C GLY D 175 -41.82 -22.36 19.59
N VAL D 176 -41.26 -22.45 18.38
CA VAL D 176 -40.01 -23.13 18.10
C VAL D 176 -38.92 -22.11 17.85
N THR D 177 -37.73 -22.33 18.38
CA THR D 177 -36.56 -21.53 17.98
C THR D 177 -35.59 -22.38 17.17
N VAL D 178 -34.98 -21.73 16.19
CA VAL D 178 -33.98 -22.32 15.34
C VAL D 178 -32.79 -21.37 15.32
N ASN D 179 -31.65 -21.83 15.83
CA ASN D 179 -30.45 -21.02 15.91
C ASN D 179 -29.25 -21.81 15.45
N ALA D 180 -28.18 -21.08 15.15
CA ALA D 180 -26.93 -21.67 14.72
C ALA D 180 -25.79 -21.23 15.63
N ILE D 181 -24.91 -22.18 15.94
CA ILE D 181 -23.65 -21.87 16.61
C ILE D 181 -22.52 -22.08 15.60
N CYS D 182 -21.61 -21.12 15.51
CA CYS D 182 -20.38 -21.26 14.73
C CYS D 182 -19.18 -21.43 15.68
N PRO D 183 -18.74 -22.68 15.91
CA PRO D 183 -17.52 -22.84 16.69
C PRO D 183 -16.36 -22.23 15.94
N GLY D 184 -15.42 -21.65 16.67
CA GLY D 184 -14.19 -21.14 16.08
C GLY D 184 -13.19 -22.30 15.87
N PHE D 185 -12.19 -22.35 16.73
CA PHE D 185 -11.24 -23.44 16.74
C PHE D 185 -11.38 -24.21 18.04
N ILE D 186 -11.90 -25.42 17.96
CA ILE D 186 -12.15 -26.27 19.13
C ILE D 186 -11.25 -27.50 19.10
N ASP D 187 -10.71 -27.84 20.26
CA ASP D 187 -9.87 -29.01 20.45
C ASP D 187 -10.69 -30.30 20.41
N THR D 188 -10.59 -31.03 19.30
CA THR D 188 -11.23 -32.35 19.12
C THR D 188 -10.28 -33.28 18.36
N ASP D 189 -10.72 -34.50 18.07
CA ASP D 189 -9.95 -35.44 17.21
C ASP D 189 -9.63 -34.87 15.81
N MET D 190 -10.58 -34.18 15.19
CA MET D 190 -10.38 -33.56 13.86
C MET D 190 -9.30 -32.47 13.85
N THR D 191 -9.29 -31.63 14.87
CA THR D 191 -8.29 -30.54 14.97
C THR D 191 -6.94 -30.98 15.56
N ARG D 192 -6.94 -32.04 16.35
CA ARG D 192 -5.69 -32.60 16.95
C ARG D 192 -4.79 -33.24 15.89
N GLY D 193 -5.36 -34.03 14.99
CA GLY D 193 -4.72 -34.57 13.78
C GLY D 193 -4.45 -33.54 12.69
N VAL D 194 -3.57 -32.59 12.99
CA VAL D 194 -3.16 -31.53 12.10
C VAL D 194 -1.69 -31.22 12.43
N PRO D 195 -0.86 -30.82 11.44
CA PRO D 195 0.54 -30.54 11.79
C PRO D 195 0.69 -29.50 12.90
N GLU D 196 1.62 -29.72 13.80
CA GLU D 196 1.75 -28.88 15.00
C GLU D 196 2.04 -27.41 14.64
N ASN D 197 2.75 -27.17 13.54
CA ASN D 197 2.99 -25.82 13.02
C ASN D 197 1.69 -25.08 12.67
N VAL D 198 0.72 -25.82 12.12
CA VAL D 198 -0.62 -25.29 11.79
C VAL D 198 -1.43 -24.93 13.02
N TRP D 199 -1.50 -25.87 13.96
CA TRP D 199 -2.14 -25.63 15.26
C TRP D 199 -1.68 -24.26 15.82
N GLN D 200 -0.37 -24.01 15.88
CA GLN D 200 0.14 -22.74 16.44
C GLN D 200 -0.34 -21.49 15.70
N ILE D 201 -0.54 -21.62 14.39
CA ILE D 201 -1.04 -20.52 13.58
C ILE D 201 -2.49 -20.22 13.94
N MET D 202 -3.30 -21.29 14.07
CA MET D 202 -4.69 -21.12 14.49
C MET D 202 -4.79 -20.50 15.89
N ILE D 203 -3.98 -20.97 16.85
CA ILE D 203 -3.95 -20.37 18.20
C ILE D 203 -3.63 -18.86 18.17
N SER D 204 -2.69 -18.46 17.31
CA SER D 204 -2.30 -17.05 17.26
C SER D 204 -3.38 -16.14 16.68
N LYS D 205 -4.33 -16.72 15.96
CA LYS D 205 -5.53 -16.02 15.49
C LYS D 205 -6.63 -15.84 16.55
N ILE D 206 -6.53 -16.50 17.71
CA ILE D 206 -7.62 -16.51 18.69
C ILE D 206 -7.28 -15.51 19.80
N PRO D 207 -8.00 -14.36 19.86
CA PRO D 207 -7.68 -13.40 20.91
C PRO D 207 -7.64 -13.97 22.34
N ALA D 208 -8.52 -14.92 22.66
CA ALA D 208 -8.49 -15.58 23.97
C ALA D 208 -7.19 -16.35 24.29
N GLY D 209 -6.45 -16.74 23.26
CA GLY D 209 -5.12 -17.35 23.42
C GLY D 209 -5.07 -18.86 23.55
N TYR D 210 -6.22 -19.54 23.45
CA TYR D 210 -6.28 -21.00 23.55
C TYR D 210 -7.41 -21.55 22.70
N ALA D 211 -7.31 -22.82 22.35
CA ALA D 211 -8.38 -23.53 21.66
C ALA D 211 -9.49 -23.87 22.62
N GLY D 212 -10.73 -23.76 22.15
CA GLY D 212 -11.89 -24.01 22.99
C GLY D 212 -12.06 -25.50 23.17
N GLU D 213 -12.94 -25.86 24.11
CA GLU D 213 -13.24 -27.26 24.38
C GLU D 213 -14.66 -27.53 23.92
N ALA D 214 -14.96 -28.81 23.76
CA ALA D 214 -16.29 -29.24 23.37
C ALA D 214 -17.37 -28.68 24.29
N LYS D 215 -17.08 -28.61 25.60
CA LYS D 215 -18.05 -28.13 26.58
C LYS D 215 -18.40 -26.64 26.42
N ASP D 216 -17.52 -25.84 25.82
CA ASP D 216 -17.83 -24.44 25.58
C ASP D 216 -18.99 -24.31 24.57
N VAL D 217 -18.95 -25.15 23.54
CA VAL D 217 -20.05 -25.22 22.58
C VAL D 217 -21.30 -25.78 23.26
N GLY D 218 -21.10 -26.80 24.09
CA GLY D 218 -22.18 -27.43 24.86
C GLY D 218 -22.97 -26.48 25.74
N GLU D 219 -22.25 -25.57 26.40
CA GLU D 219 -22.88 -24.60 27.30
C GLU D 219 -23.80 -23.66 26.53
N CYS D 220 -23.36 -23.23 25.36
CA CYS D 220 -24.16 -22.38 24.51
C CYS D 220 -25.40 -23.10 23.95
N VAL D 221 -25.24 -24.37 23.57
CA VAL D 221 -26.37 -25.20 23.15
C VAL D 221 -27.39 -25.33 24.28
N ALA D 222 -26.92 -25.61 25.48
CA ALA D 222 -27.80 -25.81 26.64
C ALA D 222 -28.61 -24.56 26.97
N PHE D 223 -27.96 -23.40 26.87
CA PHE D 223 -28.65 -22.13 27.03
C PHE D 223 -29.73 -21.92 25.96
N LEU D 224 -29.39 -22.10 24.69
CA LEU D 224 -30.35 -21.92 23.61
C LEU D 224 -31.52 -22.91 23.71
N ALA D 225 -31.25 -24.09 24.25
CA ALA D 225 -32.25 -25.12 24.43
C ALA D 225 -33.23 -24.84 25.59
N SER D 226 -32.85 -23.98 26.52
CA SER D 226 -33.67 -23.68 27.68
C SER D 226 -34.82 -22.73 27.36
N ASP D 227 -35.77 -22.63 28.30
CA ASP D 227 -36.91 -21.69 28.19
C ASP D 227 -36.45 -20.22 28.25
N GLY D 228 -35.36 -19.94 28.94
CA GLY D 228 -34.77 -18.59 28.96
C GLY D 228 -34.27 -18.01 27.65
N ALA D 229 -34.12 -18.85 26.63
CA ALA D 229 -33.72 -18.41 25.29
C ALA D 229 -34.87 -18.49 24.29
N ARG D 230 -36.10 -18.47 24.79
CA ARG D 230 -37.30 -18.52 23.93
C ARG D 230 -37.39 -17.39 22.93
N TYR D 231 -36.79 -16.25 23.26
CA TYR D 231 -36.86 -15.05 22.42
C TYR D 231 -35.61 -14.84 21.55
N ILE D 232 -34.70 -15.82 21.54
CA ILE D 232 -33.56 -15.84 20.62
C ILE D 232 -33.89 -16.79 19.49
N ASN D 233 -33.91 -16.29 18.26
CA ASN D 233 -34.37 -17.05 17.13
C ASN D 233 -33.70 -16.55 15.84
N GLY D 234 -33.21 -17.49 15.04
CA GLY D 234 -32.51 -17.16 13.81
C GLY D 234 -31.13 -16.55 13.97
N GLU D 235 -30.52 -16.75 15.15
CA GLU D 235 -29.20 -16.17 15.46
C GLU D 235 -28.07 -17.07 15.03
N VAL D 236 -26.93 -16.43 14.76
CA VAL D 236 -25.68 -17.09 14.52
C VAL D 236 -24.75 -16.63 15.63
N ILE D 237 -24.47 -17.51 16.59
CA ILE D 237 -23.61 -17.19 17.71
C ILE D 237 -22.24 -17.83 17.53
N ASN D 238 -21.19 -17.01 17.47
CA ASN D 238 -19.82 -17.54 17.42
C ASN D 238 -19.32 -17.94 18.79
N VAL D 239 -18.78 -19.15 18.89
CA VAL D 239 -18.16 -19.67 20.09
C VAL D 239 -16.71 -19.96 19.70
N GLY D 240 -15.91 -18.88 19.68
CA GLY D 240 -14.54 -18.96 19.20
C GLY D 240 -13.52 -18.10 19.89
N GLY D 241 -13.76 -17.71 21.14
CA GLY D 241 -12.84 -16.84 21.87
C GLY D 241 -12.46 -15.54 21.19
N GLY D 242 -13.40 -14.99 20.41
CA GLY D 242 -13.22 -13.74 19.67
C GLY D 242 -12.57 -13.88 18.30
N MET D 243 -12.39 -15.10 17.85
CA MET D 243 -11.63 -15.36 16.65
C MET D 243 -12.39 -14.95 15.39
N VAL D 244 -11.76 -14.08 14.60
CA VAL D 244 -12.26 -13.69 13.29
C VAL D 244 -11.45 -14.43 12.24
N LEU D 245 -12.07 -15.43 11.64
CA LEU D 245 -11.39 -16.25 10.63
C LEU D 245 -11.11 -15.43 9.37
N MET E 2 53.65 20.69 8.92
CA MET E 2 52.70 19.75 8.24
C MET E 2 51.57 19.26 9.19
N ALA E 3 50.71 20.19 9.59
CA ALA E 3 49.69 19.93 10.62
C ALA E 3 48.57 18.94 10.24
N LEU E 4 48.36 18.70 8.94
CA LEU E 4 47.24 17.86 8.49
C LEU E 4 47.70 16.64 7.69
N ALA E 5 48.94 16.21 7.93
CA ALA E 5 49.50 15.03 7.28
C ALA E 5 48.62 13.80 7.54
N SER E 6 48.42 12.98 6.52
CA SER E 6 47.56 11.78 6.60
C SER E 6 46.09 12.09 6.91
N LYS E 7 45.62 13.28 6.53
CA LYS E 7 44.19 13.60 6.66
C LYS E 7 43.58 13.82 5.29
N THR E 8 42.31 13.44 5.18
CA THR E 8 41.55 13.56 3.95
C THR E 8 40.48 14.63 4.13
N ALA E 9 40.45 15.57 3.20
CA ALA E 9 39.52 16.69 3.26
C ALA E 9 38.71 16.80 1.99
N ILE E 10 37.41 17.00 2.13
CA ILE E 10 36.56 17.42 1.03
C ILE E 10 36.34 18.93 1.18
N VAL E 11 36.58 19.67 0.10
CA VAL E 11 36.27 21.09 0.04
C VAL E 11 35.28 21.30 -1.09
N THR E 12 34.04 21.67 -0.75
CA THR E 12 33.06 21.93 -1.79
C THR E 12 33.31 23.31 -2.38
N GLY E 13 33.00 23.46 -3.67
CA GLY E 13 33.16 24.73 -4.37
C GLY E 13 34.61 25.14 -4.56
N ALA E 14 35.50 24.14 -4.64
CA ALA E 14 36.94 24.37 -4.65
C ALA E 14 37.58 24.48 -6.04
N ALA E 15 36.76 24.57 -7.09
CA ALA E 15 37.27 24.83 -8.44
C ALA E 15 37.94 26.20 -8.59
N ARG E 16 37.45 27.18 -7.84
CA ARG E 16 37.99 28.55 -7.92
C ARG E 16 37.72 29.31 -6.61
N GLY E 17 38.25 30.53 -6.55
CA GLY E 17 37.95 31.46 -5.47
C GLY E 17 38.39 30.99 -4.09
N ILE E 18 37.56 31.25 -3.10
CA ILE E 18 37.86 30.94 -1.71
C ILE E 18 38.09 29.46 -1.53
N GLY E 19 37.20 28.66 -2.10
CA GLY E 19 37.34 27.20 -2.04
C GLY E 19 38.69 26.70 -2.52
N PHE E 20 39.15 27.24 -3.64
CA PHE E 20 40.42 26.84 -4.19
C PHE E 20 41.57 27.23 -3.26
N GLY E 21 41.53 28.46 -2.73
CA GLY E 21 42.49 28.92 -1.71
C GLY E 21 42.54 28.03 -0.47
N ILE E 22 41.37 27.62 0.01
CA ILE E 22 41.28 26.71 1.15
C ILE E 22 41.98 25.40 0.79
N ALA E 23 41.68 24.86 -0.37
CA ALA E 23 42.27 23.60 -0.84
C ALA E 23 43.80 23.67 -0.92
N GLN E 24 44.32 24.82 -1.34
CA GLN E 24 45.77 25.02 -1.42
C GLN E 24 46.44 24.95 -0.07
N VAL E 25 45.87 25.64 0.90
CA VAL E 25 46.39 25.68 2.26
C VAL E 25 46.30 24.30 2.90
N LEU E 26 45.18 23.60 2.74
CA LEU E 26 45.04 22.26 3.29
C LEU E 26 46.09 21.34 2.68
N ALA E 27 46.28 21.44 1.37
CA ALA E 27 47.31 20.68 0.66
C ALA E 27 48.71 21.01 1.13
N ARG E 28 49.00 22.30 1.32
CA ARG E 28 50.28 22.73 1.89
C ARG E 28 50.56 22.10 3.26
N GLU E 29 49.52 21.94 4.08
CA GLU E 29 49.67 21.32 5.39
C GLU E 29 49.55 19.78 5.35
N GLY E 30 49.51 19.19 4.16
CA GLY E 30 49.69 17.75 3.96
C GLY E 30 48.43 16.92 3.75
N ALA E 31 47.29 17.58 3.63
CA ALA E 31 46.03 16.87 3.46
C ALA E 31 45.90 16.37 2.04
N ARG E 32 45.22 15.24 1.90
CA ARG E 32 44.72 14.76 0.63
C ARG E 32 43.39 15.46 0.40
N VAL E 33 43.22 16.08 -0.75
CA VAL E 33 42.11 17.00 -0.98
C VAL E 33 41.20 16.53 -2.11
N ILE E 34 39.93 16.36 -1.80
CA ILE E 34 38.90 16.18 -2.80
C ILE E 34 38.36 17.56 -3.19
N ILE E 35 38.54 17.95 -4.45
CA ILE E 35 37.90 19.16 -4.99
C ILE E 35 36.50 18.73 -5.43
N ALA E 36 35.48 19.12 -4.67
CA ALA E 36 34.09 18.81 -5.02
C ALA E 36 33.47 20.07 -5.59
N ASP E 37 32.96 20.00 -6.82
CA ASP E 37 32.39 21.17 -7.49
C ASP E 37 31.44 20.73 -8.58
N ARG E 38 30.51 21.60 -8.93
CA ARG E 38 29.57 21.31 -10.03
C ARG E 38 30.21 21.60 -11.40
N ASP E 39 31.26 22.43 -11.42
CA ASP E 39 31.94 22.84 -12.63
C ASP E 39 33.19 22.01 -12.93
N ALA E 40 33.35 21.64 -14.20
CA ALA E 40 34.46 20.78 -14.63
C ALA E 40 35.86 21.42 -14.56
N HIS E 41 35.93 22.75 -14.40
CA HIS E 41 37.21 23.41 -14.07
C HIS E 41 37.82 22.87 -12.76
N GLY E 42 37.00 22.22 -11.94
CA GLY E 42 37.49 21.48 -10.78
C GLY E 42 38.61 20.49 -11.06
N GLU E 43 38.60 19.89 -12.25
CA GLU E 43 39.70 19.01 -12.68
C GLU E 43 41.03 19.76 -12.81
N ALA E 44 40.97 20.98 -13.34
CA ALA E 44 42.17 21.83 -13.47
C ALA E 44 42.72 22.25 -12.08
N ALA E 45 41.81 22.58 -11.18
CA ALA E 45 42.17 22.91 -9.80
C ALA E 45 42.88 21.75 -9.10
N ALA E 46 42.32 20.55 -9.23
CA ALA E 46 42.92 19.33 -8.69
C ALA E 46 44.29 19.06 -9.30
N ALA E 47 44.37 19.22 -10.62
CA ALA E 47 45.63 19.05 -11.35
C ALA E 47 46.69 20.03 -10.84
N SER E 48 46.29 21.28 -10.61
CA SER E 48 47.20 22.30 -10.08
C SER E 48 47.78 21.91 -8.71
N LEU E 49 46.96 21.31 -7.85
CA LEU E 49 47.43 20.81 -6.57
C LEU E 49 48.39 19.64 -6.74
N ARG E 50 48.08 18.74 -7.68
CA ARG E 50 48.95 17.59 -7.98
C ARG E 50 50.32 18.05 -8.50
N GLU E 51 50.31 19.04 -9.41
CA GLU E 51 51.55 19.64 -9.92
C GLU E 51 52.43 20.28 -8.84
N SER E 52 51.83 20.74 -7.74
CA SER E 52 52.59 21.27 -6.60
C SER E 52 53.08 20.19 -5.62
N GLY E 53 52.76 18.92 -5.86
CA GLY E 53 53.25 17.80 -5.04
C GLY E 53 52.24 17.18 -4.10
N ALA E 54 51.00 17.70 -4.10
CA ALA E 54 49.95 17.17 -3.23
C ALA E 54 49.16 16.05 -3.88
N GLN E 55 48.44 15.30 -3.07
CA GLN E 55 47.49 14.32 -3.57
C GLN E 55 46.12 14.99 -3.64
N ALA E 56 45.47 14.93 -4.80
CA ALA E 56 44.18 15.60 -5.01
C ALA E 56 43.37 14.95 -6.11
N LEU E 57 42.05 15.07 -6.00
CA LEU E 57 41.11 14.42 -6.91
C LEU E 57 39.89 15.32 -7.07
N PHE E 58 39.46 15.53 -8.31
CA PHE E 58 38.22 16.23 -8.59
C PHE E 58 37.09 15.22 -8.63
N ILE E 59 35.99 15.54 -7.95
CA ILE E 59 34.74 14.80 -8.09
C ILE E 59 33.63 15.78 -8.42
N SER E 60 32.95 15.54 -9.54
CA SER E 60 31.85 16.36 -9.98
C SER E 60 30.67 16.12 -9.03
N CYS E 61 30.06 17.20 -8.56
CA CYS E 61 28.99 17.13 -7.59
C CYS E 61 28.20 18.43 -7.50
N ASN E 62 26.87 18.29 -7.59
CA ASN E 62 25.97 19.39 -7.26
C ASN E 62 25.47 19.10 -5.83
N ILE E 63 25.89 19.92 -4.89
CA ILE E 63 25.59 19.67 -3.46
C ILE E 63 24.10 19.73 -3.11
N ALA E 64 23.29 20.36 -3.97
CA ALA E 64 21.83 20.40 -3.80
C ALA E 64 21.12 19.05 -4.03
N GLU E 65 21.81 18.08 -4.62
CA GLU E 65 21.26 16.74 -4.91
C GLU E 65 21.79 15.71 -3.95
N LYS E 66 20.92 15.17 -3.10
CA LYS E 66 21.35 14.19 -2.10
C LYS E 66 22.12 13.01 -2.72
N THR E 67 21.61 12.44 -3.80
CA THR E 67 22.23 11.26 -4.43
C THR E 67 23.66 11.54 -4.92
N GLN E 68 23.89 12.74 -5.47
CA GLN E 68 25.25 13.15 -5.85
C GLN E 68 26.19 13.37 -4.66
N VAL E 69 25.63 13.85 -3.55
CA VAL E 69 26.40 14.06 -2.32
C VAL E 69 26.77 12.70 -1.71
N GLU E 70 25.82 11.77 -1.68
CA GLU E 70 26.11 10.39 -1.24
C GLU E 70 27.23 9.77 -2.09
N ALA E 71 27.16 10.00 -3.40
CA ALA E 71 28.18 9.49 -4.32
C ALA E 71 29.54 10.16 -4.09
N LEU E 72 29.53 11.47 -3.85
CA LEU E 72 30.76 12.22 -3.52
C LEU E 72 31.52 11.61 -2.33
N PHE E 73 30.79 11.32 -1.25
CA PHE E 73 31.41 10.76 -0.06
C PHE E 73 31.88 9.30 -0.25
N SER E 74 31.08 8.49 -0.94
CA SER E 74 31.48 7.11 -1.29
C SER E 74 32.79 7.09 -2.06
N GLN E 75 32.82 7.81 -3.18
CA GLN E 75 34.02 7.86 -4.04
C GLN E 75 35.23 8.44 -3.32
N ALA E 76 35.01 9.54 -2.59
CA ALA E 76 36.09 10.18 -1.84
C ALA E 76 36.79 9.19 -0.91
N GLU E 77 35.99 8.39 -0.20
CA GLU E 77 36.51 7.41 0.76
C GLU E 77 37.16 6.20 0.09
N GLU E 78 36.61 5.75 -1.03
CA GLU E 78 37.26 4.72 -1.84
C GLU E 78 38.65 5.15 -2.30
N ALA E 79 38.78 6.41 -2.71
CA ALA E 79 40.05 6.94 -3.22
C ALA E 79 41.06 7.25 -2.12
N PHE E 80 40.67 8.06 -1.13
CA PHE E 80 41.60 8.57 -0.11
C PHE E 80 41.32 8.12 1.32
N GLY E 81 40.42 7.18 1.51
CA GLY E 81 40.10 6.69 2.87
C GLY E 81 39.20 7.66 3.65
N PRO E 82 38.95 7.37 4.93
CA PRO E 82 37.94 8.11 5.71
C PRO E 82 38.10 9.64 5.60
N VAL E 83 36.97 10.34 5.43
CA VAL E 83 36.98 11.80 5.37
C VAL E 83 37.08 12.38 6.78
N ASP E 84 38.22 13.01 7.07
CA ASP E 84 38.49 13.64 8.35
C ASP E 84 37.95 15.07 8.43
N ILE E 85 37.93 15.76 7.29
CA ILE E 85 37.61 17.19 7.22
C ILE E 85 36.62 17.45 6.10
N LEU E 86 35.50 18.11 6.40
CA LEU E 86 34.59 18.63 5.39
C LEU E 86 34.55 20.16 5.48
N VAL E 87 34.79 20.83 4.36
CA VAL E 87 34.66 22.28 4.27
C VAL E 87 33.53 22.58 3.30
N ASN E 88 32.44 23.11 3.84
CA ASN E 88 31.28 23.48 3.02
C ASN E 88 31.44 24.91 2.59
N ASN E 89 32.08 25.10 1.43
CA ASN E 89 32.36 26.41 0.87
C ASN E 89 31.43 26.78 -0.30
N ALA E 90 30.93 25.78 -1.04
CA ALA E 90 30.10 26.07 -2.21
C ALA E 90 28.94 26.96 -1.85
N GLY E 91 28.72 27.98 -2.69
CA GLY E 91 27.60 28.89 -2.53
C GLY E 91 27.41 29.79 -3.73
N ILE E 92 26.23 30.38 -3.82
CA ILE E 92 25.89 31.31 -4.90
C ILE E 92 25.16 32.52 -4.36
N ASN E 93 25.15 33.57 -5.19
CA ASN E 93 24.30 34.76 -4.96
C ASN E 93 23.30 34.89 -6.10
N ARG E 94 22.07 35.26 -5.76
CA ARG E 94 21.09 35.74 -6.71
C ARG E 94 20.39 36.92 -6.04
N ASP E 95 21.11 38.02 -5.97
CA ASP E 95 20.67 39.17 -5.19
C ASP E 95 19.48 39.87 -5.83
N ALA E 96 18.68 40.49 -4.96
CA ALA E 96 17.55 41.31 -5.32
C ALA E 96 16.97 41.87 -4.04
N MET E 97 16.40 43.07 -4.14
CA MET E 97 15.69 43.69 -3.03
C MET E 97 14.49 42.82 -2.63
N LEU E 98 14.07 42.93 -1.38
CA LEU E 98 13.02 42.09 -0.80
C LEU E 98 11.72 42.11 -1.60
N HIS E 99 11.32 43.31 -1.97
CA HIS E 99 10.12 43.54 -2.78
C HIS E 99 10.19 43.06 -4.24
N LYS E 100 11.38 42.75 -4.76
CA LYS E 100 11.55 42.28 -6.15
C LYS E 100 11.97 40.82 -6.32
N LEU E 101 12.42 40.17 -5.25
CA LEU E 101 13.06 38.86 -5.37
C LEU E 101 12.09 37.83 -5.93
N THR E 102 12.50 37.16 -6.99
CA THR E 102 11.64 36.16 -7.62
C THR E 102 11.70 34.88 -6.81
N GLU E 103 10.65 34.10 -6.93
CA GLU E 103 10.56 32.81 -6.28
C GLU E 103 11.70 31.87 -6.72
N ALA E 104 12.07 31.91 -7.99
CA ALA E 104 13.14 31.06 -8.53
C ALA E 104 14.48 31.42 -7.92
N ASP E 105 14.76 32.71 -7.80
CA ASP E 105 16.02 33.18 -7.22
C ASP E 105 16.10 32.92 -5.72
N TRP E 106 14.96 32.98 -5.02
CA TRP E 106 14.88 32.54 -3.64
C TRP E 106 15.22 31.06 -3.58
N ASP E 107 14.44 30.25 -4.31
CA ASP E 107 14.56 28.79 -4.27
C ASP E 107 16.00 28.31 -4.49
N THR E 108 16.63 28.81 -5.54
CA THR E 108 17.95 28.34 -5.95
C THR E 108 19.04 28.63 -4.87
N VAL E 109 19.03 29.82 -4.29
CA VAL E 109 20.00 30.18 -3.27
C VAL E 109 19.84 29.34 -1.98
N ILE E 110 18.60 29.16 -1.54
CA ILE E 110 18.33 28.29 -0.41
C ILE E 110 18.76 26.86 -0.70
N ASP E 111 18.43 26.39 -1.89
CA ASP E 111 18.69 25.01 -2.29
C ASP E 111 20.20 24.68 -2.26
N VAL E 112 21.02 25.59 -2.76
CA VAL E 112 22.48 25.38 -2.78
C VAL E 112 23.11 25.69 -1.43
N ASN E 113 22.92 26.92 -0.95
CA ASN E 113 23.66 27.41 0.21
C ASN E 113 23.24 26.75 1.51
N LEU E 114 21.95 26.54 1.67
CA LEU E 114 21.41 26.04 2.92
C LEU E 114 21.21 24.52 2.85
N LYS E 115 20.34 24.07 1.96
CA LYS E 115 20.06 22.64 1.83
C LYS E 115 21.30 21.85 1.41
N GLY E 116 22.05 22.38 0.46
CA GLY E 116 23.29 21.70 0.02
C GLY E 116 24.27 21.52 1.14
N THR E 117 24.44 22.56 1.94
CA THR E 117 25.31 22.51 3.11
C THR E 117 24.81 21.46 4.10
N PHE E 118 23.50 21.43 4.34
CA PHE E 118 22.88 20.39 5.19
C PHE E 118 23.19 18.98 4.70
N LEU E 119 22.99 18.73 3.42
CA LEU E 119 23.19 17.40 2.85
C LEU E 119 24.61 16.90 3.06
N CYS E 120 25.58 17.78 2.85
CA CYS E 120 26.99 17.44 3.06
C CYS E 120 27.31 17.22 4.54
N MET E 121 26.84 18.13 5.39
CA MET E 121 26.99 17.98 6.84
C MET E 121 26.44 16.64 7.33
N GLN E 122 25.29 16.25 6.79
CA GLN E 122 24.63 14.99 7.14
C GLN E 122 25.50 13.78 6.81
N GLN E 123 26.04 13.76 5.59
CA GLN E 123 26.94 12.68 5.18
C GLN E 123 28.19 12.61 6.04
N ALA E 124 28.75 13.76 6.35
CA ALA E 124 29.92 13.81 7.23
C ALA E 124 29.57 13.28 8.63
N ALA E 125 28.41 13.70 9.12
CA ALA E 125 27.97 13.38 10.48
C ALA E 125 27.73 11.88 10.66
N ILE E 126 27.06 11.27 9.68
CA ILE E 126 26.81 9.82 9.68
C ILE E 126 28.11 9.03 9.89
N ARG E 127 29.16 9.46 9.20
CA ARG E 127 30.45 8.80 9.26
C ARG E 127 31.26 9.18 10.49
N MET E 128 31.38 10.49 10.71
CA MET E 128 32.23 10.99 11.79
C MET E 128 31.77 10.59 13.18
N ARG E 129 30.46 10.51 13.41
CA ARG E 129 29.98 10.12 14.73
C ARG E 129 30.31 8.67 15.10
N GLU E 130 30.41 7.78 14.09
CA GLU E 130 30.87 6.39 14.31
C GLU E 130 32.38 6.30 14.53
N ARG E 131 33.18 7.09 13.80
CA ARG E 131 34.65 7.08 13.95
C ARG E 131 35.16 7.75 15.23
N GLY E 132 34.34 8.60 15.85
CA GLY E 132 34.78 9.34 17.04
C GLY E 132 35.80 10.45 16.78
N ALA E 133 35.82 10.98 15.55
CA ALA E 133 36.70 12.09 15.17
C ALA E 133 36.16 12.77 13.92
N GLY E 134 36.51 14.04 13.76
CA GLY E 134 36.11 14.79 12.57
C GLY E 134 36.13 16.30 12.70
N ARG E 135 36.10 16.94 11.54
CA ARG E 135 36.04 18.39 11.43
C ARG E 135 35.06 18.77 10.34
N ILE E 136 34.10 19.62 10.70
CA ILE E 136 33.21 20.24 9.73
C ILE E 136 33.39 21.74 9.87
N ILE E 137 33.67 22.40 8.75
CA ILE E 137 33.89 23.84 8.72
C ILE E 137 33.02 24.44 7.62
N ASN E 138 32.09 25.30 8.01
CA ASN E 138 31.14 25.88 7.08
C ASN E 138 31.55 27.31 6.79
N ILE E 139 31.51 27.67 5.51
CA ILE E 139 31.78 29.03 5.10
C ILE E 139 30.43 29.72 5.04
N ALA E 140 30.21 30.65 5.94
CA ALA E 140 28.99 31.41 5.99
C ALA E 140 29.28 32.74 5.26
N SER E 141 28.97 33.88 5.88
CA SER E 141 29.22 35.20 5.29
C SER E 141 28.92 36.24 6.35
N ALA E 142 29.59 37.37 6.23
CA ALA E 142 29.24 38.56 7.02
C ALA E 142 27.79 39.00 6.84
N SER E 143 27.18 38.61 5.72
CA SER E 143 25.78 38.93 5.44
C SER E 143 24.76 38.20 6.31
N TRP E 144 25.19 37.28 7.19
CA TRP E 144 24.24 36.53 8.02
C TRP E 144 23.47 37.38 9.02
N LEU E 145 24.04 38.54 9.38
CA LEU E 145 23.33 39.51 10.20
C LEU E 145 22.76 40.67 9.38
N GLY E 146 22.48 40.41 8.11
CA GLY E 146 21.79 41.34 7.27
C GLY E 146 22.67 42.04 6.26
N ASN E 147 22.10 42.24 5.07
CA ASN E 147 22.73 43.01 4.03
C ASN E 147 21.70 43.37 2.98
N VAL E 148 21.74 44.63 2.56
CA VAL E 148 20.85 45.13 1.52
C VAL E 148 20.94 44.25 0.26
N GLY E 149 19.79 43.89 -0.28
CA GLY E 149 19.72 43.13 -1.52
C GLY E 149 19.93 41.64 -1.39
N GLN E 150 19.95 41.14 -0.15
CA GLN E 150 20.36 39.77 0.10
C GLN E 150 19.40 39.04 1.05
N THR E 151 18.11 39.23 0.86
CA THR E 151 17.12 38.48 1.62
C THR E 151 17.39 36.97 1.55
N ASN E 152 17.56 36.45 0.34
CA ASN E 152 17.80 35.02 0.16
C ASN E 152 19.17 34.58 0.67
N TYR E 153 20.20 35.36 0.36
CA TYR E 153 21.57 35.01 0.74
C TYR E 153 21.77 35.06 2.27
N SER E 154 21.29 36.14 2.89
CA SER E 154 21.40 36.29 4.33
C SER E 154 20.61 35.20 5.07
N ALA E 155 19.43 34.88 4.57
CA ALA E 155 18.64 33.78 5.12
C ALA E 155 19.46 32.50 5.09
N SER E 156 20.06 32.23 3.94
CA SER E 156 20.78 30.99 3.73
C SER E 156 22.00 30.88 4.62
N LYS E 157 22.73 31.98 4.76
CA LYS E 157 23.98 31.96 5.53
C LYS E 157 23.75 32.00 7.04
N ALA E 158 22.74 32.73 7.50
CA ALA E 158 22.32 32.65 8.92
C ALA E 158 21.86 31.23 9.24
N GLY E 159 21.12 30.64 8.32
CA GLY E 159 20.74 29.23 8.43
C GLY E 159 21.93 28.33 8.62
N VAL E 160 22.98 28.55 7.85
CA VAL E 160 24.19 27.78 8.01
C VAL E 160 24.77 27.93 9.42
N VAL E 161 24.73 29.14 9.96
CA VAL E 161 25.22 29.35 11.33
C VAL E 161 24.39 28.56 12.34
N GLY E 162 23.07 28.59 12.20
CA GLY E 162 22.19 27.81 13.05
C GLY E 162 22.49 26.31 13.06
N MET E 163 22.67 25.75 11.86
CA MET E 163 23.00 24.33 11.71
C MET E 163 24.34 23.99 12.31
N THR E 164 25.30 24.89 12.11
CA THR E 164 26.65 24.76 12.68
C THR E 164 26.56 24.58 14.19
N LYS E 165 25.79 25.42 14.84
CA LYS E 165 25.68 25.39 16.29
C LYS E 165 24.90 24.16 16.78
N THR E 166 23.85 23.80 16.04
CA THR E 166 23.12 22.57 16.30
C THR E 166 24.04 21.34 16.21
N ALA E 167 24.81 21.26 15.13
CA ALA E 167 25.68 20.13 14.91
C ALA E 167 26.78 20.03 15.97
N CYS E 168 27.28 21.18 16.42
CA CYS E 168 28.23 21.19 17.53
C CYS E 168 27.63 20.48 18.76
N ARG E 169 26.40 20.82 19.09
CA ARG E 169 25.73 20.21 20.24
C ARG E 169 25.51 18.70 20.11
N GLU E 170 25.19 18.23 18.91
CA GLU E 170 24.97 16.81 18.63
C GLU E 170 26.25 15.98 18.53
N LEU E 171 27.34 16.59 18.07
CA LEU E 171 28.54 15.85 17.70
C LEU E 171 29.76 16.08 18.57
N ALA E 172 29.73 17.08 19.45
CA ALA E 172 30.94 17.45 20.20
C ALA E 172 31.46 16.31 21.06
N LYS E 173 30.54 15.62 21.73
CA LYS E 173 30.88 14.49 22.62
C LYS E 173 31.46 13.29 21.86
N LYS E 174 31.20 13.22 20.55
CA LYS E 174 31.81 12.21 19.67
C LYS E 174 33.20 12.64 19.13
N GLY E 175 33.82 13.67 19.68
CA GLY E 175 35.15 14.13 19.23
C GLY E 175 35.21 14.91 17.92
N VAL E 176 34.04 15.42 17.48
CA VAL E 176 33.91 16.18 16.24
C VAL E 176 33.72 17.65 16.58
N THR E 177 34.37 18.53 15.82
CA THR E 177 34.05 19.97 15.91
C THR E 177 33.36 20.44 14.65
N VAL E 178 32.41 21.36 14.86
CA VAL E 178 31.67 21.99 13.79
C VAL E 178 31.73 23.49 14.02
N ASN E 179 32.34 24.20 13.09
CA ASN E 179 32.53 25.65 13.20
C ASN E 179 32.19 26.33 11.89
N ALA E 180 31.96 27.63 11.98
CA ALA E 180 31.67 28.45 10.82
C ALA E 180 32.66 29.60 10.70
N ILE E 181 33.08 29.88 9.47
CA ILE E 181 33.87 31.06 9.15
C ILE E 181 32.98 32.00 8.33
N CYS E 182 32.95 33.27 8.72
CA CYS E 182 32.30 34.34 7.94
C CYS E 182 33.35 35.23 7.27
N PRO E 183 33.66 34.98 5.99
CA PRO E 183 34.55 35.92 5.31
C PRO E 183 33.89 37.28 5.20
N GLY E 184 34.70 38.33 5.30
CA GLY E 184 34.21 39.69 5.11
C GLY E 184 34.17 40.05 3.65
N PHE E 185 35.13 40.87 3.19
CA PHE E 185 35.26 41.25 1.79
C PHE E 185 36.56 40.63 1.28
N ILE E 186 36.43 39.61 0.43
CA ILE E 186 37.56 38.85 -0.09
C ILE E 186 37.70 39.09 -1.60
N ASP E 187 38.95 39.28 -2.02
CA ASP E 187 39.31 39.46 -3.42
C ASP E 187 39.19 38.15 -4.20
N THR E 188 38.13 38.06 -5.01
CA THR E 188 37.86 36.92 -5.92
C THR E 188 37.32 37.47 -7.24
N ASP E 189 36.98 36.58 -8.18
CA ASP E 189 36.33 36.98 -9.46
C ASP E 189 35.00 37.75 -9.25
N MET E 190 34.18 37.31 -8.28
CA MET E 190 32.90 37.97 -7.98
C MET E 190 33.06 39.43 -7.49
N THR E 191 34.05 39.67 -6.62
CA THR E 191 34.29 40.99 -6.05
C THR E 191 35.14 41.90 -6.98
N ARG E 192 35.97 41.30 -7.84
N ARG E 192 35.97 41.30 -7.84
CA ARG E 192 36.86 42.06 -8.74
CA ARG E 192 36.85 42.06 -8.73
C ARG E 192 36.13 42.87 -9.80
C ARG E 192 36.14 42.87 -9.80
N GLY E 193 35.14 42.25 -10.46
CA GLY E 193 34.48 42.89 -11.64
C GLY E 193 33.49 43.99 -11.32
N VAL E 194 34.01 45.10 -10.82
CA VAL E 194 33.20 46.22 -10.27
C VAL E 194 34.05 47.49 -10.55
N PRO E 195 33.40 48.64 -10.79
CA PRO E 195 34.21 49.84 -11.04
C PRO E 195 35.19 50.16 -9.91
N GLU E 196 36.41 50.58 -10.26
CA GLU E 196 37.45 50.81 -9.30
C GLU E 196 37.10 51.84 -8.20
N ASN E 197 36.29 52.83 -8.54
CA ASN E 197 35.76 53.81 -7.57
C ASN E 197 34.93 53.13 -6.45
N VAL E 198 34.15 52.11 -6.84
CA VAL E 198 33.33 51.34 -5.91
C VAL E 198 34.19 50.48 -4.98
N TRP E 199 35.12 49.74 -5.57
CA TRP E 199 36.09 48.97 -4.82
C TRP E 199 36.69 49.81 -3.69
N GLN E 200 37.17 51.01 -3.98
CA GLN E 200 37.78 51.88 -2.93
C GLN E 200 36.83 52.23 -1.79
N ILE E 201 35.54 52.33 -2.08
CA ILE E 201 34.52 52.60 -1.06
C ILE E 201 34.38 51.38 -0.13
N MET E 202 34.32 50.20 -0.72
CA MET E 202 34.30 48.95 0.05
C MET E 202 35.56 48.79 0.93
N ILE E 203 36.73 49.06 0.36
CA ILE E 203 38.00 49.04 1.13
C ILE E 203 37.99 50.00 2.32
N SER E 204 37.41 51.18 2.17
CA SER E 204 37.39 52.18 3.25
C SER E 204 36.48 51.76 4.40
N LYS E 205 35.54 50.83 4.14
CA LYS E 205 34.75 50.19 5.20
C LYS E 205 35.46 49.07 6.01
N ILE E 206 36.64 48.65 5.56
CA ILE E 206 37.42 47.60 6.23
C ILE E 206 38.49 48.22 7.09
N PRO E 207 38.36 48.17 8.42
CA PRO E 207 39.42 48.82 9.25
C PRO E 207 40.86 48.45 8.89
N ALA E 208 41.12 47.19 8.52
CA ALA E 208 42.47 46.79 8.10
C ALA E 208 43.00 47.50 6.85
N GLY E 209 42.10 48.04 6.02
CA GLY E 209 42.48 48.87 4.87
C GLY E 209 42.81 48.14 3.56
N TYR E 210 42.52 46.84 3.50
CA TYR E 210 42.68 46.06 2.28
C TYR E 210 41.68 44.90 2.27
N ALA E 211 41.39 44.38 1.08
CA ALA E 211 40.57 43.20 0.91
C ALA E 211 41.36 41.97 1.22
N GLY E 212 40.73 40.99 1.84
CA GLY E 212 41.37 39.72 2.14
C GLY E 212 41.55 38.89 0.90
N GLU E 213 42.38 37.87 1.00
CA GLU E 213 42.62 36.93 -0.08
C GLU E 213 42.03 35.58 0.31
N ALA E 214 41.85 34.71 -0.67
CA ALA E 214 41.34 33.39 -0.43
C ALA E 214 42.16 32.64 0.63
N LYS E 215 43.48 32.82 0.63
CA LYS E 215 44.37 32.16 1.56
C LYS E 215 44.17 32.59 3.03
N ASP E 216 43.64 33.78 3.28
CA ASP E 216 43.33 34.21 4.65
C ASP E 216 42.22 33.35 5.23
N VAL E 217 41.21 33.04 4.43
CA VAL E 217 40.15 32.12 4.83
C VAL E 217 40.74 30.71 5.01
N GLY E 218 41.61 30.31 4.07
CA GLY E 218 42.29 29.03 4.11
C GLY E 218 43.09 28.76 5.37
N GLU E 219 43.78 29.78 5.85
CA GLU E 219 44.60 29.67 7.06
C GLU E 219 43.74 29.39 8.28
N CYS E 220 42.60 30.06 8.37
CA CYS E 220 41.66 29.84 9.45
C CYS E 220 41.02 28.44 9.39
N VAL E 221 40.69 27.98 8.19
CA VAL E 221 40.18 26.61 8.00
C VAL E 221 41.23 25.60 8.46
N ALA E 222 42.48 25.80 8.06
CA ALA E 222 43.56 24.86 8.40
C ALA E 222 43.78 24.76 9.91
N PHE E 223 43.71 25.90 10.58
CA PHE E 223 43.78 25.92 12.04
C PHE E 223 42.62 25.16 12.69
N LEU E 224 41.39 25.45 12.28
CA LEU E 224 40.23 24.77 12.86
C LEU E 224 40.25 23.27 12.58
N ALA E 225 40.83 22.88 11.44
CA ALA E 225 40.95 21.48 11.07
C ALA E 225 42.00 20.71 11.85
N SER E 226 42.95 21.40 12.47
CA SER E 226 44.04 20.77 13.21
C SER E 226 43.60 20.25 14.58
N ASP E 227 44.46 19.44 15.19
CA ASP E 227 44.23 18.90 16.55
C ASP E 227 44.27 20.01 17.61
N GLY E 228 45.06 21.06 17.36
CA GLY E 228 45.11 22.23 18.25
C GLY E 228 43.82 23.03 18.44
N ALA E 229 42.83 22.81 17.57
CA ALA E 229 41.53 23.47 17.66
C ALA E 229 40.44 22.50 18.10
N ARG E 230 40.82 21.41 18.75
CA ARG E 230 39.87 20.41 19.24
C ARG E 230 38.84 20.95 20.22
N TYR E 231 39.21 22.03 20.92
CA TYR E 231 38.34 22.61 21.94
C TYR E 231 37.56 23.85 21.45
N ILE E 232 37.64 24.14 20.15
CA ILE E 232 36.84 25.19 19.52
C ILE E 232 35.70 24.51 18.78
N ASN E 233 34.47 24.84 19.15
CA ASN E 233 33.30 24.15 18.66
C ASN E 233 32.08 25.06 18.69
N GLY E 234 31.35 25.07 17.58
CA GLY E 234 30.16 25.92 17.45
C GLY E 234 30.44 27.40 17.30
N GLU E 235 31.67 27.75 16.90
CA GLU E 235 32.07 29.16 16.75
C GLU E 235 31.75 29.72 15.38
N VAL E 236 31.58 31.04 15.38
CA VAL E 236 31.47 31.81 14.16
C VAL E 236 32.66 32.76 14.18
N ILE E 237 33.65 32.51 13.35
CA ILE E 237 34.85 33.33 13.28
C ILE E 237 34.81 34.21 12.03
N ASN E 238 34.82 35.54 12.22
CA ASN E 238 34.91 36.47 11.09
C ASN E 238 36.35 36.60 10.61
N VAL E 239 36.51 36.48 9.29
CA VAL E 239 37.79 36.69 8.62
C VAL E 239 37.54 37.85 7.64
N GLY E 240 37.56 39.06 8.18
CA GLY E 240 37.16 40.25 7.47
C GLY E 240 37.89 41.53 7.83
N GLY E 241 39.10 41.43 8.36
CA GLY E 241 39.87 42.59 8.77
C GLY E 241 39.19 43.59 9.68
N GLY E 242 38.28 43.09 10.53
CA GLY E 242 37.52 43.94 11.47
C GLY E 242 36.27 44.56 10.92
N MET E 243 35.90 44.16 9.72
CA MET E 243 34.78 44.80 9.01
C MET E 243 33.45 44.40 9.60
N VAL E 244 32.67 45.39 10.02
CA VAL E 244 31.31 45.20 10.50
C VAL E 244 30.38 45.63 9.37
N LEU E 245 29.77 44.63 8.72
CA LEU E 245 28.85 44.86 7.61
C LEU E 245 27.59 45.59 8.08
N MET F 2 -5.25 52.27 24.43
CA MET F 2 -5.58 51.82 23.04
C MET F 2 -4.50 52.22 22.01
N ALA F 3 -3.32 51.64 22.14
CA ALA F 3 -2.15 52.03 21.35
C ALA F 3 -2.22 51.74 19.83
N LEU F 4 -3.09 50.81 19.40
CA LEU F 4 -3.13 50.39 18.01
C LEU F 4 -4.50 50.65 17.37
N ALA F 5 -5.24 51.62 17.90
CA ALA F 5 -6.55 51.98 17.36
C ALA F 5 -6.43 52.38 15.89
N SER F 6 -7.39 51.96 15.08
CA SER F 6 -7.39 52.21 13.63
C SER F 6 -6.20 51.61 12.88
N LYS F 7 -5.63 50.52 13.40
CA LYS F 7 -4.57 49.80 12.69
C LYS F 7 -5.05 48.41 12.31
N THR F 8 -4.56 47.93 11.18
CA THR F 8 -4.89 46.62 10.66
C THR F 8 -3.67 45.73 10.74
N ALA F 9 -3.85 44.56 11.35
CA ALA F 9 -2.76 43.61 11.56
C ALA F 9 -3.11 42.25 10.98
N ILE F 10 -2.16 41.66 10.26
CA ILE F 10 -2.22 40.25 9.92
C ILE F 10 -1.31 39.50 10.88
N VAL F 11 -1.85 38.44 11.50
CA VAL F 11 -1.06 37.54 12.33
C VAL F 11 -1.15 36.16 11.72
N THR F 12 -0.04 35.65 11.18
CA THR F 12 -0.05 34.30 10.63
C THR F 12 0.03 33.30 11.76
N GLY F 13 -0.60 32.14 11.56
CA GLY F 13 -0.58 31.06 12.55
C GLY F 13 -1.36 31.39 13.81
N ALA F 14 -2.38 32.25 13.67
CA ALA F 14 -3.10 32.78 14.82
C ALA F 14 -4.37 32.00 15.22
N ALA F 15 -4.57 30.81 14.64
CA ALA F 15 -5.65 29.92 15.07
C ALA F 15 -5.51 29.45 16.52
N ARG F 16 -4.27 29.27 16.97
CA ARG F 16 -3.99 28.78 18.32
C ARG F 16 -2.61 29.23 18.80
N GLY F 17 -2.31 28.90 20.05
CA GLY F 17 -0.97 29.07 20.61
C GLY F 17 -0.53 30.53 20.67
N ILE F 18 0.75 30.74 20.38
CA ILE F 18 1.36 32.07 20.51
C ILE F 18 0.65 33.06 19.57
N GLY F 19 0.41 32.63 18.33
CA GLY F 19 -0.28 33.47 17.37
C GLY F 19 -1.61 33.99 17.86
N PHE F 20 -2.39 33.11 18.49
CA PHE F 20 -3.69 33.49 19.01
C PHE F 20 -3.54 34.50 20.15
N GLY F 21 -2.61 34.25 21.07
CA GLY F 21 -2.28 35.21 22.12
C GLY F 21 -1.86 36.60 21.60
N ILE F 22 -1.04 36.61 20.55
CA ILE F 22 -0.64 37.85 19.90
C ILE F 22 -1.87 38.58 19.39
N ALA F 23 -2.74 37.85 18.69
CA ALA F 23 -3.97 38.42 18.13
C ALA F 23 -4.88 39.02 19.20
N GLN F 24 -4.94 38.38 20.37
CA GLN F 24 -5.75 38.89 21.48
C GLN F 24 -5.25 40.23 21.98
N VAL F 25 -3.94 40.31 22.19
CA VAL F 25 -3.31 41.54 22.68
C VAL F 25 -3.45 42.67 21.65
N LEU F 26 -3.22 42.37 20.38
CA LEU F 26 -3.39 43.39 19.35
C LEU F 26 -4.83 43.89 19.33
N ALA F 27 -5.77 42.97 19.43
CA ALA F 27 -7.20 43.31 19.49
C ALA F 27 -7.55 44.14 20.73
N ARG F 28 -7.00 43.76 21.88
CA ARG F 28 -7.15 44.55 23.10
C ARG F 28 -6.67 45.99 22.94
N GLU F 29 -5.59 46.19 22.19
CA GLU F 29 -5.07 47.53 21.94
C GLU F 29 -5.72 48.21 20.73
N GLY F 30 -6.77 47.62 20.17
CA GLY F 30 -7.67 48.29 19.21
C GLY F 30 -7.48 47.96 17.74
N ALA F 31 -6.60 47.02 17.44
CA ALA F 31 -6.31 46.66 16.07
C ALA F 31 -7.43 45.81 15.49
N ARG F 32 -7.65 45.97 14.20
CA ARG F 32 -8.45 45.04 13.41
C ARG F 32 -7.51 43.92 13.01
N VAL F 33 -7.90 42.68 13.26
CA VAL F 33 -6.99 41.55 13.16
C VAL F 33 -7.43 40.53 12.12
N ILE F 34 -6.57 40.25 11.16
CA ILE F 34 -6.74 39.14 10.25
C ILE F 34 -6.05 37.92 10.88
N ILE F 35 -6.82 36.88 11.18
CA ILE F 35 -6.27 35.58 11.59
C ILE F 35 -5.96 34.84 10.30
N ALA F 36 -4.68 34.72 9.96
CA ALA F 36 -4.26 33.97 8.78
C ALA F 36 -3.70 32.65 9.24
N ASP F 37 -4.27 31.55 8.74
CA ASP F 37 -3.86 30.21 9.18
C ASP F 37 -4.23 29.20 8.13
N ARG F 38 -3.51 28.07 8.11
CA ARG F 38 -3.85 26.99 7.18
C ARG F 38 -5.03 26.14 7.68
N ASP F 39 -5.27 26.19 8.99
CA ASP F 39 -6.33 25.42 9.62
C ASP F 39 -7.63 26.20 9.82
N ALA F 40 -8.75 25.56 9.54
CA ALA F 40 -10.08 26.16 9.68
C ALA F 40 -10.51 26.50 11.10
N HIS F 41 -9.83 25.99 12.13
CA HIS F 41 -10.01 26.47 13.50
C HIS F 41 -9.75 27.99 13.63
N GLY F 42 -9.02 28.55 12.66
CA GLY F 42 -8.86 29.99 12.54
C GLY F 42 -10.15 30.80 12.55
N GLU F 43 -11.23 30.22 12.02
CA GLU F 43 -12.56 30.85 12.08
C GLU F 43 -13.07 30.98 13.51
N ALA F 44 -12.83 29.95 14.32
CA ALA F 44 -13.21 29.99 15.75
C ALA F 44 -12.42 31.04 16.54
N ALA F 45 -11.12 31.14 16.24
CA ALA F 45 -10.26 32.15 16.84
C ALA F 45 -10.73 33.57 16.51
N ALA F 46 -11.05 33.81 15.25
CA ALA F 46 -11.59 35.09 14.81
C ALA F 46 -12.92 35.40 15.47
N ALA F 47 -13.79 34.39 15.54
CA ALA F 47 -15.08 34.51 16.21
C ALA F 47 -14.91 34.88 17.68
N SER F 48 -13.94 34.24 18.34
CA SER F 48 -13.65 34.53 19.75
C SER F 48 -13.26 36.02 19.96
N LEU F 49 -12.47 36.57 19.04
CA LEU F 49 -12.11 37.98 19.09
C LEU F 49 -13.33 38.87 18.86
N ARG F 50 -14.19 38.49 17.91
CA ARG F 50 -15.42 39.23 17.63
C ARG F 50 -16.36 39.25 18.85
N GLU F 51 -16.51 38.09 19.50
CA GLU F 51 -17.31 37.98 20.73
C GLU F 51 -16.80 38.85 21.88
N SER F 52 -15.50 39.15 21.91
CA SER F 52 -14.94 40.08 22.89
C SER F 52 -15.06 41.57 22.52
N GLY F 53 -15.62 41.88 21.34
CA GLY F 53 -15.86 43.26 20.92
C GLY F 53 -14.91 43.80 19.86
N ALA F 54 -13.95 42.98 19.41
CA ALA F 54 -12.99 43.40 18.38
C ALA F 54 -13.50 43.11 16.97
N GLN F 55 -12.88 43.76 16.00
CA GLN F 55 -13.09 43.44 14.60
C GLN F 55 -12.03 42.43 14.18
N ALA F 56 -12.46 41.30 13.60
CA ALA F 56 -11.54 40.23 13.21
C ALA F 56 -12.12 39.38 12.10
N LEU F 57 -11.23 38.79 11.31
CA LEU F 57 -11.59 38.02 10.12
C LEU F 57 -10.57 36.89 9.95
N PHE F 58 -11.07 35.68 9.72
CA PHE F 58 -10.22 34.55 9.37
C PHE F 58 -10.06 34.51 7.86
N ILE F 59 -8.81 34.35 7.41
CA ILE F 59 -8.52 34.04 6.01
C ILE F 59 -7.65 32.80 5.96
N SER F 60 -8.12 31.79 5.23
CA SER F 60 -7.41 30.55 5.05
C SER F 60 -6.19 30.83 4.17
N CYS F 61 -5.03 30.34 4.60
CA CYS F 61 -3.78 30.60 3.90
C CYS F 61 -2.68 29.64 4.34
N ASN F 62 -2.03 29.02 3.38
CA ASN F 62 -0.79 28.30 3.59
C ASN F 62 0.32 29.24 3.13
N ILE F 63 1.11 29.73 4.08
CA ILE F 63 2.13 30.76 3.81
C ILE F 63 3.24 30.29 2.87
N ALA F 64 3.43 28.98 2.73
CA ALA F 64 4.39 28.41 1.78
C ALA F 64 4.03 28.58 0.29
N GLU F 65 2.79 28.97 0.01
CA GLU F 65 2.30 29.14 -1.37
C GLU F 65 2.16 30.62 -1.71
N LYS F 66 3.00 31.12 -2.61
CA LYS F 66 2.98 32.54 -2.97
C LYS F 66 1.57 33.03 -3.38
N THR F 67 0.87 32.27 -4.22
CA THR F 67 -0.45 32.69 -4.72
C THR F 67 -1.47 32.86 -3.58
N GLN F 68 -1.43 31.98 -2.59
CA GLN F 68 -2.29 32.11 -1.40
C GLN F 68 -1.92 33.31 -0.52
N VAL F 69 -0.62 33.62 -0.45
CA VAL F 69 -0.15 34.77 0.31
C VAL F 69 -0.56 36.07 -0.39
N GLU F 70 -0.42 36.12 -1.71
CA GLU F 70 -0.93 37.26 -2.51
C GLU F 70 -2.41 37.47 -2.26
N ALA F 71 -3.17 36.37 -2.24
CA ALA F 71 -4.61 36.41 -2.00
C ALA F 71 -4.93 36.88 -0.58
N LEU F 72 -4.17 36.40 0.40
CA LEU F 72 -4.32 36.83 1.80
C LEU F 72 -4.23 38.35 1.95
N PHE F 73 -3.21 38.96 1.33
CA PHE F 73 -3.01 40.40 1.44
C PHE F 73 -4.08 41.20 0.66
N SER F 74 -4.46 40.73 -0.53
CA SER F 74 -5.55 41.36 -1.30
C SER F 74 -6.84 41.41 -0.49
N GLN F 75 -7.29 40.24 -0.03
CA GLN F 75 -8.53 40.13 0.75
C GLN F 75 -8.48 40.93 2.04
N ALA F 76 -7.37 40.82 2.76
CA ALA F 76 -7.18 41.55 4.02
C ALA F 76 -7.41 43.04 3.83
N GLU F 77 -6.84 43.59 2.76
CA GLU F 77 -6.93 45.03 2.47
C GLU F 77 -8.31 45.45 1.97
N GLU F 78 -8.96 44.60 1.18
CA GLU F 78 -10.36 44.83 0.79
C GLU F 78 -11.27 44.91 2.00
N ALA F 79 -11.04 44.04 2.99
CA ALA F 79 -11.88 43.98 4.19
C ALA F 79 -11.58 45.09 5.20
N PHE F 80 -10.31 45.23 5.60
CA PHE F 80 -9.93 46.14 6.69
C PHE F 80 -9.01 47.29 6.29
N GLY F 81 -8.78 47.49 5.00
CA GLY F 81 -7.90 48.58 4.55
C GLY F 81 -6.43 48.26 4.70
N PRO F 82 -5.54 49.24 4.46
CA PRO F 82 -4.08 48.97 4.39
C PRO F 82 -3.56 48.21 5.59
N VAL F 83 -2.71 47.20 5.35
CA VAL F 83 -2.07 46.43 6.42
C VAL F 83 -0.91 47.22 7.03
N ASP F 84 -1.10 47.64 8.27
CA ASP F 84 -0.11 48.38 9.03
C ASP F 84 0.92 47.47 9.72
N ILE F 85 0.47 46.28 10.12
CA ILE F 85 1.26 45.38 10.96
C ILE F 85 1.20 43.96 10.40
N LEU F 86 2.35 43.35 10.16
CA LEU F 86 2.43 41.91 9.83
C LEU F 86 3.20 41.20 10.93
N VAL F 87 2.61 40.14 11.48
CA VAL F 87 3.28 39.28 12.46
C VAL F 87 3.42 37.91 11.82
N ASN F 88 4.65 37.52 11.53
CA ASN F 88 4.93 36.22 10.96
C ASN F 88 5.21 35.25 12.08
N ASN F 89 4.14 34.61 12.54
CA ASN F 89 4.20 33.66 13.64
C ASN F 89 4.09 32.19 13.20
N ALA F 90 3.44 31.93 12.08
CA ALA F 90 3.25 30.53 11.63
C ALA F 90 4.57 29.80 11.54
N GLY F 91 4.61 28.59 12.07
CA GLY F 91 5.78 27.72 11.95
C GLY F 91 5.52 26.32 12.46
N ILE F 92 6.39 25.40 12.08
CA ILE F 92 6.26 23.98 12.43
C ILE F 92 7.61 23.40 12.84
N ASN F 93 7.54 22.27 13.54
CA ASN F 93 8.71 21.45 13.86
C ASN F 93 8.58 20.09 13.21
N ARG F 94 9.68 19.58 12.66
CA ARG F 94 9.83 18.18 12.28
C ARG F 94 11.21 17.75 12.73
N ASP F 95 11.34 17.58 14.04
CA ASP F 95 12.65 17.36 14.65
C ASP F 95 13.22 16.00 14.30
N ALA F 96 14.55 15.95 14.29
CA ALA F 96 15.33 14.74 14.10
C ALA F 96 16.79 15.11 14.22
N MET F 97 17.58 14.16 14.70
CA MET F 97 19.02 14.32 14.78
C MET F 97 19.60 14.49 13.36
N LEU F 98 20.74 15.16 13.27
CA LEU F 98 21.36 15.53 11.98
C LEU F 98 21.57 14.33 11.05
N HIS F 99 22.09 13.26 11.64
CA HIS F 99 22.33 12.01 10.91
C HIS F 99 21.09 11.23 10.47
N LYS F 100 19.91 11.55 11.02
CA LYS F 100 18.65 10.86 10.67
C LYS F 100 17.63 11.68 9.88
N LEU F 101 17.80 13.00 9.80
CA LEU F 101 16.76 13.86 9.26
C LEU F 101 16.46 13.54 7.81
N THR F 102 15.19 13.29 7.51
CA THR F 102 14.79 12.94 6.14
C THR F 102 14.74 14.20 5.31
N GLU F 103 14.90 14.02 4.01
CA GLU F 103 14.82 15.11 3.07
C GLU F 103 13.44 15.80 3.12
N ALA F 104 12.38 15.02 3.29
CA ALA F 104 11.02 15.56 3.34
C ALA F 104 10.82 16.46 4.56
N ASP F 105 11.32 16.01 5.71
CA ASP F 105 11.21 16.77 6.95
C ASP F 105 12.08 18.04 6.94
N TRP F 106 13.23 17.98 6.27
CA TRP F 106 14.02 19.17 6.00
C TRP F 106 13.20 20.12 5.15
N ASP F 107 12.79 19.64 3.98
CA ASP F 107 12.10 20.47 2.98
C ASP F 107 10.90 21.22 3.58
N THR F 108 10.04 20.49 4.28
CA THR F 108 8.79 21.07 4.79
CA THR F 108 8.78 21.06 4.78
C THR F 108 9.02 22.18 5.82
N VAL F 109 9.95 21.99 6.74
CA VAL F 109 10.26 23.01 7.75
C VAL F 109 10.85 24.29 7.13
N ILE F 110 11.78 24.13 6.19
CA ILE F 110 12.32 25.27 5.47
C ILE F 110 11.22 25.99 4.68
N ASP F 111 10.39 25.21 4.01
CA ASP F 111 9.33 25.73 3.14
C ASP F 111 8.34 26.62 3.92
N VAL F 112 7.94 26.18 5.12
CA VAL F 112 6.98 26.93 5.93
C VAL F 112 7.68 28.06 6.70
N ASN F 113 8.67 27.70 7.51
CA ASN F 113 9.25 28.64 8.46
C ASN F 113 10.07 29.73 7.80
N LEU F 114 10.84 29.35 6.77
CA LEU F 114 11.75 30.28 6.15
C LEU F 114 11.13 30.90 4.90
N LYS F 115 10.81 30.07 3.91
CA LYS F 115 10.24 30.57 2.66
C LYS F 115 8.88 31.24 2.89
N GLY F 116 8.04 30.62 3.71
CA GLY F 116 6.74 31.21 4.02
C GLY F 116 6.84 32.58 4.64
N THR F 117 7.76 32.72 5.58
CA THR F 117 8.02 33.98 6.23
C THR F 117 8.50 35.02 5.20
N PHE F 118 9.39 34.60 4.31
CA PHE F 118 9.86 35.47 3.20
C PHE F 118 8.69 35.97 2.33
N LEU F 119 7.82 35.06 1.92
CA LEU F 119 6.71 35.41 1.04
C LEU F 119 5.81 36.46 1.64
N CYS F 120 5.52 36.32 2.92
CA CYS F 120 4.69 37.28 3.63
C CYS F 120 5.41 38.62 3.81
N MET F 121 6.67 38.58 4.23
CA MET F 121 7.50 39.78 4.34
C MET F 121 7.53 40.56 3.02
N GLN F 122 7.65 39.83 1.92
CA GLN F 122 7.69 40.41 0.58
C GLN F 122 6.41 41.18 0.25
N GLN F 123 5.26 40.55 0.50
CA GLN F 123 3.98 41.21 0.28
C GLN F 123 3.80 42.44 1.14
N ALA F 124 4.23 42.36 2.40
CA ALA F 124 4.17 43.51 3.28
C ALA F 124 5.07 44.63 2.78
N ALA F 125 6.27 44.26 2.35
CA ALA F 125 7.30 45.20 1.91
C ALA F 125 6.87 45.97 0.67
N ILE F 126 6.31 45.26 -0.31
CA ILE F 126 5.80 45.87 -1.54
C ILE F 126 4.84 47.01 -1.23
N ARG F 127 3.97 46.79 -0.26
CA ARG F 127 2.95 47.76 0.15
C ARG F 127 3.50 48.82 1.07
N MET F 128 4.18 48.39 2.12
CA MET F 128 4.66 49.31 3.15
C MET F 128 5.69 50.33 2.65
N ARG F 129 6.56 49.93 1.73
CA ARG F 129 7.56 50.86 1.20
C ARG F 129 6.94 52.02 0.39
N GLU F 130 5.80 51.77 -0.27
CA GLU F 130 5.04 52.83 -0.95
C GLU F 130 4.27 53.74 0.01
N ARG F 131 3.70 53.18 1.07
CA ARG F 131 2.95 53.98 2.08
C ARG F 131 3.82 54.81 3.00
N GLY F 132 5.11 54.47 3.12
CA GLY F 132 5.99 55.16 4.06
C GLY F 132 5.73 54.89 5.53
N ALA F 133 5.13 53.74 5.84
CA ALA F 133 4.86 53.31 7.22
C ALA F 133 4.65 51.80 7.27
N GLY F 134 4.90 51.21 8.42
CA GLY F 134 4.67 49.79 8.62
C GLY F 134 5.42 49.14 9.75
N ARG F 135 4.95 47.95 10.11
CA ARG F 135 5.57 47.11 11.12
C ARG F 135 5.58 45.67 10.65
N ILE F 136 6.75 45.06 10.66
CA ILE F 136 6.90 43.63 10.44
C ILE F 136 7.57 43.06 11.67
N ILE F 137 6.95 42.03 12.24
CA ILE F 137 7.45 41.38 13.45
C ILE F 137 7.49 39.87 13.21
N ASN F 138 8.67 39.29 13.24
CA ASN F 138 8.86 37.89 12.95
C ASN F 138 9.08 37.13 14.25
N ILE F 139 8.40 36.00 14.38
CA ILE F 139 8.58 35.12 15.52
C ILE F 139 9.63 34.11 15.10
N ALA F 140 10.80 34.21 15.72
CA ALA F 140 11.88 33.29 15.45
C ALA F 140 11.83 32.22 16.55
N SER F 141 12.95 31.95 17.23
CA SER F 141 13.02 30.97 18.30
C SER F 141 14.37 31.07 18.96
N ALA F 142 14.43 30.74 20.24
CA ALA F 142 15.68 30.55 20.95
C ALA F 142 16.61 29.52 20.29
N SER F 143 16.03 28.62 19.50
CA SER F 143 16.78 27.60 18.78
C SER F 143 17.63 28.13 17.62
N TRP F 144 17.56 29.43 17.31
CA TRP F 144 18.32 29.98 16.17
C TRP F 144 19.83 29.91 16.37
N LEU F 145 20.29 29.85 17.62
CA LEU F 145 21.71 29.63 17.91
C LEU F 145 21.99 28.18 18.32
N GLY F 146 21.16 27.27 17.83
CA GLY F 146 21.41 25.85 18.00
C GLY F 146 20.54 25.18 19.02
N ASN F 147 20.15 23.95 18.70
CA ASN F 147 19.44 23.09 19.63
C ASN F 147 19.48 21.66 19.12
N VAL F 148 19.73 20.73 20.03
CA VAL F 148 19.77 19.31 19.72
C VAL F 148 18.48 18.89 19.01
N GLY F 149 18.62 18.14 17.92
CA GLY F 149 17.48 17.60 17.20
C GLY F 149 16.78 18.55 16.25
N GLN F 150 17.40 19.71 16.01
CA GLN F 150 16.72 20.78 15.30
C GLN F 150 17.57 21.42 14.21
N THR F 151 18.28 20.58 13.46
CA THR F 151 19.03 21.07 12.31
C THR F 151 18.12 21.88 11.37
N ASN F 152 16.98 21.33 11.00
CA ASN F 152 16.06 22.03 10.11
C ASN F 152 15.42 23.27 10.74
N TYR F 153 14.97 23.13 11.97
CA TYR F 153 14.27 24.23 12.66
C TYR F 153 15.22 25.39 12.95
N SER F 154 16.41 25.09 13.49
CA SER F 154 17.39 26.13 13.78
C SER F 154 17.84 26.84 12.51
N ALA F 155 18.04 26.09 11.43
CA ALA F 155 18.36 26.69 10.15
C ALA F 155 17.30 27.69 9.74
N SER F 156 16.04 27.26 9.86
CA SER F 156 14.93 28.07 9.41
C SER F 156 14.77 29.34 10.23
N LYS F 157 14.94 29.23 11.55
CA LYS F 157 14.73 30.36 12.44
C LYS F 157 15.91 31.34 12.44
N ALA F 158 17.13 30.85 12.34
CA ALA F 158 18.30 31.73 12.11
C ALA F 158 18.13 32.47 10.79
N GLY F 159 17.66 31.76 9.77
CA GLY F 159 17.32 32.38 8.50
C GLY F 159 16.35 33.53 8.66
N VAL F 160 15.32 33.33 9.47
CA VAL F 160 14.37 34.39 9.74
C VAL F 160 15.06 35.61 10.37
N VAL F 161 16.00 35.38 11.27
CA VAL F 161 16.74 36.50 11.88
C VAL F 161 17.54 37.26 10.82
N GLY F 162 18.23 36.54 9.95
CA GLY F 162 18.97 37.17 8.85
C GLY F 162 18.10 38.05 7.96
N MET F 163 16.94 37.54 7.55
CA MET F 163 15.98 38.30 6.72
C MET F 163 15.46 39.53 7.44
N THR F 164 15.19 39.37 8.73
CA THR F 164 14.74 40.47 9.58
C THR F 164 15.73 41.63 9.52
N LYS F 165 17.00 41.31 9.68
CA LYS F 165 18.03 42.34 9.69
C LYS F 165 18.25 42.96 8.31
N THR F 166 18.19 42.12 7.28
CA THR F 166 18.24 42.59 5.90
C THR F 166 17.09 43.57 5.62
N ALA F 167 15.87 43.18 5.98
CA ALA F 167 14.71 44.00 5.72
C ALA F 167 14.75 45.32 6.48
N CYS F 168 15.27 45.31 7.69
CA CYS F 168 15.48 46.55 8.43
C CYS F 168 16.34 47.52 7.62
N ARG F 169 17.44 47.03 7.06
CA ARG F 169 18.33 47.87 6.27
C ARG F 169 17.68 48.44 5.00
N GLU F 170 16.84 47.65 4.34
CA GLU F 170 16.13 48.07 3.13
C GLU F 170 14.96 49.01 3.38
N LEU F 171 14.28 48.86 4.50
CA LEU F 171 12.99 49.52 4.74
C LEU F 171 12.98 50.59 5.80
N ALA F 172 14.04 50.72 6.59
CA ALA F 172 14.02 51.63 7.74
C ALA F 172 13.80 53.08 7.30
N LYS F 173 14.48 53.47 6.22
CA LYS F 173 14.37 54.83 5.68
C LYS F 173 12.97 55.15 5.13
N LYS F 174 12.21 54.12 4.80
CA LYS F 174 10.80 54.26 4.41
C LYS F 174 9.82 54.31 5.60
N GLY F 175 10.31 54.48 6.83
CA GLY F 175 9.43 54.53 8.03
C GLY F 175 8.86 53.21 8.54
N VAL F 176 9.47 52.10 8.10
CA VAL F 176 9.06 50.75 8.46
C VAL F 176 10.06 50.17 9.45
N THR F 177 9.58 49.47 10.48
CA THR F 177 10.47 48.67 11.33
C THR F 177 10.24 47.19 11.09
N VAL F 178 11.33 46.43 11.15
CA VAL F 178 11.32 45.00 11.02
C VAL F 178 12.13 44.45 12.19
N ASN F 179 11.47 43.69 13.05
CA ASN F 179 12.09 43.12 14.24
C ASN F 179 11.70 41.66 14.40
N ALA F 180 12.48 40.97 15.21
CA ALA F 180 12.26 39.56 15.51
C ALA F 180 12.11 39.35 17.02
N ILE F 181 11.16 38.51 17.39
CA ILE F 181 11.04 38.03 18.76
C ILE F 181 11.44 36.55 18.77
N CYS F 182 12.30 36.17 19.71
CA CYS F 182 12.64 34.77 19.98
C CYS F 182 11.97 34.31 21.28
N PRO F 183 10.80 33.63 21.18
CA PRO F 183 10.24 33.08 22.40
C PRO F 183 11.17 32.00 22.94
N GLY F 184 11.24 31.91 24.27
CA GLY F 184 12.02 30.86 24.91
C GLY F 184 11.20 29.58 24.98
N PHE F 185 10.67 29.26 26.16
CA PHE F 185 9.78 28.13 26.35
C PHE F 185 8.41 28.65 26.74
N ILE F 186 7.46 28.53 25.82
CA ILE F 186 6.09 29.05 26.03
C ILE F 186 5.10 27.90 26.09
N ASP F 187 4.18 28.00 27.04
CA ASP F 187 3.12 27.02 27.24
C ASP F 187 2.05 27.14 26.13
N THR F 188 2.06 26.19 25.20
CA THR F 188 1.06 26.07 24.12
C THR F 188 0.75 24.59 23.89
N ASP F 189 -0.11 24.28 22.90
CA ASP F 189 -0.35 22.90 22.47
C ASP F 189 0.90 22.12 22.07
N MET F 190 1.80 22.75 21.34
CA MET F 190 3.09 22.11 20.90
C MET F 190 3.98 21.70 22.08
N THR F 191 4.10 22.57 23.08
CA THR F 191 4.94 22.28 24.26
C THR F 191 4.25 21.42 25.33
N ARG F 192 2.92 21.45 25.38
CA ARG F 192 2.13 20.62 26.33
C ARG F 192 2.22 19.13 26.01
N GLY F 193 2.07 18.78 24.73
CA GLY F 193 2.31 17.43 24.19
C GLY F 193 3.78 17.01 24.14
N VAL F 194 4.40 16.87 25.32
CA VAL F 194 5.78 16.47 25.48
C VAL F 194 5.85 15.67 26.78
N PRO F 195 6.75 14.66 26.88
CA PRO F 195 6.79 13.90 28.15
C PRO F 195 7.03 14.79 29.37
N GLU F 196 6.33 14.50 30.46
CA GLU F 196 6.36 15.38 31.65
C GLU F 196 7.79 15.51 32.23
N ASN F 197 8.61 14.45 32.12
CA ASN F 197 10.01 14.51 32.52
CA ASN F 197 10.01 14.51 32.53
C ASN F 197 10.82 15.56 31.73
N VAL F 198 10.51 15.70 30.46
CA VAL F 198 11.13 16.71 29.57
C VAL F 198 10.73 18.13 29.94
N TRP F 199 9.43 18.36 30.09
CA TRP F 199 8.88 19.62 30.56
C TRP F 199 9.71 20.12 31.77
N GLN F 200 9.90 19.27 32.80
CA GLN F 200 10.63 19.69 34.01
C GLN F 200 12.07 20.10 33.74
N ILE F 201 12.71 19.47 32.74
CA ILE F 201 14.07 19.81 32.37
C ILE F 201 14.10 21.21 31.75
N MET F 202 13.15 21.49 30.84
CA MET F 202 13.03 22.82 30.25
C MET F 202 12.76 23.89 31.30
N ILE F 203 11.84 23.64 32.25
CA ILE F 203 11.57 24.58 33.35
C ILE F 203 12.85 24.89 34.16
N SER F 204 13.68 23.88 34.42
CA SER F 204 14.87 24.09 35.24
C SER F 204 15.95 24.93 34.53
N LYS F 205 15.85 25.01 33.20
CA LYS F 205 16.69 25.93 32.40
C LYS F 205 16.23 27.40 32.40
N ILE F 206 15.04 27.70 32.92
CA ILE F 206 14.47 29.05 32.83
C ILE F 206 14.69 29.77 34.16
N PRO F 207 15.60 30.77 34.21
CA PRO F 207 15.81 31.45 35.48
C PRO F 207 14.53 31.97 36.16
N ALA F 208 13.56 32.46 35.39
CA ALA F 208 12.28 32.91 35.95
C ALA F 208 11.47 31.81 36.67
N GLY F 209 11.73 30.55 36.36
CA GLY F 209 11.16 29.41 37.08
C GLY F 209 9.84 28.88 36.56
N TYR F 210 9.31 29.43 35.46
CA TYR F 210 8.04 29.00 34.88
C TYR F 210 8.06 29.19 33.37
N ALA F 211 7.19 28.45 32.68
CA ALA F 211 6.99 28.61 31.26
C ALA F 211 6.15 29.84 31.00
N GLY F 212 6.49 30.56 29.92
CA GLY F 212 5.80 31.78 29.58
C GLY F 212 4.46 31.46 28.95
N GLU F 213 3.63 32.48 28.81
CA GLU F 213 2.33 32.34 28.20
C GLU F 213 2.33 33.05 26.85
N ALA F 214 1.35 32.71 26.04
CA ALA F 214 1.20 33.33 24.73
C ALA F 214 1.13 34.86 24.83
N LYS F 215 0.47 35.36 25.85
CA LYS F 215 0.29 36.80 26.05
C LYS F 215 1.61 37.55 26.34
N ASP F 216 2.63 36.86 26.88
CA ASP F 216 3.92 37.49 27.10
C ASP F 216 4.58 37.87 25.77
N VAL F 217 4.45 36.97 24.78
CA VAL F 217 4.93 37.25 23.43
C VAL F 217 4.06 38.36 22.81
N GLY F 218 2.75 38.28 23.03
CA GLY F 218 1.81 39.28 22.55
C GLY F 218 2.09 40.69 22.99
N GLU F 219 2.48 40.85 24.26
CA GLU F 219 2.77 42.17 24.82
C GLU F 219 3.98 42.80 24.14
N CYS F 220 5.00 41.99 23.87
CA CYS F 220 6.18 42.45 23.17
C CYS F 220 5.87 42.83 21.71
N VAL F 221 5.05 42.04 21.04
CA VAL F 221 4.60 42.37 19.69
C VAL F 221 3.84 43.70 19.67
N ALA F 222 2.94 43.88 20.63
CA ALA F 222 2.13 45.09 20.70
C ALA F 222 2.97 46.35 20.89
N PHE F 223 3.98 46.23 21.74
CA PHE F 223 4.94 47.31 21.93
C PHE F 223 5.71 47.64 20.65
N LEU F 224 6.28 46.63 19.99
CA LEU F 224 7.02 46.86 18.76
C LEU F 224 6.15 47.42 17.65
N ALA F 225 4.86 47.06 17.66
CA ALA F 225 3.90 47.54 16.68
C ALA F 225 3.47 48.99 16.88
N SER F 226 3.66 49.53 18.08
CA SER F 226 3.25 50.89 18.41
C SER F 226 4.20 51.95 17.86
N ASP F 227 3.75 53.21 17.89
CA ASP F 227 4.55 54.35 17.46
C ASP F 227 5.76 54.60 18.40
N GLY F 228 5.61 54.23 19.67
CA GLY F 228 6.71 54.32 20.63
C GLY F 228 7.95 53.46 20.37
N ALA F 229 7.83 52.49 19.48
CA ALA F 229 8.94 51.62 19.09
C ALA F 229 9.44 51.91 17.68
N ARG F 230 9.16 53.12 17.19
CA ARG F 230 9.59 53.54 15.85
C ARG F 230 11.10 53.50 15.64
N TYR F 231 11.85 53.65 16.75
CA TYR F 231 13.31 53.68 16.69
C TYR F 231 13.98 52.35 17.03
N ILE F 232 13.19 51.29 17.18
CA ILE F 232 13.69 49.92 17.35
C ILE F 232 13.54 49.22 16.02
N ASN F 233 14.64 48.76 15.46
CA ASN F 233 14.66 48.22 14.11
C ASN F 233 15.80 47.21 13.97
N GLY F 234 15.48 46.06 13.39
CA GLY F 234 16.45 44.98 13.21
C GLY F 234 16.87 44.26 14.47
N GLU F 235 16.05 44.37 15.54
CA GLU F 235 16.35 43.72 16.82
C GLU F 235 15.86 42.30 16.90
N VAL F 236 16.55 41.53 17.74
CA VAL F 236 16.14 40.20 18.14
C VAL F 236 15.91 40.29 19.64
N ILE F 237 14.65 40.26 20.04
CA ILE F 237 14.28 40.34 21.45
C ILE F 237 13.85 38.97 21.96
N ASN F 238 14.57 38.43 22.95
CA ASN F 238 14.19 37.18 23.60
C ASN F 238 13.09 37.40 24.61
N VAL F 239 12.04 36.58 24.52
CA VAL F 239 10.93 36.56 25.47
C VAL F 239 10.93 35.14 26.05
N GLY F 240 11.82 34.93 27.01
CA GLY F 240 12.06 33.61 27.57
C GLY F 240 12.45 33.57 29.03
N GLY F 241 12.07 34.56 29.81
CA GLY F 241 12.39 34.58 31.25
C GLY F 241 13.85 34.42 31.61
N GLY F 242 14.74 34.91 30.74
CA GLY F 242 16.19 34.83 30.92
C GLY F 242 16.85 33.56 30.43
N MET F 243 16.08 32.72 29.76
CA MET F 243 16.55 31.40 29.39
C MET F 243 17.60 31.45 28.27
N VAL F 244 18.75 30.86 28.56
CA VAL F 244 19.81 30.65 27.58
C VAL F 244 19.77 29.20 27.16
N LEU F 245 19.28 28.97 25.94
CA LEU F 245 19.16 27.61 25.40
C LEU F 245 20.53 27.02 25.15
N MET G 2 -7.19 -3.37 -24.61
CA MET G 2 -6.41 -3.15 -23.35
C MET G 2 -5.77 -4.44 -22.82
N ALA G 3 -4.82 -4.98 -23.57
CA ALA G 3 -4.23 -6.30 -23.30
C ALA G 3 -3.38 -6.41 -22.01
N LEU G 4 -2.90 -5.29 -21.47
CA LEU G 4 -1.98 -5.31 -20.33
C LEU G 4 -2.55 -4.58 -19.12
N ALA G 5 -3.87 -4.48 -19.03
CA ALA G 5 -4.54 -3.84 -17.90
C ALA G 5 -4.15 -4.51 -16.59
N SER G 6 -3.93 -3.72 -15.55
CA SER G 6 -3.50 -4.21 -14.24
C SER G 6 -2.13 -4.92 -14.25
N LYS G 7 -1.27 -4.56 -15.19
CA LYS G 7 0.11 -5.09 -15.19
C LYS G 7 1.10 -3.96 -14.97
N THR G 8 2.19 -4.30 -14.30
CA THR G 8 3.24 -3.36 -13.99
C THR G 8 4.48 -3.72 -14.80
N ALA G 9 5.02 -2.73 -15.50
CA ALA G 9 6.18 -2.91 -16.36
C ALA G 9 7.28 -1.96 -16.02
N ILE G 10 8.51 -2.47 -15.93
CA ILE G 10 9.70 -1.63 -15.92
C ILE G 10 10.28 -1.64 -17.33
N VAL G 11 10.55 -0.45 -17.86
CA VAL G 11 11.25 -0.31 -19.13
C VAL G 11 12.53 0.48 -18.86
N THR G 12 13.68 -0.17 -19.01
CA THR G 12 14.93 0.54 -18.81
C THR G 12 15.24 1.35 -20.05
N GLY G 13 15.91 2.49 -19.86
CA GLY G 13 16.29 3.36 -20.96
C GLY G 13 15.11 4.04 -21.64
N ALA G 14 14.05 4.25 -20.88
CA ALA G 14 12.79 4.74 -21.43
C ALA G 14 12.60 6.28 -21.40
N ALA G 15 13.66 7.02 -21.07
CA ALA G 15 13.63 8.48 -21.16
C ALA G 15 13.42 9.00 -22.57
N ARG G 16 13.97 8.28 -23.56
CA ARG G 16 13.86 8.69 -24.97
C ARG G 16 13.97 7.47 -25.90
N GLY G 17 13.82 7.73 -27.20
CA GLY G 17 14.06 6.75 -28.23
C GLY G 17 13.16 5.52 -28.17
N ILE G 18 13.74 4.36 -28.45
CA ILE G 18 13.01 3.11 -28.50
C ILE G 18 12.34 2.83 -27.17
N GLY G 19 13.08 2.98 -26.09
CA GLY G 19 12.52 2.77 -24.76
C GLY G 19 11.27 3.57 -24.48
N PHE G 20 11.29 4.84 -24.87
CA PHE G 20 10.14 5.71 -24.66
C PHE G 20 8.94 5.23 -25.51
N GLY G 21 9.19 4.89 -26.76
CA GLY G 21 8.14 4.29 -27.61
C GLY G 21 7.54 3.01 -27.05
N ILE G 22 8.38 2.14 -26.50
CA ILE G 22 7.91 0.93 -25.84
C ILE G 22 6.99 1.30 -24.69
N ALA G 23 7.44 2.24 -23.86
CA ALA G 23 6.65 2.69 -22.70
C ALA G 23 5.29 3.25 -23.10
N GLN G 24 5.23 3.96 -24.23
CA GLN G 24 3.97 4.52 -24.74
C GLN G 24 2.98 3.44 -25.09
N VAL G 25 3.46 2.44 -25.84
CA VAL G 25 2.62 1.32 -26.26
C VAL G 25 2.15 0.50 -25.06
N LEU G 26 3.04 0.21 -24.11
CA LEU G 26 2.63 -0.52 -22.92
C LEU G 26 1.56 0.26 -22.16
N ALA G 27 1.77 1.56 -22.03
CA ALA G 27 0.79 2.46 -21.39
C ALA G 27 -0.54 2.49 -22.13
N ARG G 28 -0.49 2.57 -23.46
CA ARG G 28 -1.70 2.48 -24.28
C ARG G 28 -2.50 1.19 -24.03
N GLU G 29 -1.79 0.09 -23.81
CA GLU G 29 -2.44 -1.20 -23.53
C GLU G 29 -2.75 -1.39 -22.03
N GLY G 30 -2.57 -0.36 -21.21
CA GLY G 30 -3.08 -0.31 -19.83
C GLY G 30 -2.11 -0.60 -18.72
N ALA G 31 -0.84 -0.75 -19.06
CA ALA G 31 0.17 -1.07 -18.07
C ALA G 31 0.53 0.16 -17.26
N ARG G 32 0.87 -0.06 -15.99
CA ARG G 32 1.52 0.93 -15.17
C ARG G 32 3.01 0.81 -15.48
N VAL G 33 3.65 1.93 -15.80
CA VAL G 33 4.99 1.91 -16.36
C VAL G 33 5.99 2.64 -15.49
N ILE G 34 7.05 1.93 -15.10
CA ILE G 34 8.20 2.53 -14.48
C ILE G 34 9.19 2.92 -15.59
N ILE G 35 9.47 4.21 -15.75
CA ILE G 35 10.55 4.68 -16.63
C ILE G 35 11.82 4.61 -15.81
N ALA G 36 12.67 3.63 -16.11
CA ALA G 36 13.96 3.49 -15.42
C ALA G 36 15.04 3.99 -16.36
N ASP G 37 15.81 4.98 -15.91
CA ASP G 37 16.84 5.60 -16.76
C ASP G 37 17.89 6.28 -15.90
N ARG G 38 19.09 6.43 -16.42
CA ARG G 38 20.14 7.16 -15.70
C ARG G 38 19.99 8.69 -15.85
N ASP G 39 19.27 9.11 -16.88
CA ASP G 39 19.09 10.52 -17.19
C ASP G 39 17.77 11.09 -16.64
N ALA G 40 17.86 12.30 -16.07
CA ALA G 40 16.71 12.92 -15.40
C ALA G 40 15.58 13.37 -16.34
N HIS G 41 15.83 13.42 -17.65
CA HIS G 41 14.75 13.59 -18.63
C HIS G 41 13.69 12.48 -18.54
N GLY G 42 14.04 11.36 -17.91
CA GLY G 42 13.08 10.32 -17.54
C GLY G 42 11.86 10.80 -16.81
N GLU G 43 12.00 11.84 -15.99
CA GLU G 43 10.85 12.47 -15.31
C GLU G 43 9.88 13.10 -16.30
N ALA G 44 10.41 13.74 -17.33
CA ALA G 44 9.57 14.33 -18.39
C ALA G 44 8.83 13.27 -19.20
N ALA G 45 9.51 12.17 -19.50
CA ALA G 45 8.91 11.03 -20.19
C ALA G 45 7.75 10.44 -19.39
N ALA G 46 7.97 10.23 -18.10
CA ALA G 46 6.92 9.74 -17.20
C ALA G 46 5.74 10.70 -17.12
N ALA G 47 6.06 11.99 -17.02
CA ALA G 47 5.05 13.05 -16.99
C ALA G 47 4.22 13.04 -18.27
N SER G 48 4.87 12.86 -19.41
CA SER G 48 4.18 12.77 -20.70
C SER G 48 3.17 11.61 -20.76
N LEU G 49 3.53 10.46 -20.17
CA LEU G 49 2.61 9.34 -20.08
C LEU G 49 1.45 9.64 -19.15
N ARG G 50 1.73 10.30 -18.03
CA ARG G 50 0.69 10.70 -17.08
C ARG G 50 -0.31 11.68 -17.72
N GLU G 51 0.20 12.66 -18.46
CA GLU G 51 -0.63 13.62 -19.21
C GLU G 51 -1.55 12.95 -20.26
N SER G 52 -1.15 11.80 -20.78
CA SER G 52 -2.00 11.03 -21.69
C SER G 52 -3.02 10.11 -20.99
N GLY G 53 -3.02 10.07 -19.66
CA GLY G 53 -4.01 9.30 -18.89
C GLY G 53 -3.48 8.02 -18.26
N ALA G 54 -2.21 7.70 -18.47
CA ALA G 54 -1.61 6.49 -17.90
C ALA G 54 -1.02 6.72 -16.52
N GLN G 55 -0.78 5.63 -15.80
CA GLN G 55 -0.04 5.68 -14.54
C GLN G 55 1.42 5.40 -14.85
N ALA G 56 2.31 6.28 -14.41
CA ALA G 56 3.74 6.18 -14.70
C ALA G 56 4.60 6.88 -13.67
N LEU G 57 5.82 6.38 -13.50
CA LEU G 57 6.75 6.87 -12.49
C LEU G 57 8.17 6.75 -13.03
N PHE G 58 8.95 7.81 -12.88
CA PHE G 58 10.37 7.79 -13.19
C PHE G 58 11.14 7.35 -11.97
N ILE G 59 12.07 6.40 -12.15
CA ILE G 59 13.04 6.05 -11.13
C ILE G 59 14.43 6.16 -11.74
N SER G 60 15.26 6.99 -11.12
CA SER G 60 16.64 7.18 -11.55
C SER G 60 17.41 5.90 -11.23
N CYS G 61 18.16 5.40 -12.22
CA CYS G 61 18.86 4.14 -12.09
C CYS G 61 19.95 3.99 -13.15
N ASN G 62 21.15 3.64 -12.71
CA ASN G 62 22.19 3.19 -13.61
C ASN G 62 22.21 1.66 -13.51
N ILE G 63 21.80 1.00 -14.59
CA ILE G 63 21.63 -0.47 -14.58
C ILE G 63 22.94 -1.24 -14.37
N ALA G 64 24.08 -0.60 -14.61
CA ALA G 64 25.39 -1.19 -14.34
C ALA G 64 25.74 -1.39 -12.86
N GLU G 65 24.98 -0.76 -11.96
CA GLU G 65 25.21 -0.80 -10.51
C GLU G 65 24.18 -1.69 -9.84
N LYS G 66 24.61 -2.82 -9.31
CA LYS G 66 23.68 -3.76 -8.68
C LYS G 66 22.79 -3.11 -7.60
N THR G 67 23.40 -2.30 -6.71
CA THR G 67 22.65 -1.69 -5.61
C THR G 67 21.53 -0.75 -6.10
N GLN G 68 21.80 -0.01 -7.18
CA GLN G 68 20.76 0.81 -7.81
C GLN G 68 19.65 0.01 -8.47
N VAL G 69 20.01 -1.13 -9.04
CA VAL G 69 19.04 -2.04 -9.67
C VAL G 69 18.16 -2.68 -8.60
N GLU G 70 18.76 -3.12 -7.49
CA GLU G 70 17.99 -3.63 -6.35
C GLU G 70 17.01 -2.58 -5.84
N ALA G 71 17.47 -1.33 -5.76
CA ALA G 71 16.63 -0.22 -5.34
C ALA G 71 15.51 0.06 -6.33
N LEU G 72 15.81 0.02 -7.63
CA LEU G 72 14.81 0.18 -8.70
C LEU G 72 13.63 -0.78 -8.53
N PHE G 73 13.94 -2.06 -8.32
CA PHE G 73 12.89 -3.07 -8.17
C PHE G 73 12.11 -2.93 -6.86
N SER G 74 12.79 -2.63 -5.76
CA SER G 74 12.12 -2.35 -4.46
C SER G 74 11.12 -1.23 -4.60
N GLN G 75 11.58 -0.07 -5.05
CA GLN G 75 10.74 1.12 -5.22
C GLN G 75 9.58 0.89 -6.18
N ALA G 76 9.89 0.27 -7.32
CA ALA G 76 8.88 -0.04 -8.33
C ALA G 76 7.72 -0.82 -7.74
N GLU G 77 8.05 -1.83 -6.95
CA GLU G 77 7.05 -2.69 -6.33
C GLU G 77 6.28 -2.02 -5.19
N GLU G 78 6.96 -1.19 -4.41
CA GLU G 78 6.29 -0.35 -3.40
C GLU G 78 5.25 0.56 -4.05
N ALA G 79 5.57 1.14 -5.19
CA ALA G 79 4.69 2.09 -5.89
C ALA G 79 3.55 1.39 -6.64
N PHE G 80 3.88 0.45 -7.51
CA PHE G 80 2.90 -0.16 -8.42
C PHE G 80 2.65 -1.65 -8.22
N GLY G 81 3.18 -2.24 -7.15
CA GLY G 81 2.97 -3.67 -6.90
C GLY G 81 3.87 -4.55 -7.76
N PRO G 82 3.71 -5.88 -7.67
CA PRO G 82 4.62 -6.83 -8.33
C PRO G 82 4.92 -6.50 -9.79
N VAL G 83 6.20 -6.58 -10.17
CA VAL G 83 6.60 -6.32 -11.56
C VAL G 83 6.30 -7.55 -12.42
N ASP G 84 5.34 -7.38 -13.33
CA ASP G 84 4.93 -8.43 -14.26
C ASP G 84 5.83 -8.50 -15.51
N ILE G 85 6.35 -7.34 -15.93
CA ILE G 85 7.04 -7.20 -17.20
C ILE G 85 8.33 -6.39 -17.00
N LEU G 86 9.45 -6.94 -17.45
CA LEU G 86 10.72 -6.20 -17.51
C LEU G 86 11.16 -6.10 -18.96
N VAL G 87 11.43 -4.87 -19.42
CA VAL G 87 11.97 -4.63 -20.75
C VAL G 87 13.35 -4.04 -20.57
N ASN G 88 14.37 -4.80 -20.95
CA ASN G 88 15.75 -4.34 -20.87
C ASN G 88 16.11 -3.70 -22.18
N ASN G 89 15.88 -2.40 -22.26
CA ASN G 89 16.14 -1.60 -23.46
C ASN G 89 17.40 -0.73 -23.34
N ALA G 90 17.78 -0.33 -22.13
CA ALA G 90 18.94 0.57 -21.97
C ALA G 90 20.16 0.01 -22.62
N GLY G 91 20.86 0.86 -23.38
CA GLY G 91 22.11 0.49 -24.03
C GLY G 91 22.86 1.69 -24.55
N ILE G 92 24.14 1.49 -24.82
CA ILE G 92 24.99 2.53 -25.40
C ILE G 92 25.87 1.95 -26.50
N ASN G 93 26.38 2.86 -27.34
CA ASN G 93 27.42 2.56 -28.32
C ASN G 93 28.69 3.34 -27.99
N ARG G 94 29.84 2.69 -28.12
CA ARG G 94 31.13 3.35 -28.15
C ARG G 94 31.92 2.65 -29.25
N ASP G 95 31.55 2.95 -30.48
CA ASP G 95 32.08 2.24 -31.64
C ASP G 95 33.54 2.56 -31.89
N ALA G 96 34.23 1.60 -32.49
CA ALA G 96 35.61 1.70 -32.93
C ALA G 96 35.97 0.38 -33.59
N MET G 97 36.85 0.47 -34.58
CA MET G 97 37.42 -0.69 -35.23
C MET G 97 38.16 -1.56 -34.23
N LEU G 98 38.26 -2.85 -34.52
CA LEU G 98 38.84 -3.85 -33.59
C LEU G 98 40.26 -3.48 -33.14
N HIS G 99 41.06 -3.09 -34.12
CA HIS G 99 42.43 -2.66 -33.89
C HIS G 99 42.62 -1.33 -33.12
N LYS G 100 41.57 -0.52 -32.99
CA LYS G 100 41.63 0.77 -32.29
C LYS G 100 40.88 0.86 -30.95
N LEU G 101 40.00 -0.09 -30.68
CA LEU G 101 39.07 0.04 -29.56
C LEU G 101 39.81 0.13 -28.23
N THR G 102 39.52 1.18 -27.47
CA THR G 102 40.18 1.38 -26.18
C THR G 102 39.57 0.46 -25.15
N GLU G 103 40.36 0.15 -24.14
CA GLU G 103 39.90 -0.67 -23.04
C GLU G 103 38.71 -0.03 -22.31
N ALA G 104 38.71 1.29 -22.17
CA ALA G 104 37.62 2.00 -21.49
C ALA G 104 36.32 1.88 -22.26
N ASP G 105 36.40 2.04 -23.58
CA ASP G 105 35.22 1.94 -24.43
C ASP G 105 34.68 0.51 -24.52
N TRP G 106 35.57 -0.48 -24.47
CA TRP G 106 35.16 -1.88 -24.32
C TRP G 106 34.43 -2.02 -23.00
N ASP G 107 35.10 -1.69 -21.91
CA ASP G 107 34.57 -1.89 -20.55
C ASP G 107 33.17 -1.31 -20.39
N THR G 108 33.00 -0.05 -20.78
CA THR G 108 31.74 0.67 -20.55
C THR G 108 30.55 0.04 -21.29
N VAL G 109 30.74 -0.34 -22.55
CA VAL G 109 29.67 -0.96 -23.33
C VAL G 109 29.26 -2.34 -22.77
N ILE G 110 30.23 -3.16 -22.40
CA ILE G 110 29.95 -4.43 -21.75
C ILE G 110 29.23 -4.22 -20.43
N ASP G 111 29.70 -3.26 -19.66
CA ASP G 111 29.18 -2.96 -18.32
C ASP G 111 27.69 -2.58 -18.35
N VAL G 112 27.31 -1.74 -19.32
CA VAL G 112 25.92 -1.30 -19.44
C VAL G 112 25.07 -2.35 -20.16
N ASN G 113 25.45 -2.69 -21.38
CA ASN G 113 24.61 -3.50 -22.27
C ASN G 113 24.48 -4.94 -21.81
N LEU G 114 25.58 -5.50 -21.33
CA LEU G 114 25.60 -6.91 -20.99
C LEU G 114 25.38 -7.11 -19.50
N LYS G 115 26.28 -6.58 -18.68
CA LYS G 115 26.17 -6.74 -17.22
C LYS G 115 24.92 -6.07 -16.69
N GLY G 116 24.61 -4.87 -17.16
CA GLY G 116 23.41 -4.18 -16.73
C GLY G 116 22.14 -4.96 -17.00
N THR G 117 22.07 -5.52 -18.19
CA THR G 117 20.95 -6.37 -18.59
C THR G 117 20.87 -7.60 -17.67
N PHE G 118 22.01 -8.22 -17.39
CA PHE G 118 22.07 -9.34 -16.44
C PHE G 118 21.52 -8.98 -15.07
N LEU G 119 21.97 -7.86 -14.52
CA LEU G 119 21.54 -7.43 -13.18
C LEU G 119 20.05 -7.27 -13.08
N CYS G 120 19.45 -6.67 -14.10
CA CYS G 120 18.01 -6.48 -14.12
C CYS G 120 17.27 -7.81 -14.30
N MET G 121 17.74 -8.64 -15.24
CA MET G 121 17.18 -9.98 -15.44
C MET G 121 17.18 -10.78 -14.14
N GLN G 122 18.28 -10.68 -13.40
CA GLN G 122 18.45 -11.37 -12.13
C GLN G 122 17.39 -10.96 -11.10
N GLN G 123 17.21 -9.66 -10.95
CA GLN G 123 16.18 -9.14 -10.04
C GLN G 123 14.79 -9.56 -10.43
N ALA G 124 14.51 -9.54 -11.72
CA ALA G 124 13.20 -10.01 -12.21
C ALA G 124 13.03 -11.49 -11.93
N ALA G 125 14.08 -12.26 -12.17
CA ALA G 125 14.05 -13.72 -12.04
C ALA G 125 13.81 -14.17 -10.60
N ILE G 126 14.51 -13.52 -9.66
CA ILE G 126 14.34 -13.79 -8.23
C ILE G 126 12.88 -13.70 -7.82
N ARG G 127 12.20 -12.67 -8.32
CA ARG G 127 10.79 -12.42 -8.01
C ARG G 127 9.85 -13.29 -8.81
N MET G 128 10.04 -13.29 -10.13
CA MET G 128 9.13 -13.99 -11.03
C MET G 128 9.08 -15.49 -10.81
N ARG G 129 10.20 -16.11 -10.50
CA ARG G 129 10.21 -17.56 -10.28
C ARG G 129 9.39 -18.00 -9.05
N GLU G 130 9.33 -17.15 -8.02
CA GLU G 130 8.46 -17.38 -6.85
C GLU G 130 6.98 -17.15 -7.15
N ARG G 131 6.65 -16.11 -7.93
CA ARG G 131 5.25 -15.80 -8.29
CA ARG G 131 5.25 -15.80 -8.30
C ARG G 131 4.64 -16.77 -9.30
N GLY G 132 5.45 -17.49 -10.05
CA GLY G 132 4.95 -18.38 -11.11
C GLY G 132 4.36 -17.65 -12.33
N ALA G 133 4.82 -16.43 -12.58
CA ALA G 133 4.42 -15.63 -13.75
C ALA G 133 5.45 -14.55 -14.04
N GLY G 134 5.50 -14.11 -15.29
CA GLY G 134 6.36 -13.02 -15.67
C GLY G 134 6.73 -12.93 -17.14
N ARG G 135 7.24 -11.76 -17.52
CA ARG G 135 7.73 -11.48 -18.85
C ARG G 135 9.03 -10.71 -18.76
N ILE G 136 10.06 -11.22 -19.43
CA ILE G 136 11.30 -10.50 -19.63
C ILE G 136 11.52 -10.38 -21.12
N ILE G 137 11.75 -9.15 -21.57
CA ILE G 137 11.95 -8.87 -22.99
C ILE G 137 13.21 -8.02 -23.13
N ASN G 138 14.20 -8.55 -23.81
CA ASN G 138 15.49 -7.89 -23.95
C ASN G 138 15.59 -7.30 -25.35
N ILE G 139 16.06 -6.06 -25.42
CA ILE G 139 16.30 -5.41 -26.69
C ILE G 139 17.76 -5.68 -27.02
N ALA G 140 17.98 -6.48 -28.04
CA ALA G 140 19.31 -6.80 -28.49
C ALA G 140 19.61 -5.86 -29.66
N SER G 141 20.04 -6.39 -30.81
CA SER G 141 20.34 -5.58 -32.00
C SER G 141 20.63 -6.53 -33.14
N ALA G 142 20.37 -6.06 -34.35
CA ALA G 142 20.81 -6.76 -35.55
C ALA G 142 22.33 -6.98 -35.60
N SER G 143 23.07 -6.16 -34.86
CA SER G 143 24.53 -6.28 -34.77
C SER G 143 25.04 -7.50 -34.02
N TRP G 144 24.15 -8.32 -33.43
CA TRP G 144 24.59 -9.48 -32.67
C TRP G 144 25.30 -10.54 -33.51
N LEU G 145 25.01 -10.56 -34.81
CA LEU G 145 25.73 -11.43 -35.75
C LEU G 145 26.80 -10.68 -36.53
N GLY G 146 27.31 -9.60 -35.96
CA GLY G 146 28.44 -8.89 -36.50
C GLY G 146 28.08 -7.57 -37.17
N ASN G 147 28.96 -6.60 -36.97
CA ASN G 147 28.87 -5.33 -37.66
C ASN G 147 30.19 -4.59 -37.54
N VAL G 148 30.61 -4.02 -38.66
CA VAL G 148 31.84 -3.24 -38.73
C VAL G 148 31.84 -2.15 -37.64
N GLY G 149 32.95 -2.03 -36.92
CA GLY G 149 33.11 -0.98 -35.93
C GLY G 149 32.47 -1.24 -34.59
N GLN G 150 31.99 -2.47 -34.37
CA GLN G 150 31.17 -2.77 -33.21
C GLN G 150 31.58 -4.05 -32.51
N THR G 151 32.89 -4.24 -32.34
CA THR G 151 33.40 -5.36 -31.57
C THR G 151 32.74 -5.41 -30.18
N ASN G 152 32.76 -4.28 -29.47
CA ASN G 152 32.18 -4.23 -28.13
C ASN G 152 30.65 -4.36 -28.14
N TYR G 153 30.00 -3.64 -29.05
CA TYR G 153 28.53 -3.64 -29.10
C TYR G 153 27.98 -5.00 -29.52
N SER G 154 28.56 -5.59 -30.56
CA SER G 154 28.13 -6.91 -31.03
C SER G 154 28.36 -7.98 -29.96
N ALA G 155 29.49 -7.90 -29.28
CA ALA G 155 29.77 -8.81 -28.17
C ALA G 155 28.66 -8.71 -27.14
N SER G 156 28.32 -7.48 -26.78
CA SER G 156 27.37 -7.22 -25.72
C SER G 156 25.98 -7.71 -26.09
N LYS G 157 25.56 -7.48 -27.33
CA LYS G 157 24.22 -7.82 -27.76
C LYS G 157 24.05 -9.31 -28.06
N ALA G 158 25.06 -9.96 -28.62
CA ALA G 158 25.07 -11.42 -28.74
C ALA G 158 25.00 -12.06 -27.34
N GLY G 159 25.76 -11.49 -26.42
CA GLY G 159 25.69 -11.90 -25.02
C GLY G 159 24.28 -11.84 -24.47
N VAL G 160 23.58 -10.76 -24.76
CA VAL G 160 22.19 -10.64 -24.35
C VAL G 160 21.34 -11.77 -24.92
N VAL G 161 21.58 -12.14 -26.17
CA VAL G 161 20.82 -13.24 -26.78
C VAL G 161 21.10 -14.56 -26.04
N GLY G 162 22.37 -14.83 -25.74
CA GLY G 162 22.75 -16.01 -24.97
C GLY G 162 22.03 -16.10 -23.62
N MET G 163 22.03 -15.01 -22.86
CA MET G 163 21.36 -14.95 -21.56
C MET G 163 19.86 -15.16 -21.68
N THR G 164 19.28 -14.56 -22.72
CA THR G 164 17.87 -14.70 -23.03
C THR G 164 17.49 -16.17 -23.15
N LYS G 165 18.27 -16.91 -23.91
CA LYS G 165 17.99 -18.31 -24.15
C LYS G 165 18.25 -19.17 -22.91
N THR G 166 19.30 -18.85 -22.17
CA THR G 166 19.57 -19.48 -20.89
C THR G 166 18.39 -19.28 -19.92
N ALA G 167 17.94 -18.03 -19.79
CA ALA G 167 16.86 -17.71 -18.87
C ALA G 167 15.55 -18.39 -19.26
N CYS G 168 15.28 -18.51 -20.56
CA CYS G 168 14.13 -19.28 -21.03
C CYS G 168 14.17 -20.70 -20.47
N ARG G 169 15.32 -21.34 -20.57
CA ARG G 169 15.47 -22.71 -20.06
C ARG G 169 15.27 -22.86 -18.55
N GLU G 170 15.75 -21.88 -17.80
CA GLU G 170 15.62 -21.87 -16.33
C GLU G 170 14.22 -21.49 -15.82
N LEU G 171 13.52 -20.65 -16.56
CA LEU G 171 12.30 -20.03 -16.05
C LEU G 171 11.01 -20.44 -16.74
N ALA G 172 11.09 -21.15 -17.87
CA ALA G 172 9.88 -21.43 -18.64
C ALA G 172 8.86 -22.25 -17.85
N LYS G 173 9.36 -23.25 -17.11
CA LYS G 173 8.50 -24.13 -16.30
C LYS G 173 7.83 -23.39 -15.14
N LYS G 174 8.40 -22.26 -14.74
CA LYS G 174 7.78 -21.36 -13.74
C LYS G 174 6.75 -20.38 -14.33
N GLY G 175 6.32 -20.56 -15.58
CA GLY G 175 5.32 -19.66 -16.22
C GLY G 175 5.84 -18.31 -16.71
N VAL G 176 7.16 -18.19 -16.84
CA VAL G 176 7.82 -16.96 -17.28
C VAL G 176 8.32 -17.14 -18.71
N THR G 177 8.16 -16.12 -19.54
CA THR G 177 8.84 -16.11 -20.85
C THR G 177 9.94 -15.07 -20.87
N VAL G 178 11.01 -15.43 -21.57
CA VAL G 178 12.16 -14.57 -21.78
C VAL G 178 12.46 -14.57 -23.27
N ASN G 179 12.33 -13.40 -23.89
CA ASN G 179 12.54 -13.26 -25.33
C ASN G 179 13.38 -12.04 -25.62
N ALA G 180 13.94 -12.01 -26.83
CA ALA G 180 14.74 -10.90 -27.30
C ALA G 180 14.18 -10.33 -28.59
N ILE G 181 14.20 -9.01 -28.71
CA ILE G 181 13.89 -8.31 -29.94
C ILE G 181 15.18 -7.68 -30.46
N CYS G 182 15.46 -7.90 -31.74
CA CYS G 182 16.56 -7.23 -32.44
C CYS G 182 16.02 -6.16 -33.39
N PRO G 183 16.02 -4.89 -32.96
CA PRO G 183 15.63 -3.84 -33.91
C PRO G 183 16.64 -3.77 -35.03
N GLY G 184 16.16 -3.47 -36.23
CA GLY G 184 17.04 -3.23 -37.38
C GLY G 184 17.55 -1.82 -37.38
N PHE G 185 17.02 -0.97 -38.27
CA PHE G 185 17.37 0.45 -38.35
C PHE G 185 16.12 1.23 -37.94
N ILE G 186 16.17 1.84 -36.76
CA ILE G 186 15.06 2.58 -36.19
C ILE G 186 15.38 4.07 -36.12
N ASP G 187 14.39 4.88 -36.50
CA ASP G 187 14.45 6.32 -36.45
C ASP G 187 14.40 6.84 -35.00
N THR G 188 15.56 7.28 -34.51
CA THR G 188 15.71 7.90 -33.17
C THR G 188 16.72 9.05 -33.28
N ASP G 189 17.02 9.71 -32.15
CA ASP G 189 18.06 10.77 -32.10
C ASP G 189 19.44 10.29 -32.58
N MET G 190 19.85 9.07 -32.20
CA MET G 190 21.14 8.50 -32.61
C MET G 190 21.27 8.30 -34.13
N THR G 191 20.19 7.81 -34.77
CA THR G 191 20.20 7.53 -36.20
C THR G 191 19.89 8.77 -37.05
N ARG G 192 19.17 9.77 -36.48
CA ARG G 192 18.83 11.00 -37.20
CA ARG G 192 18.83 11.01 -37.20
C ARG G 192 20.05 11.87 -37.54
N GLY G 193 20.96 12.06 -36.57
CA GLY G 193 22.05 13.05 -36.77
C GLY G 193 23.20 12.65 -37.67
N VAL G 194 22.90 12.50 -38.94
CA VAL G 194 23.82 11.87 -39.94
C VAL G 194 23.48 12.57 -41.28
N PRO G 195 24.47 12.73 -42.18
CA PRO G 195 24.14 13.38 -43.46
C PRO G 195 23.01 12.65 -44.22
N GLU G 196 22.12 13.40 -44.83
CA GLU G 196 20.99 12.86 -45.53
C GLU G 196 21.35 11.85 -46.64
N ASN G 197 22.48 12.05 -47.30
CA ASN G 197 23.00 11.10 -48.31
C ASN G 197 23.27 9.69 -47.70
N VAL G 198 23.78 9.69 -46.46
CA VAL G 198 24.06 8.47 -45.72
C VAL G 198 22.77 7.73 -45.32
N TRP G 199 21.85 8.49 -44.72
CA TRP G 199 20.53 7.97 -44.41
C TRP G 199 19.95 7.20 -45.58
N GLN G 200 19.94 7.77 -46.78
CA GLN G 200 19.38 7.07 -47.98
C GLN G 200 20.06 5.76 -48.31
N ILE G 201 21.37 5.66 -48.03
CA ILE G 201 22.11 4.41 -48.25
C ILE G 201 21.62 3.33 -47.25
N MET G 202 21.48 3.72 -46.00
CA MET G 202 20.92 2.82 -44.98
C MET G 202 19.49 2.36 -45.32
N ILE G 203 18.65 3.29 -45.74
CA ILE G 203 17.27 2.96 -46.22
C ILE G 203 17.27 1.95 -47.37
N SER G 204 18.19 2.07 -48.30
CA SER G 204 18.25 1.17 -49.47
C SER G 204 18.66 -0.25 -49.09
N LYS G 205 19.30 -0.41 -47.93
CA LYS G 205 19.56 -1.74 -47.33
C LYS G 205 18.35 -2.43 -46.65
N ILE G 206 17.26 -1.70 -46.45
CA ILE G 206 16.05 -2.22 -45.80
C ILE G 206 15.03 -2.62 -46.82
N PRO G 207 14.77 -3.91 -47.03
CA PRO G 207 13.79 -4.27 -48.08
C PRO G 207 12.44 -3.54 -48.00
N ALA G 208 11.94 -3.28 -46.80
CA ALA G 208 10.68 -2.53 -46.64
C ALA G 208 10.73 -1.09 -47.17
N GLY G 209 11.93 -0.51 -47.28
CA GLY G 209 12.12 0.80 -47.91
C GLY G 209 11.93 2.03 -47.01
N TYR G 210 11.84 1.83 -45.71
CA TYR G 210 11.78 2.92 -44.74
C TYR G 210 12.37 2.46 -43.39
N ALA G 211 12.79 3.43 -42.59
CA ALA G 211 13.27 3.18 -41.25
C ALA G 211 12.10 2.97 -40.32
N GLY G 212 12.24 2.04 -39.38
CA GLY G 212 11.20 1.79 -38.40
C GLY G 212 11.12 2.89 -37.38
N GLU G 213 10.05 2.91 -36.63
CA GLU G 213 9.84 3.87 -35.55
C GLU G 213 9.91 3.13 -34.23
N ALA G 214 10.07 3.88 -33.16
CA ALA G 214 10.11 3.32 -31.82
C ALA G 214 8.87 2.47 -31.54
N LYS G 215 7.71 2.92 -32.01
CA LYS G 215 6.45 2.19 -31.77
C LYS G 215 6.38 0.81 -32.45
N ASP G 216 7.14 0.59 -33.51
CA ASP G 216 7.20 -0.73 -34.14
C ASP G 216 7.83 -1.75 -33.20
N VAL G 217 8.88 -1.35 -32.50
CA VAL G 217 9.49 -2.17 -31.47
C VAL G 217 8.51 -2.35 -30.30
N GLY G 218 7.85 -1.26 -29.93
CA GLY G 218 6.84 -1.26 -28.86
C GLY G 218 5.70 -2.24 -29.07
N GLU G 219 5.22 -2.34 -30.30
CA GLU G 219 4.11 -3.24 -30.63
C GLU G 219 4.51 -4.69 -30.43
N CYS G 220 5.74 -5.03 -30.82
CA CYS G 220 6.27 -6.37 -30.62
C CYS G 220 6.48 -6.70 -29.14
N VAL G 221 6.97 -5.73 -28.36
CA VAL G 221 7.10 -5.89 -26.91
C VAL G 221 5.73 -6.14 -26.29
N ALA G 222 4.74 -5.35 -26.68
CA ALA G 222 3.40 -5.48 -26.11
C ALA G 222 2.77 -6.85 -26.38
N PHE G 223 2.98 -7.35 -27.58
CA PHE G 223 2.55 -8.69 -27.93
C PHE G 223 3.24 -9.76 -27.08
N LEU G 224 4.57 -9.71 -26.98
CA LEU G 224 5.30 -10.70 -26.18
C LEU G 224 4.93 -10.63 -24.70
N ALA G 225 4.57 -9.45 -24.24
CA ALA G 225 4.15 -9.23 -22.85
C ALA G 225 2.77 -9.76 -22.53
N SER G 226 1.94 -9.97 -23.55
CA SER G 226 0.55 -10.42 -23.36
C SER G 226 0.47 -11.93 -23.06
N ASP G 227 -0.72 -12.35 -22.64
CA ASP G 227 -1.01 -13.76 -22.37
CA ASP G 227 -1.03 -13.79 -22.39
C ASP G 227 -1.02 -14.59 -23.68
N GLY G 228 -1.37 -13.97 -24.80
CA GLY G 228 -1.30 -14.61 -26.12
C GLY G 228 0.06 -15.06 -26.62
N ALA G 229 1.14 -14.59 -25.98
CA ALA G 229 2.49 -15.00 -26.30
C ALA G 229 3.11 -15.89 -25.23
N ARG G 230 2.26 -16.54 -24.43
CA ARG G 230 2.72 -17.42 -23.35
C ARG G 230 3.58 -18.59 -23.80
N TYR G 231 3.38 -19.01 -25.05
CA TYR G 231 4.10 -20.16 -25.61
C TYR G 231 5.28 -19.77 -26.49
N ILE G 232 5.62 -18.48 -26.53
CA ILE G 232 6.81 -17.98 -27.22
C ILE G 232 7.86 -17.71 -26.16
N ASN G 233 9.00 -18.39 -26.26
CA ASN G 233 10.00 -18.38 -25.23
C ASN G 233 11.38 -18.66 -25.81
N GLY G 234 12.34 -17.83 -25.44
CA GLY G 234 13.71 -17.95 -25.94
C GLY G 234 13.90 -17.53 -27.40
N GLU G 235 12.95 -16.74 -27.95
CA GLU G 235 13.02 -16.27 -29.32
C GLU G 235 13.83 -15.00 -29.49
N VAL G 236 14.37 -14.85 -30.69
CA VAL G 236 15.00 -13.65 -31.15
C VAL G 236 14.16 -13.19 -32.33
N ILE G 237 13.39 -12.13 -32.13
CA ILE G 237 12.53 -11.59 -33.19
C ILE G 237 13.14 -10.31 -33.75
N ASN G 238 13.44 -10.31 -35.05
CA ASN G 238 13.92 -9.09 -35.73
C ASN G 238 12.76 -8.17 -36.07
N VAL G 239 12.91 -6.90 -35.73
CA VAL G 239 11.98 -5.84 -36.07
C VAL G 239 12.78 -4.85 -36.91
N GLY G 240 12.96 -5.18 -38.18
CA GLY G 240 13.85 -4.46 -39.08
C GLY G 240 13.42 -4.40 -40.52
N GLY G 241 12.13 -4.57 -40.82
CA GLY G 241 11.64 -4.56 -42.19
C GLY G 241 12.33 -5.49 -43.17
N GLY G 242 12.81 -6.63 -42.68
CA GLY G 242 13.50 -7.64 -43.49
C GLY G 242 15.00 -7.41 -43.67
N MET G 243 15.54 -6.44 -42.93
CA MET G 243 16.92 -6.04 -43.10
C MET G 243 17.88 -7.06 -42.56
N VAL G 244 18.77 -7.55 -43.42
CA VAL G 244 19.86 -8.45 -43.05
C VAL G 244 21.13 -7.59 -43.01
N LEU G 245 21.59 -7.32 -41.79
CA LEU G 245 22.77 -6.51 -41.58
C LEU G 245 24.03 -7.20 -42.09
N MET H 2 52.56 -31.73 -43.96
CA MET H 2 53.04 -30.54 -43.19
C MET H 2 52.37 -29.22 -43.63
N ALA H 3 51.07 -29.12 -43.39
CA ALA H 3 50.27 -27.98 -43.89
C ALA H 3 50.59 -26.60 -43.29
N LEU H 4 51.21 -26.54 -42.12
CA LEU H 4 51.45 -25.29 -41.41
C LEU H 4 52.95 -25.02 -41.18
N ALA H 5 53.79 -25.61 -42.04
CA ALA H 5 55.24 -25.43 -41.95
C ALA H 5 55.59 -23.94 -42.07
N SER H 6 56.56 -23.50 -41.28
CA SER H 6 56.99 -22.09 -41.25
C SER H 6 55.89 -21.12 -40.78
N LYS H 7 54.93 -21.60 -39.98
CA LYS H 7 53.92 -20.73 -39.40
C LYS H 7 54.05 -20.70 -37.89
N THR H 8 53.74 -19.56 -37.31
CA THR H 8 53.79 -19.34 -35.88
C THR H 8 52.37 -19.19 -35.35
N ALA H 9 52.05 -19.96 -34.32
CA ALA H 9 50.74 -19.99 -33.72
C ALA H 9 50.80 -19.71 -32.24
N ILE H 10 49.93 -18.83 -31.75
CA ILE H 10 49.66 -18.71 -30.33
C ILE H 10 48.37 -19.47 -30.04
N VAL H 11 48.41 -20.35 -29.04
CA VAL H 11 47.22 -21.02 -28.54
C VAL H 11 47.06 -20.65 -27.08
N THR H 12 46.01 -19.89 -26.74
CA THR H 12 45.77 -19.55 -25.35
C THR H 12 45.13 -20.73 -24.65
N GLY H 13 45.42 -20.88 -23.36
CA GLY H 13 44.87 -21.95 -22.55
C GLY H 13 45.37 -23.32 -22.93
N ALA H 14 46.59 -23.37 -23.47
CA ALA H 14 47.13 -24.59 -24.05
C ALA H 14 47.98 -25.44 -23.08
N ALA H 15 47.96 -25.12 -21.79
CA ALA H 15 48.60 -25.96 -20.77
C ALA H 15 47.98 -27.35 -20.65
N ARG H 16 46.67 -27.44 -20.88
CA ARG H 16 45.94 -28.71 -20.76
C ARG H 16 44.68 -28.71 -21.63
N GLY H 17 44.01 -29.85 -21.64
CA GLY H 17 42.69 -29.99 -22.25
C GLY H 17 42.68 -29.73 -23.76
N ILE H 18 41.62 -29.06 -24.21
CA ILE H 18 41.42 -28.80 -25.61
C ILE H 18 42.58 -27.99 -26.20
N GLY H 19 42.98 -26.95 -25.48
CA GLY H 19 44.10 -26.12 -25.91
C GLY H 19 45.36 -26.90 -26.18
N PHE H 20 45.68 -27.82 -25.28
CA PHE H 20 46.86 -28.63 -25.45
C PHE H 20 46.75 -29.54 -26.67
N GLY H 21 45.59 -30.19 -26.83
CA GLY H 21 45.30 -30.98 -28.06
C GLY H 21 45.45 -30.16 -29.37
N ILE H 22 44.94 -28.93 -29.36
CA ILE H 22 45.05 -28.05 -30.51
C ILE H 22 46.55 -27.80 -30.79
N ALA H 23 47.31 -27.47 -29.75
CA ALA H 23 48.75 -27.22 -29.87
C ALA H 23 49.51 -28.41 -30.44
N GLN H 24 49.11 -29.62 -30.06
CA GLN H 24 49.74 -30.84 -30.57
C GLN H 24 49.54 -31.00 -32.06
N VAL H 25 48.31 -30.80 -32.51
CA VAL H 25 47.96 -30.92 -33.92
C VAL H 25 48.66 -29.85 -34.75
N LEU H 26 48.68 -28.60 -34.26
CA LEU H 26 49.36 -27.54 -34.98
C LEU H 26 50.85 -27.88 -35.10
N ALA H 27 51.44 -28.36 -34.01
CA ALA H 27 52.84 -28.78 -34.00
C ALA H 27 53.11 -29.93 -34.95
N ARG H 28 52.21 -30.93 -34.97
CA ARG H 28 52.29 -32.03 -35.93
C ARG H 28 52.31 -31.55 -37.38
N GLU H 29 51.55 -30.50 -37.68
CA GLU H 29 51.52 -29.94 -39.02
C GLU H 29 52.61 -28.88 -39.28
N GLY H 30 53.54 -28.73 -38.33
CA GLY H 30 54.79 -27.98 -38.56
C GLY H 30 54.86 -26.58 -38.00
N ALA H 31 53.84 -26.17 -37.25
CA ALA H 31 53.81 -24.84 -36.68
C ALA H 31 54.75 -24.74 -35.50
N ARG H 32 55.31 -23.55 -35.33
CA ARG H 32 55.98 -23.16 -34.10
C ARG H 32 54.88 -22.66 -33.18
N VAL H 33 54.83 -23.17 -31.95
CA VAL H 33 53.68 -22.97 -31.08
C VAL H 33 54.05 -22.25 -29.80
N ILE H 34 53.39 -21.14 -29.54
CA ILE H 34 53.45 -20.47 -28.26
C ILE H 34 52.31 -21.03 -27.40
N ILE H 35 52.65 -21.68 -26.28
CA ILE H 35 51.67 -22.08 -25.27
C ILE H 35 51.47 -20.86 -24.38
N ALA H 36 50.34 -20.19 -24.51
CA ALA H 36 50.02 -19.04 -23.65
C ALA H 36 49.02 -19.49 -22.62
N ASP H 37 49.34 -19.34 -21.35
CA ASP H 37 48.48 -19.81 -20.26
C ASP H 37 48.80 -19.05 -18.99
N ARG H 38 47.81 -18.97 -18.11
CA ARG H 38 48.03 -18.33 -16.79
C ARG H 38 48.75 -19.26 -15.80
N ASP H 39 48.68 -20.56 -16.06
CA ASP H 39 49.27 -21.57 -15.21
C ASP H 39 50.66 -22.03 -15.68
N ALA H 40 51.59 -22.17 -14.74
CA ALA H 40 52.95 -22.63 -15.01
C ALA H 40 53.09 -24.06 -15.53
N HIS H 41 52.06 -24.89 -15.44
CA HIS H 41 52.03 -26.19 -16.13
C HIS H 41 52.19 -26.03 -17.66
N GLY H 42 51.92 -24.82 -18.16
CA GLY H 42 52.23 -24.48 -19.54
C GLY H 42 53.65 -24.76 -19.99
N GLU H 43 54.60 -24.64 -19.08
CA GLU H 43 56.00 -25.01 -19.36
C GLU H 43 56.16 -26.49 -19.66
N ALA H 44 55.44 -27.33 -18.92
CA ALA H 44 55.46 -28.78 -19.15
C ALA H 44 54.84 -29.16 -20.52
N ALA H 45 53.74 -28.48 -20.86
CA ALA H 45 53.09 -28.65 -22.15
C ALA H 45 54.02 -28.30 -23.31
N ALA H 46 54.69 -27.15 -23.19
CA ALA H 46 55.67 -26.71 -24.18
C ALA H 46 56.84 -27.68 -24.29
N ALA H 47 57.32 -28.14 -23.14
CA ALA H 47 58.40 -29.13 -23.08
C ALA H 47 57.99 -30.43 -23.78
N SER H 48 56.75 -30.86 -23.56
CA SER H 48 56.22 -32.07 -24.22
C SER H 48 56.24 -31.96 -25.75
N LEU H 49 55.90 -30.78 -26.27
CA LEU H 49 55.97 -30.53 -27.71
C LEU H 49 57.42 -30.54 -28.21
N ARG H 50 58.32 -29.94 -27.43
CA ARG H 50 59.76 -29.92 -27.77
C ARG H 50 60.34 -31.34 -27.79
N GLU H 51 59.98 -32.16 -26.80
CA GLU H 51 60.39 -33.57 -26.76
C GLU H 51 59.91 -34.40 -27.96
N SER H 52 58.80 -34.01 -28.58
CA SER H 52 58.33 -34.65 -29.80
C SER H 52 58.97 -34.12 -31.10
N GLY H 53 59.86 -33.13 -31.00
CA GLY H 53 60.59 -32.60 -32.14
C GLY H 53 60.13 -31.26 -32.66
N ALA H 54 59.11 -30.68 -32.04
CA ALA H 54 58.56 -29.38 -32.47
C ALA H 54 59.27 -28.22 -31.78
N GLN H 55 59.11 -27.03 -32.34
CA GLN H 55 59.54 -25.81 -31.68
C GLN H 55 58.34 -25.25 -30.91
N ALA H 56 58.56 -24.99 -29.62
CA ALA H 56 57.50 -24.50 -28.74
C ALA H 56 58.06 -23.73 -27.56
N LEU H 57 57.26 -22.80 -27.06
CA LEU H 57 57.64 -21.89 -26.00
C LEU H 57 56.43 -21.58 -25.14
N PHE H 58 56.60 -21.67 -23.83
CA PHE H 58 55.58 -21.27 -22.88
C PHE H 58 55.78 -19.79 -22.57
N ILE H 59 54.69 -19.02 -22.62
CA ILE H 59 54.68 -17.65 -22.12
C ILE H 59 53.53 -17.51 -21.14
N SER H 60 53.87 -17.10 -19.91
CA SER H 60 52.89 -16.89 -18.87
C SER H 60 52.07 -15.67 -19.23
N CYS H 61 50.75 -15.80 -19.13
CA CYS H 61 49.85 -14.73 -19.55
C CYS H 61 48.45 -14.95 -19.00
N ASN H 62 47.91 -13.93 -18.37
CA ASN H 62 46.51 -13.85 -18.02
C ASN H 62 45.87 -12.96 -19.10
N ILE H 63 45.04 -13.58 -19.94
CA ILE H 63 44.47 -12.89 -21.11
C ILE H 63 43.53 -11.73 -20.75
N ALA H 64 43.03 -11.70 -19.52
CA ALA H 64 42.21 -10.59 -19.01
C ALA H 64 42.96 -9.27 -18.78
N GLU H 65 44.31 -9.31 -18.79
CA GLU H 65 45.15 -8.14 -18.55
C GLU H 65 45.79 -7.67 -19.87
N LYS H 66 45.38 -6.50 -20.34
CA LYS H 66 45.89 -5.99 -21.62
C LYS H 66 47.43 -5.95 -21.67
N THR H 67 48.07 -5.45 -20.61
CA THR H 67 49.54 -5.32 -20.60
C THR H 67 50.25 -6.68 -20.73
N GLN H 68 49.70 -7.72 -20.10
CA GLN H 68 50.24 -9.08 -20.28
C GLN H 68 50.03 -9.65 -21.68
N VAL H 69 48.90 -9.30 -22.29
CA VAL H 69 48.61 -9.73 -23.67
C VAL H 69 49.52 -9.03 -24.66
N GLU H 70 49.74 -7.72 -24.46
CA GLU H 70 50.73 -6.97 -25.27
C GLU H 70 52.11 -7.60 -25.15
N ALA H 71 52.48 -7.98 -23.93
CA ALA H 71 53.78 -8.63 -23.68
C ALA H 71 53.85 -10.01 -24.33
N LEU H 72 52.77 -10.79 -24.25
CA LEU H 72 52.68 -12.09 -24.93
C LEU H 72 52.99 -12.01 -26.42
N PHE H 73 52.37 -11.06 -27.10
CA PHE H 73 52.57 -10.90 -28.56
C PHE H 73 53.97 -10.38 -28.89
N SER H 74 54.49 -9.43 -28.12
CA SER H 74 55.87 -8.93 -28.29
C SER H 74 56.87 -10.06 -28.20
N GLN H 75 56.85 -10.78 -27.08
CA GLN H 75 57.77 -11.89 -26.84
C GLN H 75 57.64 -12.99 -27.87
N ALA H 76 56.39 -13.37 -28.18
CA ALA H 76 56.11 -14.40 -29.17
C ALA H 76 56.80 -14.10 -30.50
N GLU H 77 56.68 -12.85 -30.93
CA GLU H 77 57.25 -12.41 -32.22
C GLU H 77 58.77 -12.27 -32.20
N GLU H 78 59.32 -11.84 -31.07
CA GLU H 78 60.78 -11.84 -30.87
C GLU H 78 61.35 -13.25 -30.98
N ALA H 79 60.66 -14.23 -30.42
CA ALA H 79 61.13 -15.63 -30.41
C ALA H 79 60.91 -16.34 -31.75
N PHE H 80 59.68 -16.33 -32.25
CA PHE H 80 59.31 -17.13 -33.44
C PHE H 80 58.89 -16.32 -34.66
N GLY H 81 59.05 -15.01 -34.64
CA GLY H 81 58.64 -14.17 -35.79
C GLY H 81 57.14 -13.95 -35.85
N PRO H 82 56.65 -13.33 -36.94
CA PRO H 82 55.25 -12.91 -37.04
C PRO H 82 54.25 -13.99 -36.66
N VAL H 83 53.23 -13.63 -35.86
CA VAL H 83 52.14 -14.53 -35.51
C VAL H 83 51.15 -14.68 -36.65
N ASP H 84 51.13 -15.86 -37.27
CA ASP H 84 50.25 -16.21 -38.38
C ASP H 84 48.88 -16.68 -37.91
N ILE H 85 48.85 -17.35 -36.75
CA ILE H 85 47.67 -18.03 -36.25
C ILE H 85 47.45 -17.70 -34.77
N LEU H 86 46.25 -17.24 -34.43
CA LEU H 86 45.85 -17.08 -33.01
C LEU H 86 44.65 -17.98 -32.74
N VAL H 87 44.77 -18.82 -31.71
CA VAL H 87 43.67 -19.65 -31.25
C VAL H 87 43.30 -19.20 -29.86
N ASN H 88 42.12 -18.60 -29.73
CA ASN H 88 41.62 -18.15 -28.44
C ASN H 88 40.81 -19.27 -27.83
N ASN H 89 41.51 -20.10 -27.05
CA ASN H 89 40.92 -21.27 -26.40
C ASN H 89 40.70 -21.07 -24.90
N ALA H 90 41.50 -20.24 -24.25
CA ALA H 90 41.37 -20.05 -22.79
C ALA H 90 39.95 -19.67 -22.42
N GLY H 91 39.43 -20.31 -21.39
CA GLY H 91 38.14 -19.96 -20.80
C GLY H 91 37.88 -20.67 -19.50
N ILE H 92 36.90 -20.17 -18.75
CA ILE H 92 36.52 -20.73 -17.47
C ILE H 92 35.02 -20.81 -17.31
N ASN H 93 34.56 -21.63 -16.37
CA ASN H 93 33.16 -21.68 -15.94
C ASN H 93 33.05 -21.29 -14.49
N ARG H 94 32.03 -20.51 -14.16
CA ARG H 94 31.60 -20.29 -12.78
C ARG H 94 30.08 -20.36 -12.78
N ASP H 95 29.58 -21.56 -12.92
CA ASP H 95 28.15 -21.78 -13.15
C ASP H 95 27.32 -21.46 -11.91
N ALA H 96 26.08 -21.05 -12.18
CA ALA H 96 25.06 -20.79 -11.18
C ALA H 96 23.78 -20.42 -11.91
N MET H 97 22.67 -20.74 -11.30
CA MET H 97 21.36 -20.34 -11.80
C MET H 97 21.25 -18.81 -11.80
N LEU H 98 20.41 -18.28 -12.68
CA LEU H 98 20.29 -16.83 -12.90
C LEU H 98 19.99 -16.05 -11.63
N HIS H 99 19.06 -16.57 -10.86
CA HIS H 99 18.66 -15.98 -9.57
C HIS H 99 19.71 -16.06 -8.45
N LYS H 100 20.74 -16.89 -8.58
CA LYS H 100 21.79 -17.06 -7.56
C LYS H 100 23.18 -16.52 -7.94
N LEU H 101 23.41 -16.23 -9.21
CA LEU H 101 24.74 -15.92 -9.70
C LEU H 101 25.30 -14.67 -9.01
N THR H 102 26.48 -14.80 -8.42
CA THR H 102 27.11 -13.68 -7.73
C THR H 102 27.71 -12.74 -8.73
N GLU H 103 27.85 -11.49 -8.32
CA GLU H 103 28.47 -10.49 -9.15
C GLU H 103 29.93 -10.86 -9.47
N ALA H 104 30.64 -11.44 -8.52
CA ALA H 104 32.04 -11.83 -8.72
C ALA H 104 32.16 -12.94 -9.79
N ASP H 105 31.28 -13.92 -9.71
CA ASP H 105 31.28 -15.03 -10.66
C ASP H 105 30.85 -14.59 -12.07
N TRP H 106 29.94 -13.62 -12.15
CA TRP H 106 29.63 -12.97 -13.41
C TRP H 106 30.87 -12.28 -13.95
N ASP H 107 31.42 -11.37 -13.14
CA ASP H 107 32.56 -10.54 -13.55
C ASP H 107 33.71 -11.36 -14.10
N THR H 108 34.12 -12.39 -13.36
CA THR H 108 35.30 -13.17 -13.70
C THR H 108 35.15 -13.92 -15.04
N VAL H 109 33.99 -14.53 -15.29
CA VAL H 109 33.75 -15.26 -16.52
C VAL H 109 33.73 -14.32 -17.74
N ILE H 110 33.06 -13.18 -17.63
CA ILE H 110 33.08 -12.17 -18.69
C ILE H 110 34.49 -11.68 -18.94
N ASP H 111 35.22 -11.40 -17.86
CA ASP H 111 36.57 -10.83 -17.93
C ASP H 111 37.53 -11.74 -18.68
N VAL H 112 37.47 -13.05 -18.42
CA VAL H 112 38.36 -14.00 -19.09
C VAL H 112 37.85 -14.38 -20.48
N ASN H 113 36.63 -14.89 -20.54
CA ASN H 113 36.11 -15.49 -21.77
C ASN H 113 35.83 -14.47 -22.86
N LEU H 114 35.29 -13.33 -22.47
CA LEU H 114 34.86 -12.34 -23.44
C LEU H 114 35.93 -11.26 -23.62
N LYS H 115 36.24 -10.53 -22.55
CA LYS H 115 37.22 -9.45 -22.63
C LYS H 115 38.60 -9.99 -22.98
N GLY H 116 39.00 -11.09 -22.37
CA GLY H 116 40.28 -11.70 -22.69
C GLY H 116 40.44 -12.07 -24.14
N THR H 117 39.39 -12.68 -24.68
CA THR H 117 39.35 -13.04 -26.09
C THR H 117 39.46 -11.79 -26.96
N PHE H 118 38.74 -10.73 -26.60
CA PHE H 118 38.83 -9.43 -27.30
C PHE H 118 40.27 -8.90 -27.32
N LEU H 119 40.92 -8.88 -26.16
CA LEU H 119 42.27 -8.34 -26.05
C LEU H 119 43.25 -9.04 -26.96
N CYS H 120 43.17 -10.36 -27.01
CA CYS H 120 44.03 -11.15 -27.88
C CYS H 120 43.70 -10.93 -29.36
N MET H 121 42.41 -10.96 -29.70
CA MET H 121 41.96 -10.66 -31.07
C MET H 121 42.48 -9.31 -31.54
N GLN H 122 42.44 -8.32 -30.65
CA GLN H 122 42.90 -6.96 -30.94
C GLN H 122 44.39 -6.94 -31.30
N GLN H 123 45.20 -7.59 -30.49
CA GLN H 123 46.64 -7.68 -30.75
C GLN H 123 46.94 -8.38 -32.05
N ALA H 124 46.21 -9.46 -32.34
CA ALA H 124 46.37 -10.16 -33.60
C ALA H 124 45.98 -9.27 -34.77
N ALA H 125 44.87 -8.56 -34.61
CA ALA H 125 44.30 -7.73 -35.67
C ALA H 125 45.22 -6.56 -36.04
N ILE H 126 45.78 -5.89 -35.03
CA ILE H 126 46.74 -4.80 -35.23
C ILE H 126 47.86 -5.22 -36.17
N ARG H 127 48.37 -6.44 -35.94
CA ARG H 127 49.49 -6.98 -36.71
C ARG H 127 49.05 -7.56 -38.04
N MET H 128 48.04 -8.41 -38.01
CA MET H 128 47.60 -9.12 -39.21
C MET H 128 47.06 -8.21 -40.30
N ARG H 129 46.36 -7.14 -39.93
CA ARG H 129 45.83 -6.23 -40.96
C ARG H 129 46.94 -5.49 -41.76
N GLU H 130 48.09 -5.23 -41.11
CA GLU H 130 49.26 -4.67 -41.81
C GLU H 130 49.98 -5.68 -42.69
N ARG H 131 50.10 -6.94 -42.23
CA ARG H 131 50.77 -8.00 -43.01
C ARG H 131 49.97 -8.52 -44.20
N GLY H 132 48.65 -8.30 -44.20
CA GLY H 132 47.80 -8.82 -45.26
C GLY H 132 47.60 -10.35 -45.24
N ALA H 133 47.74 -10.96 -44.07
CA ALA H 133 47.51 -12.40 -43.87
C ALA H 133 47.28 -12.71 -42.42
N GLY H 134 46.58 -13.81 -42.15
CA GLY H 134 46.36 -14.23 -40.78
C GLY H 134 45.17 -15.18 -40.58
N ARG H 135 45.18 -15.81 -39.41
CA ARG H 135 44.11 -16.69 -38.97
C ARG H 135 43.82 -16.44 -37.51
N ILE H 136 42.54 -16.17 -37.21
CA ILE H 136 42.07 -16.11 -35.84
C ILE H 136 40.97 -17.14 -35.72
N ILE H 137 41.11 -18.00 -34.71
CA ILE H 137 40.15 -19.08 -34.47
C ILE H 137 39.76 -19.04 -32.99
N ASN H 138 38.48 -18.80 -32.73
CA ASN H 138 37.98 -18.66 -31.38
C ASN H 138 37.23 -19.92 -30.99
N ILE H 139 37.50 -20.40 -29.78
CA ILE H 139 36.80 -21.53 -29.23
C ILE H 139 35.64 -20.96 -28.43
N ALA H 140 34.44 -21.18 -28.92
CA ALA H 140 33.25 -20.72 -28.24
C ALA H 140 32.70 -21.91 -27.46
N SER H 141 31.42 -22.24 -27.60
CA SER H 141 30.79 -23.36 -26.91
C SER H 141 29.40 -23.55 -27.47
N ALA H 142 28.93 -24.78 -27.43
CA ALA H 142 27.53 -25.10 -27.70
C ALA H 142 26.54 -24.31 -26.80
N SER H 143 27.03 -23.87 -25.65
CA SER H 143 26.23 -23.09 -24.72
C SER H 143 25.90 -21.67 -25.17
N TRP H 144 26.41 -21.22 -26.32
CA TRP H 144 26.15 -19.87 -26.80
C TRP H 144 24.69 -19.59 -27.12
N LEU H 145 23.93 -20.63 -27.44
CA LEU H 145 22.49 -20.51 -27.62
C LEU H 145 21.70 -20.98 -26.40
N GLY H 146 22.33 -20.90 -25.23
CA GLY H 146 21.65 -21.15 -23.98
C GLY H 146 21.99 -22.47 -23.34
N ASN H 147 22.09 -22.45 -22.02
CA ASN H 147 22.25 -23.64 -21.22
C ASN H 147 21.93 -23.35 -19.78
N VAL H 148 21.20 -24.25 -19.16
CA VAL H 148 20.84 -24.13 -17.74
C VAL H 148 22.09 -23.93 -16.88
N GLY H 149 22.03 -22.95 -15.98
CA GLY H 149 23.12 -22.71 -15.04
C GLY H 149 24.27 -21.88 -15.59
N GLN H 150 24.10 -21.32 -16.79
CA GLN H 150 25.21 -20.71 -17.49
C GLN H 150 24.88 -19.34 -18.07
N THR H 151 24.18 -18.53 -17.29
CA THR H 151 23.93 -17.15 -17.69
C THR H 151 25.24 -16.43 -18.06
N ASN H 152 26.25 -16.51 -17.19
CA ASN H 152 27.52 -15.85 -17.46
C ASN H 152 28.29 -16.48 -18.60
N TYR H 153 28.36 -17.82 -18.63
CA TYR H 153 29.13 -18.53 -19.64
C TYR H 153 28.52 -18.37 -21.03
N SER H 154 27.20 -18.54 -21.13
CA SER H 154 26.50 -18.39 -22.41
C SER H 154 26.63 -16.96 -22.94
N ALA H 155 26.50 -15.99 -22.05
CA ALA H 155 26.71 -14.59 -22.43
C ALA H 155 28.09 -14.41 -23.04
N SER H 156 29.09 -14.96 -22.36
CA SER H 156 30.47 -14.77 -22.77
C SER H 156 30.77 -15.42 -24.10
N LYS H 157 30.24 -16.63 -24.31
CA LYS H 157 30.52 -17.38 -25.52
C LYS H 157 29.72 -16.90 -26.74
N ALA H 158 28.48 -16.49 -26.54
CA ALA H 158 27.71 -15.81 -27.59
C ALA H 158 28.42 -14.52 -27.99
N GLY H 159 28.90 -13.79 -26.99
CA GLY H 159 29.72 -12.61 -27.23
C GLY H 159 30.90 -12.90 -28.12
N VAL H 160 31.59 -14.00 -27.85
CA VAL H 160 32.70 -14.39 -28.69
C VAL H 160 32.26 -14.63 -30.13
N VAL H 161 31.09 -15.22 -30.33
CA VAL H 161 30.57 -15.43 -31.69
C VAL H 161 30.32 -14.08 -32.38
N GLY H 162 29.70 -13.16 -31.68
CA GLY H 162 29.48 -11.80 -32.21
C GLY H 162 30.76 -11.11 -32.67
N MET H 163 31.79 -11.14 -31.82
CA MET H 163 33.10 -10.54 -32.14
C MET H 163 33.75 -11.21 -33.32
N THR H 164 33.63 -12.53 -33.39
CA THR H 164 34.14 -13.33 -34.50
C THR H 164 33.58 -12.82 -35.81
N LYS H 165 32.28 -12.63 -35.86
CA LYS H 165 31.62 -12.19 -37.08
C LYS H 165 31.94 -10.73 -37.41
N THR H 166 32.02 -9.89 -36.40
CA THR H 166 32.46 -8.52 -36.56
C THR H 166 33.87 -8.46 -37.16
N ALA H 167 34.79 -9.23 -36.58
CA ALA H 167 36.17 -9.23 -37.03
C ALA H 167 36.32 -9.75 -38.45
N CYS H 168 35.51 -10.74 -38.82
CA CYS H 168 35.48 -11.21 -40.21
C CYS H 168 35.17 -10.06 -41.15
N ARG H 169 34.16 -9.25 -40.82
CA ARG H 169 33.79 -8.12 -41.66
C ARG H 169 34.87 -7.04 -41.79
N GLU H 170 35.59 -6.79 -40.69
CA GLU H 170 36.69 -5.82 -40.68
C GLU H 170 37.98 -6.27 -41.34
N LEU H 171 38.25 -7.57 -41.29
CA LEU H 171 39.58 -8.10 -41.66
C LEU H 171 39.61 -8.97 -42.90
N ALA H 172 38.46 -9.36 -43.43
CA ALA H 172 38.44 -10.32 -44.53
C ALA H 172 39.16 -9.81 -45.77
N LYS H 173 38.94 -8.51 -46.09
CA LYS H 173 39.55 -7.88 -47.25
C LYS H 173 41.07 -7.74 -47.12
N LYS H 174 41.58 -7.79 -45.89
CA LYS H 174 43.02 -7.82 -45.60
C LYS H 174 43.63 -9.24 -45.66
N GLY H 175 42.91 -10.24 -46.20
CA GLY H 175 43.43 -11.62 -46.29
C GLY H 175 43.45 -12.45 -45.00
N VAL H 176 42.69 -12.00 -44.00
CA VAL H 176 42.61 -12.65 -42.71
C VAL H 176 41.26 -13.35 -42.59
N THR H 177 41.24 -14.56 -42.02
CA THR H 177 39.97 -15.19 -41.65
C THR H 177 39.82 -15.23 -40.14
N VAL H 178 38.59 -15.06 -39.69
CA VAL H 178 38.22 -15.13 -38.30
C VAL H 178 37.01 -16.05 -38.20
N ASN H 179 37.19 -17.17 -37.51
CA ASN H 179 36.15 -18.18 -37.37
C ASN H 179 36.05 -18.64 -35.93
N ALA H 180 34.93 -19.27 -35.62
CA ALA H 180 34.67 -19.82 -34.30
C ALA H 180 34.36 -21.30 -34.38
N ILE H 181 34.89 -22.06 -33.44
CA ILE H 181 34.53 -23.45 -33.24
C ILE H 181 33.74 -23.54 -31.94
N CYS H 182 32.59 -24.22 -31.98
CA CYS H 182 31.81 -24.55 -30.78
C CYS H 182 31.96 -26.04 -30.46
N PRO H 183 32.87 -26.41 -29.53
CA PRO H 183 32.90 -27.80 -29.12
C PRO H 183 31.59 -28.15 -28.45
N GLY H 184 31.15 -29.39 -28.64
CA GLY H 184 29.93 -29.88 -27.98
C GLY H 184 30.29 -30.37 -26.57
N PHE H 185 30.35 -31.68 -26.41
CA PHE H 185 30.79 -32.29 -25.17
C PHE H 185 32.11 -33.01 -25.42
N ILE H 186 33.20 -32.47 -24.87
CA ILE H 186 34.54 -33.01 -25.08
C ILE H 186 35.11 -33.55 -23.78
N ASP H 187 35.74 -34.71 -23.87
CA ASP H 187 36.37 -35.38 -22.75
C ASP H 187 37.67 -34.68 -22.35
N THR H 188 37.63 -33.95 -21.24
CA THR H 188 38.80 -33.28 -20.64
C THR H 188 38.72 -33.38 -19.12
N ASP H 189 39.67 -32.76 -18.41
CA ASP H 189 39.63 -32.68 -16.94
C ASP H 189 38.35 -32.01 -16.39
N MET H 190 37.89 -30.93 -17.05
CA MET H 190 36.65 -30.24 -16.63
CA MET H 190 36.64 -30.21 -16.66
C MET H 190 35.39 -31.09 -16.73
N THR H 191 35.27 -31.86 -17.80
CA THR H 191 34.09 -32.74 -18.01
C THR H 191 34.18 -34.08 -17.29
N ARG H 192 35.40 -34.55 -17.02
CA ARG H 192 35.62 -35.82 -16.27
C ARG H 192 35.20 -35.73 -14.81
N GLY H 193 35.58 -34.64 -14.13
CA GLY H 193 35.12 -34.27 -12.80
C GLY H 193 33.66 -33.78 -12.73
N VAL H 194 32.74 -34.69 -13.01
CA VAL H 194 31.32 -34.46 -12.99
C VAL H 194 30.66 -35.76 -12.55
N PRO H 195 29.51 -35.70 -11.82
CA PRO H 195 28.91 -36.99 -11.40
C PRO H 195 28.62 -37.92 -12.56
N GLU H 196 28.87 -39.21 -12.37
CA GLU H 196 28.78 -40.20 -13.47
C GLU H 196 27.36 -40.26 -14.06
N ASN H 197 26.32 -40.03 -13.23
CA ASN H 197 24.94 -39.94 -13.72
C ASN H 197 24.73 -38.82 -14.74
N VAL H 198 25.41 -37.69 -14.52
CA VAL H 198 25.38 -36.53 -15.43
C VAL H 198 26.05 -36.81 -16.75
N TRP H 199 27.28 -37.34 -16.68
CA TRP H 199 28.01 -37.77 -17.87
C TRP H 199 27.08 -38.58 -18.79
N GLN H 200 26.40 -39.60 -18.26
CA GLN H 200 25.52 -40.45 -19.09
C GLN H 200 24.38 -39.69 -19.78
N ILE H 201 23.89 -38.64 -19.11
CA ILE H 201 22.83 -37.80 -19.67
C ILE H 201 23.38 -37.02 -20.86
N MET H 202 24.57 -36.43 -20.70
CA MET H 202 25.21 -35.72 -21.79
C MET H 202 25.50 -36.65 -22.98
N ILE H 203 26.02 -37.85 -22.73
CA ILE H 203 26.25 -38.84 -23.81
C ILE H 203 24.95 -39.16 -24.59
N SER H 204 23.83 -39.29 -23.88
CA SER H 204 22.57 -39.65 -24.53
C SER H 204 22.01 -38.51 -25.42
N LYS H 205 22.48 -37.29 -25.19
CA LYS H 205 22.18 -36.15 -26.07
C LYS H 205 23.02 -36.09 -27.35
N ILE H 206 24.08 -36.91 -27.48
CA ILE H 206 25.02 -36.80 -28.59
C ILE H 206 24.67 -37.88 -29.63
N PRO H 207 24.11 -37.50 -30.80
CA PRO H 207 23.78 -38.53 -31.78
C PRO H 207 24.93 -39.50 -32.12
N ALA H 208 26.16 -39.02 -32.18
CA ALA H 208 27.31 -39.88 -32.44
C ALA H 208 27.56 -40.96 -31.37
N GLY H 209 27.04 -40.76 -30.16
CA GLY H 209 27.07 -41.77 -29.10
C GLY H 209 28.29 -41.79 -28.19
N TYR H 210 29.21 -40.83 -28.35
CA TYR H 210 30.40 -40.74 -27.51
C TYR H 210 30.84 -39.28 -27.37
N ALA H 211 31.59 -39.00 -26.32
CA ALA H 211 32.19 -37.71 -26.11
C ALA H 211 33.40 -37.54 -27.02
N GLY H 212 33.58 -36.33 -27.52
CA GLY H 212 34.68 -36.02 -28.42
C GLY H 212 35.97 -35.89 -27.64
N GLU H 213 37.08 -35.87 -28.35
CA GLU H 213 38.39 -35.74 -27.76
C GLU H 213 38.98 -34.39 -28.13
N ALA H 214 40.00 -33.98 -27.40
CA ALA H 214 40.68 -32.71 -27.68
C ALA H 214 41.14 -32.64 -29.13
N LYS H 215 41.64 -33.76 -29.67
CA LYS H 215 42.17 -33.78 -31.03
C LYS H 215 41.11 -33.54 -32.12
N ASP H 216 39.83 -33.82 -31.83
CA ASP H 216 38.77 -33.52 -32.79
C ASP H 216 38.64 -32.01 -33.02
N VAL H 217 38.75 -31.25 -31.93
CA VAL H 217 38.77 -29.79 -32.02
C VAL H 217 40.05 -29.34 -32.72
N GLY H 218 41.17 -29.97 -32.38
CA GLY H 218 42.47 -29.69 -32.97
C GLY H 218 42.52 -29.81 -34.51
N GLU H 219 41.86 -30.86 -35.00
CA GLU H 219 41.83 -31.12 -36.44
C GLU H 219 41.08 -30.03 -37.18
N CYS H 220 39.97 -29.58 -36.61
CA CYS H 220 39.19 -28.50 -37.18
C CYS H 220 39.94 -27.16 -37.15
N VAL H 221 40.67 -26.89 -36.07
CA VAL H 221 41.52 -25.69 -35.99
C VAL H 221 42.60 -25.74 -37.08
N ALA H 222 43.24 -26.90 -37.24
CA ALA H 222 44.30 -27.04 -38.22
C ALA H 222 43.81 -26.80 -39.67
N PHE H 223 42.63 -27.31 -39.96
CA PHE H 223 41.99 -27.06 -41.24
C PHE H 223 41.69 -25.57 -41.46
N LEU H 224 41.06 -24.91 -40.49
CA LEU H 224 40.76 -23.49 -40.63
C LEU H 224 42.02 -22.63 -40.74
N ALA H 225 43.09 -23.09 -40.12
CA ALA H 225 44.38 -22.39 -40.15
C ALA H 225 45.12 -22.52 -41.48
N SER H 226 44.77 -23.53 -42.28
CA SER H 226 45.45 -23.80 -43.55
C SER H 226 44.99 -22.84 -44.66
N ASP H 227 45.73 -22.85 -45.76
CA ASP H 227 45.41 -22.05 -46.96
C ASP H 227 44.14 -22.56 -47.65
N GLY H 228 43.83 -23.84 -47.53
CA GLY H 228 42.58 -24.40 -48.05
C GLY H 228 41.26 -23.88 -47.46
N ALA H 229 41.34 -23.19 -46.32
CA ALA H 229 40.19 -22.59 -45.67
C ALA H 229 40.19 -21.07 -45.79
N ARG H 230 40.90 -20.54 -46.78
CA ARG H 230 40.99 -19.10 -47.01
C ARG H 230 39.65 -18.44 -47.28
N TYR H 231 38.71 -19.22 -47.82
CA TYR H 231 37.39 -18.70 -48.19
C TYR H 231 36.30 -18.98 -47.15
N ILE H 232 36.70 -19.51 -45.99
CA ILE H 232 35.78 -19.72 -44.85
C ILE H 232 36.08 -18.61 -43.87
N ASN H 233 35.07 -17.80 -43.56
CA ASN H 233 35.25 -16.61 -42.78
C ASN H 233 33.95 -16.24 -42.06
N GLY H 234 34.07 -15.95 -40.77
CA GLY H 234 32.91 -15.62 -39.93
C GLY H 234 32.00 -16.79 -39.60
N GLU H 235 32.51 -18.01 -39.73
CA GLU H 235 31.73 -19.24 -39.48
C GLU H 235 31.77 -19.65 -38.05
N VAL H 236 30.69 -20.36 -37.67
CA VAL H 236 30.58 -21.04 -36.39
C VAL H 236 30.45 -22.51 -36.74
N ILE H 237 31.51 -23.27 -36.49
CA ILE H 237 31.51 -24.71 -36.77
C ILE H 237 31.37 -25.48 -35.46
N ASN H 238 30.29 -26.27 -35.34
CA ASN H 238 30.11 -27.15 -34.19
C ASN H 238 30.93 -28.43 -34.35
N VAL H 239 31.68 -28.77 -33.32
CA VAL H 239 32.45 -30.01 -33.24
C VAL H 239 31.91 -30.75 -32.02
N GLY H 240 30.76 -31.41 -32.23
CA GLY H 240 29.98 -32.00 -31.16
C GLY H 240 29.20 -33.24 -31.51
N GLY H 241 29.63 -33.98 -32.52
CA GLY H 241 28.95 -35.20 -32.94
C GLY H 241 27.47 -35.09 -33.22
N GLY H 242 27.04 -33.93 -33.70
CA GLY H 242 25.63 -33.64 -34.02
C GLY H 242 24.77 -33.17 -32.86
N MET H 243 25.41 -32.89 -31.74
CA MET H 243 24.70 -32.59 -30.52
C MET H 243 24.05 -31.20 -30.56
N VAL H 244 22.74 -31.17 -30.35
CA VAL H 244 21.97 -29.95 -30.19
C VAL H 244 21.69 -29.76 -28.72
N LEU H 245 22.40 -28.82 -28.11
CA LEU H 245 22.27 -28.54 -26.67
C LEU H 245 20.88 -27.96 -26.37
C1 GOL I . -30.66 -7.16 13.78
O1 GOL I . -30.24 -6.16 14.75
C2 GOL I . -31.94 -6.74 13.06
O2 GOL I . -33.00 -6.49 14.02
C3 GOL I . -31.65 -5.47 12.27
O3 GOL I . -32.21 -5.36 10.96
PA NAI J . -36.04 3.10 30.04
O1A NAI J . -36.08 4.47 29.43
O2A NAI J . -37.32 2.41 30.53
O5B NAI J . -34.95 3.08 31.24
C5B NAI J . -33.63 3.55 31.05
C4B NAI J . -33.00 3.83 32.41
O4B NAI J . -31.71 4.37 32.14
C3B NAI J . -33.76 4.83 33.29
O3B NAI J . -33.85 4.36 34.64
C2B NAI J . -32.96 6.11 33.18
O2B NAI J . -33.00 6.93 34.36
C1B NAI J . -31.56 5.56 32.94
N9A NAI J . -30.65 6.57 32.37
C8A NAI J . -30.90 7.43 31.35
N7A NAI J . -29.82 8.23 31.16
C5A NAI J . -28.88 7.89 32.06
C6A NAI J . -27.52 8.33 32.39
N6A NAI J . -26.99 9.34 31.67
N1A NAI J . -26.85 7.71 33.40
C2A NAI J . -27.43 6.72 34.11
N3A NAI J . -28.67 6.27 33.85
C4A NAI J . -29.43 6.81 32.86
O3 NAI J . -35.29 2.20 28.92
PN NAI J . -35.58 0.65 28.55
O1N NAI J . -36.79 0.58 27.66
O2N NAI J . -35.53 -0.25 29.79
O5D NAI J . -34.18 0.48 27.75
C5D NAI J . -32.95 0.04 28.33
C4D NAI J . -31.86 -0.05 27.26
O4D NAI J . -32.24 -0.91 26.19
C3D NAI J . -31.62 1.31 26.61
O3D NAI J . -30.24 1.42 26.23
C2D NAI J . -32.49 1.31 25.38
O2D NAI J . -32.04 2.28 24.44
C1D NAI J . -32.33 -0.16 24.97
N1N NAI J . -33.39 -0.70 24.11
C2N NAI J . -34.63 -0.77 24.54
C3N NAI J . -35.64 -1.27 23.73
C7N NAI J . -37.05 -1.33 24.21
O7N NAI J . -37.79 -2.02 23.52
N7N NAI J . -37.51 -0.66 25.27
C4N NAI J . -35.37 -1.77 22.33
C5N NAI J . -33.97 -1.64 21.97
C6N NAI J . -33.05 -1.13 22.87
C1 GOL K . -2.11 17.82 -5.43
O1 GOL K . -2.71 18.96 -4.83
C2 GOL K . -1.32 16.99 -4.41
O2 GOL K . -0.64 17.88 -3.52
C3 GOL K . -2.19 16.01 -3.59
O3 GOL K . -3.13 16.63 -2.69
C1 GOL L . -39.50 3.00 -12.10
O1 GOL L . -38.48 2.29 -12.84
C2 GOL L . -39.23 4.52 -12.10
O2 GOL L . -38.49 4.90 -13.27
C3 GOL L . -38.42 4.98 -10.88
O3 GOL L . -39.28 5.50 -9.85
PA NAI M . -5.74 11.84 5.67
O1A NAI M . -5.62 12.17 7.15
O2A NAI M . -4.55 11.62 4.77
O5B NAI M . -6.72 12.97 5.08
C5B NAI M . -7.79 13.50 5.85
C4B NAI M . -8.29 14.81 5.23
O4B NAI M . -9.54 15.11 5.86
C3B NAI M . -7.35 16.01 5.48
O3B NAI M . -7.28 16.93 4.37
C2B NAI M . -7.98 16.69 6.66
O2B NAI M . -7.63 18.09 6.69
C1B NAI M . -9.49 16.42 6.44
N9A NAI M . -10.21 16.66 7.72
C8A NAI M . -9.95 16.15 8.96
N7A NAI M . -10.81 16.67 9.90
C5A NAI M . -11.61 17.54 9.25
C6A NAI M . -12.70 18.43 9.63
N6A NAI M . -13.11 18.47 10.93
N1A NAI M . -13.28 19.17 8.66
C2A NAI M . -12.86 19.11 7.37
N3A NAI M . -11.86 18.32 6.96
C4A NAI M . -11.21 17.53 7.84
O3 NAI M . -6.59 10.47 5.72
PN NAI M . -6.98 9.50 4.52
O1N NAI M . -6.19 8.21 4.60
O2N NAI M . -7.17 10.34 3.24
O5D NAI M . -8.43 9.10 5.12
C5D NAI M . -9.67 9.60 4.57
C4D NAI M . -10.83 8.88 5.22
O4D NAI M . -10.69 7.48 5.05
C3D NAI M . -10.82 9.09 6.71
O3D NAI M . -12.15 9.32 7.09
C2D NAI M . -10.26 7.85 7.33
O2D NAI M . -10.87 7.62 8.59
C1D NAI M . -10.72 6.83 6.31
N1N NAI M . -9.97 5.56 6.21
C2N NAI M . -8.70 5.51 5.76
C3N NAI M . -8.01 4.31 5.66
C7N NAI M . -6.61 4.19 5.10
O7N NAI M . -6.11 3.05 4.96
N7N NAI M . -5.97 5.26 4.66
C4N NAI M . -8.68 3.00 6.01
C5N NAI M . -10.04 3.18 6.45
C6N NAI M . -10.62 4.43 6.53
C1 GOL N . -35.01 -12.04 -24.24
O1 GOL N . -34.76 -13.30 -23.62
C2 GOL N . -34.44 -12.09 -25.65
O2 GOL N . -34.92 -13.25 -26.32
C3 GOL N . -34.90 -10.89 -26.46
O3 GOL N . -34.65 -11.14 -27.84
C1 GOL O . -29.38 -9.66 2.73
O1 GOL O . -29.15 -9.72 1.31
C2 GOL O . -30.51 -8.69 3.06
O2 GOL O . -30.85 -8.72 4.44
C3 GOL O . -31.77 -9.12 2.35
O3 GOL O . -32.37 -8.06 1.61
C1 GOL P . -42.97 -36.54 3.28
O1 GOL P . -42.15 -37.47 3.98
C2 GOL P . -42.35 -35.16 3.42
O2 GOL P . -41.39 -35.18 4.48
C3 GOL P . -41.63 -34.74 2.14
O3 GOL P . -42.52 -34.09 1.23
PA NAI Q . -35.13 -16.87 -14.94
O1A NAI Q . -35.71 -18.22 -14.62
O2A NAI Q . -35.91 -15.81 -15.64
O5B NAI Q . -33.79 -17.17 -15.78
C5B NAI Q . -32.93 -18.26 -15.44
C4B NAI Q . -32.12 -18.73 -16.66
O4B NAI Q . -31.19 -19.71 -16.17
C3B NAI Q . -32.97 -19.41 -17.74
O3B NAI Q . -32.60 -18.99 -19.05
C2B NAI Q . -32.72 -20.88 -17.52
O2B NAI Q . -32.87 -21.58 -18.74
C1B NAI Q . -31.29 -20.89 -16.94
N9A NAI Q . -31.00 -22.15 -16.21
C8A NAI Q . -31.74 -22.78 -15.28
N7A NAI Q . -31.17 -23.94 -14.90
C5A NAI Q . -30.03 -24.06 -15.60
C6A NAI Q . -28.95 -25.05 -15.71
N6A NAI Q . -28.99 -26.15 -14.94
N1A NAI Q . -27.94 -24.83 -16.57
C2A NAI Q . -27.90 -23.73 -17.32
N3A NAI Q . -28.86 -22.80 -17.27
C4A NAI Q . -29.94 -22.90 -16.46
O3 NAI Q . -34.55 -16.27 -13.57
PN NAI Q . -34.21 -14.74 -13.24
O1N NAI Q . -35.28 -14.13 -12.36
O2N NAI Q . -33.78 -13.89 -14.39
O5D NAI Q . -33.00 -15.09 -12.23
C5D NAI Q . -31.60 -15.04 -12.49
C4D NAI Q . -30.80 -15.30 -11.21
O4D NAI Q . -31.02 -14.33 -10.19
C3D NAI Q . -31.20 -16.63 -10.59
O3D NAI Q . -30.01 -17.26 -10.07
C2D NAI Q . -32.20 -16.25 -9.54
O2D NAI Q . -32.28 -17.24 -8.54
C1D NAI Q . -31.60 -14.95 -9.03
N1N NAI Q . -32.51 -14.02 -8.33
C2N NAI Q . -33.61 -13.54 -8.96
C3N NAI Q . -34.49 -12.64 -8.37
C7N NAI Q . -35.72 -12.13 -9.10
O7N NAI Q . -36.25 -11.08 -8.74
N7N NAI Q . -36.27 -12.83 -10.10
C4N NAI Q . -34.24 -12.16 -6.95
C5N NAI Q . -33.03 -12.74 -6.35
C6N NAI Q . -32.22 -13.63 -7.08
C1 GOL R . -16.86 -41.99 25.85
O1 GOL R . -15.99 -42.43 26.89
C2 GOL R . -16.06 -41.24 24.81
O2 GOL R . -15.02 -42.09 24.30
C3 GOL R . -16.99 -40.81 23.68
O3 GOL R . -16.37 -39.87 22.78
C1 GOL S . -15.73 -15.17 12.73
O1 GOL S . -15.01 -16.40 12.58
C2 GOL S . -16.33 -14.71 11.40
O2 GOL S . -15.32 -14.83 10.36
C3 GOL S . -17.64 -15.43 11.03
O3 GOL S . -18.22 -16.42 11.90
C1 GOL T . -22.69 -39.56 1.32
O1 GOL T . -21.86 -39.00 0.30
C2 GOL T . -21.94 -40.66 2.05
O2 GOL T . -21.51 -40.20 3.33
C3 GOL T . -22.85 -41.88 2.17
O3 GOL T . -22.23 -42.91 2.97
PA NAI U . -15.29 -34.89 14.54
O1A NAI U . -14.95 -35.34 13.13
O2A NAI U . -14.31 -34.97 15.68
O5B NAI U . -16.57 -35.76 14.84
C5B NAI U . -17.73 -35.62 14.03
C4B NAI U . -18.72 -36.70 14.42
O4B NAI U . -19.78 -36.58 13.51
C3B NAI U . -18.21 -38.13 14.30
O3B NAI U . -18.69 -39.01 15.35
C2B NAI U . -18.83 -38.66 13.03
O2B NAI U . -19.02 -40.10 13.08
C1B NAI U . -20.14 -37.86 12.98
N9A NAI U . -20.70 -37.92 11.60
C8A NAI U . -20.06 -37.55 10.46
N7A NAI U . -20.86 -37.74 9.37
C5A NAI U . -21.99 -38.26 9.83
C6A NAI U . -23.20 -38.72 9.21
N6A NAI U . -23.29 -38.63 7.88
N1A NAI U . -24.20 -39.21 9.98
C2A NAI U . -24.07 -39.27 11.32
N3A NAI U . -22.96 -38.88 11.95
C4A NAI U . -21.90 -38.39 11.28
O3 NAI U . -15.81 -33.38 14.42
PN NAI U . -15.71 -32.18 15.47
O1N NAI U . -14.44 -31.38 15.34
O2N NAI U . -16.24 -32.72 16.77
O5D NAI U . -16.86 -31.22 14.80
C5D NAI U . -18.27 -31.41 14.99
C4D NAI U . -19.02 -30.41 14.12
O4D NAI U . -18.55 -29.09 14.34
C3D NAI U . -18.77 -30.70 12.66
O3D NAI U . -20.00 -30.44 12.03
C2D NAI U . -17.71 -29.71 12.23
O2D NAI U . -17.72 -29.38 10.83
C1D NAI U . -18.08 -28.55 13.12
N1N NAI U . -16.98 -27.64 13.43
C2N NAI U . -15.89 -28.05 14.10
C3N NAI U . -14.84 -27.17 14.41
C7N NAI U . -13.63 -27.56 15.21
O7N NAI U . -12.79 -26.70 15.49
N7N NAI U . -13.50 -28.81 15.64
C4N NAI U . -14.90 -25.72 14.02
C5N NAI U . -16.14 -25.40 13.31
C6N NAI U . -17.11 -26.36 13.07
C1 GOL V . 30.00 39.54 10.52
O1 GOL V . 29.42 38.27 10.83
C2 GOL V . 28.96 40.61 10.74
O2 GOL V . 28.55 40.48 12.08
C3 GOL V . 29.53 42.00 10.64
O3 GOL V . 30.58 42.11 9.65
C1 GOL W . 44.48 27.78 -10.94
O1 GOL W . 45.22 26.59 -11.24
C2 GOL W . 43.03 27.37 -10.89
O2 GOL W . 42.64 26.97 -12.21
C3 GOL W . 42.16 28.55 -10.40
O3 GOL W . 40.81 28.14 -10.17
PA NAI X . 32.56 31.56 -6.26
O1A NAI X . 31.14 31.78 -6.81
O2A NAI X . 33.84 31.94 -6.94
O5B NAI X . 32.81 30.00 -6.02
C5B NAI X . 31.70 29.13 -5.92
C4B NAI X . 32.22 27.76 -6.25
O4B NAI X . 31.20 26.87 -5.83
C3B NAI X . 32.43 27.61 -7.76
O3B NAI X . 33.55 26.77 -8.00
C2B NAI X . 31.14 26.97 -8.19
O2B NAI X . 31.36 26.04 -9.24
C1B NAI X . 30.71 26.19 -6.96
N9A NAI X . 29.26 25.96 -6.86
C8A NAI X . 28.21 26.81 -7.00
N7A NAI X . 27.03 26.14 -6.83
C5A NAI X . 27.35 24.86 -6.56
C6A NAI X . 26.64 23.58 -6.28
N6A NAI X . 25.28 23.56 -6.22
N1A NAI X . 27.37 22.46 -6.06
C2A NAI X . 28.73 22.46 -6.10
N3A NAI X . 29.43 23.58 -6.35
C4A NAI X . 28.81 24.76 -6.59
O3 NAI X . 32.53 32.22 -4.78
PN NAI X . 33.79 32.61 -3.85
O1N NAI X . 33.91 34.11 -3.90
O2N NAI X . 34.96 31.65 -4.05
O5D NAI X . 33.11 32.25 -2.45
C5D NAI X . 32.96 30.93 -1.94
C4D NAI X . 32.06 31.01 -0.70
O4D NAI X . 32.40 32.13 0.14
C3D NAI X . 30.60 31.21 -1.08
O3D NAI X . 29.79 30.42 -0.23
C2D NAI X . 30.34 32.70 -0.87
O2D NAI X . 28.96 32.97 -0.63
C1D NAI X . 31.22 32.92 0.35
N1N NAI X . 31.58 34.31 0.63
C2N NAI X . 32.39 34.98 -0.21
C3N NAI X . 32.78 36.30 0.06
C7N NAI X . 33.68 37.08 -0.88
O7N NAI X . 33.88 38.30 -0.68
N7N NAI X . 34.31 36.47 -1.90
C4N NAI X . 32.31 36.98 1.32
C5N NAI X . 31.46 36.13 2.15
C6N NAI X . 31.13 34.84 1.78
C1 GOL Y . 18.04 32.35 23.87
O1 GOL Y . 17.99 30.98 24.27
C2 GOL Y . 19.34 32.69 23.14
O2 GOL Y . 20.29 31.62 23.25
C3 GOL Y . 19.14 32.96 21.65
O3 GOL Y . 18.02 33.79 21.30
C1 GOL Z . 24.01 37.37 19.35
O1 GOL Z . 24.19 36.03 19.86
C2 GOL Z . 24.41 37.46 17.87
O2 GOL Z . 25.69 36.82 17.68
C3 GOL Z . 24.46 38.93 17.40
O3 GOL Z . 23.16 39.54 17.24
PA NAI AA . 1.41 25.75 17.37
O1A NAI AA . 2.10 24.62 16.64
O2A NAI AA . 0.64 25.65 18.67
O5B NAI AA . 0.43 26.57 16.41
C5B NAI AA . 0.90 26.85 15.09
C4B NAI AA . -0.17 27.58 14.31
O4B NAI AA . 0.47 27.98 13.09
C3B NAI AA . -1.32 26.64 13.98
O3B NAI AA . -2.58 27.32 13.97
C2B NAI AA . -0.92 26.16 12.60
O2B NAI AA . -2.03 25.74 11.82
C1B NAI AA . -0.22 27.38 12.00
N9A NAI AA . 0.59 26.94 10.83
C8A NAI AA . 1.51 25.96 10.74
N7A NAI AA . 1.97 25.87 9.46
C5A NAI AA . 1.34 26.82 8.71
C6A NAI AA . 1.35 27.28 7.31
N6A NAI AA . 2.16 26.68 6.41
N1A NAI AA . 0.54 28.31 6.94
C2A NAI AA . -0.28 28.90 7.84
N3A NAI AA . -0.33 28.53 9.14
C4A NAI AA . 0.43 27.51 9.62
O3 NAI AA . 2.67 26.74 17.50
PN NAI AA . 3.00 27.78 18.66
O1N NAI AA . 3.71 27.00 19.74
O2N NAI AA . 1.84 28.75 18.85
O5D NAI AA . 4.22 28.54 17.96
C5D NAI AA . 4.08 29.65 17.08
C4D NAI AA . 5.48 30.01 16.59
O4D NAI AA . 6.36 30.08 17.72
C3D NAI AA . 6.05 28.93 15.70
O3D NAI AA . 6.65 29.59 14.58
C2D NAI AA . 7.07 28.23 16.56
O2D NAI AA . 8.13 27.68 15.81
C1D NAI AA . 7.54 29.36 17.43
N1N NAI AA . 8.17 29.01 18.71
C2N NAI AA . 7.45 28.45 19.70
C3N NAI AA . 8.04 28.12 20.94
C7N NAI AA . 7.27 27.48 22.06
O7N NAI AA . 7.90 26.95 22.96
N7N NAI AA . 5.92 27.51 22.12
C4N NAI AA . 9.50 28.42 21.19
C5N NAI AA . 10.16 29.04 20.06
C6N NAI AA . 9.47 29.31 18.88
C1 GOL BA . 19.89 -10.68 -36.73
O1 GOL BA . 18.96 -11.74 -36.43
C2 GOL BA . 19.83 -10.34 -38.22
O2 GOL BA . 21.05 -10.66 -38.89
C3 GOL BA . 19.72 -8.84 -38.35
O3 GOL BA . 19.87 -8.47 -39.71
C1 GOL CA . 10.31 11.75 -24.65
O1 GOL CA . 11.75 11.60 -24.87
C2 GOL CA . 10.04 12.92 -23.70
O2 GOL CA . 10.71 14.09 -24.15
C3 GOL CA . 8.55 13.22 -23.54
O3 GOL CA . 7.92 13.61 -24.76
C1 GOL DA . 5.34 3.46 -46.43
O1 GOL DA . 6.30 3.05 -47.43
C2 GOL DA . 6.01 4.02 -45.16
O2 GOL DA . 6.85 5.16 -45.46
C3 GOL DA . 4.93 4.36 -44.11
O3 GOL DA . 5.52 4.82 -42.88
C1 GOL EA . 30.16 2.66 -17.54
O1 GOL EA . 30.71 1.61 -16.75
C2 GOL EA . 29.21 3.55 -16.75
O2 GOL EA . 28.51 4.43 -17.65
C3 GOL EA . 28.19 2.72 -15.96
O3 GOL EA . 28.41 2.79 -14.54
PA NAI FA . 19.21 6.02 -27.08
O1A NAI FA . 20.68 6.26 -26.86
O2A NAI FA . 18.30 6.93 -27.83
O5B NAI FA . 18.52 5.84 -25.65
C5B NAI FA . 19.18 5.05 -24.70
C4B NAI FA . 18.41 5.28 -23.44
O4B NAI FA . 18.94 4.37 -22.47
C3B NAI FA . 18.60 6.69 -22.90
O3B NAI FA . 17.46 7.10 -22.16
C2B NAI FA . 19.82 6.49 -22.02
O2B NAI FA . 19.93 7.42 -20.94
C1B NAI FA . 19.56 5.10 -21.45
N9A NAI FA . 20.81 4.56 -20.88
C8A NAI FA . 22.06 4.49 -21.40
N7A NAI FA . 22.92 3.95 -20.47
C5A NAI FA . 22.19 3.67 -19.36
C6A NAI FA . 22.44 3.10 -18.02
N6A NAI FA . 23.69 2.70 -17.69
N1A NAI FA . 21.42 3.01 -17.14
C2A NAI FA . 20.17 3.42 -17.46
N3A NAI FA . 19.87 3.93 -18.67
C4A NAI FA . 20.82 4.08 -19.64
O3 NAI FA . 19.14 4.59 -27.77
PN NAI FA . 17.95 4.10 -28.74
O1N NAI FA . 18.38 4.41 -30.17
O2N NAI FA . 16.65 4.54 -28.10
O5D NAI FA . 18.09 2.52 -28.55
C5D NAI FA . 17.50 1.80 -27.45
C4D NAI FA . 18.04 0.37 -27.46
O4D NAI FA . 17.90 -0.16 -28.78
C3D NAI FA . 19.53 0.36 -27.12
O3D NAI FA . 19.81 -0.73 -26.23
C2D NAI FA . 20.21 0.26 -28.48
O2D NAI FA . 21.53 -0.31 -28.38
C1D NAI FA . 19.17 -0.61 -29.21
N1N NAI FA . 19.18 -0.62 -30.68
C2N NAI FA . 18.87 0.50 -31.35
C3N NAI FA . 18.85 0.53 -32.76
C7N NAI FA . 18.48 1.77 -33.55
O7N NAI FA . 18.52 1.74 -34.78
N7N NAI FA . 18.08 2.88 -32.93
C4N NAI FA . 19.17 -0.74 -33.53
C5N NAI FA . 19.46 -1.88 -32.66
C6N NAI FA . 19.45 -1.77 -31.29
C1 GOL GA . 49.33 -31.83 -20.55
O1 GOL GA . 49.51 -30.47 -20.24
C2 GOL GA . 50.62 -32.60 -20.24
O2 GOL GA . 50.92 -32.48 -18.86
C3 GOL GA . 51.84 -32.11 -21.02
O3 GOL GA . 52.74 -33.20 -21.35
C1 GOL HA . 25.10 -26.55 -29.87
O1 GOL HA . 24.59 -27.86 -29.83
C2 GOL HA . 24.50 -25.76 -30.98
O2 GOL HA . 23.10 -25.69 -30.68
C3 GOL HA . 25.18 -24.39 -30.96
O3 GOL HA . 25.80 -24.06 -32.20
C1 MLT IA . 21.25 -18.62 -35.28
O1 MLT IA . 20.94 -19.41 -34.37
O2 MLT IA . 20.73 -17.50 -35.34
C2 MLT IA . 22.25 -19.01 -36.35
O3 MLT IA . 22.67 -20.36 -36.09
C3 MLT IA . 23.47 -18.07 -36.40
C4 MLT IA . 24.53 -18.38 -37.46
O4 MLT IA . 25.52 -19.18 -37.24
O5 MLT IA . 24.39 -17.78 -38.55
PA NAI JA . 40.46 -26.54 -19.06
O1A NAI JA . 39.75 -25.89 -17.90
O2A NAI JA . 40.94 -27.96 -19.06
O5B NAI JA . 41.71 -25.69 -19.53
C5B NAI JA . 41.60 -24.30 -19.54
C4B NAI JA . 42.99 -23.77 -19.77
O4B NAI JA . 42.92 -22.36 -20.05
C3B NAI JA . 43.86 -23.99 -18.53
O3B NAI JA . 45.20 -24.33 -18.92
C2B NAI JA . 43.76 -22.63 -17.84
O2B NAI JA . 44.86 -22.33 -16.98
C1B NAI JA . 43.67 -21.68 -19.04
N9A NAI JA . 43.10 -20.40 -18.60
C8A NAI JA . 42.00 -20.19 -17.85
N7A NAI JA . 41.85 -18.86 -17.63
C5A NAI JA . 42.87 -18.25 -18.25
C6A NAI JA . 43.30 -16.86 -18.40
N6A NAI JA . 42.55 -15.89 -17.82
N1A NAI JA . 44.41 -16.64 -19.11
C2A NAI JA . 45.13 -17.62 -19.68
N3A NAI JA . 44.78 -18.92 -19.58
C4A NAI JA . 43.70 -19.26 -18.88
O3 NAI JA . 39.53 -26.24 -20.35
PN NAI JA . 39.01 -27.17 -21.53
O1N NAI JA . 37.85 -27.99 -21.04
O2N NAI JA . 40.19 -27.81 -22.26
O5D NAI JA . 38.29 -26.12 -22.50
C5D NAI JA . 38.95 -25.23 -23.39
C4D NAI JA . 37.93 -24.24 -23.95
O4D NAI JA . 36.81 -24.94 -24.49
C3D NAI JA . 37.34 -23.31 -22.89
O3D NAI JA . 37.20 -22.01 -23.47
C2D NAI JA . 35.98 -23.91 -22.57
O2D NAI JA . 35.09 -22.90 -22.11
C1D NAI JA . 35.61 -24.42 -23.94
N1N NAI JA . 34.68 -25.51 -24.05
C2N NAI JA . 34.96 -26.67 -23.45
C3N NAI JA . 34.08 -27.75 -23.53
C7N NAI JA . 34.35 -29.10 -22.91
O7N NAI JA . 33.50 -29.96 -23.02
N7N NAI JA . 35.50 -29.40 -22.31
C4N NAI JA . 32.82 -27.62 -24.34
C5N NAI JA . 32.65 -26.30 -24.95
C6N NAI JA . 33.58 -25.32 -24.79
#